data_8PYR
#
_entry.id   8PYR
#
_cell.length_a   119.860
_cell.length_b   77.866
_cell.length_c   121.872
_cell.angle_alpha   90.00
_cell.angle_beta   119.31
_cell.angle_gamma   90.00
#
_symmetry.space_group_name_H-M   'P 1 21 1'
#
loop_
_entity.id
_entity.type
_entity.pdbx_description
1 polymer 'Cyclin-dependent kinase 7'
2 polymer Cyclin-H
3 polymer 'CDK-activating kinase assembly factor MAT1'
4 polymer 'Nanobody (VHH-RD7-04)'
5 non-polymer 1,2-ETHANEDIOL
6 water water
#
loop_
_entity_poly.entity_id
_entity_poly.type
_entity_poly.pdbx_seq_one_letter_code
_entity_poly.pdbx_strand_id
1 'polypeptide(L)'
;MALDVKSRAKRYEKLDFLGEGQFATVYKARDKNTNQIVAIKKIKLGHRSEAKDGINRTALREIKLLQELSHPNIIGLLDA
FGHKSNISLVFDFMETDLEVIIKDNSLVLTPSHIKAYMLMTLQGLEYLHQHWILHRDLKPNNLLLDENGVLKLADFGLAK
SFG(SEP)PNRAY(TPO)HQVVTRWYRAPELLFGARMYGVGVDMWAVGCILAELLLRVPFLPGDSDLDQLTRIFETLGTP
TEEQWPDMCSLPDYVTFKSFPGIPLHHIFSAAGDDLLDLIQGLFLFNPCARITATQALKMKYFSNRPGPTPGCQLPRPNC
PVETLKEQSNPALAIKRKRTEALEQGGLPKKLIF
;
A,E
2 'polypeptide(L)'
;MYHNSSQKRHWTFSSEEQLARLRADANRKFRCKAVANGKVLPNDPVFLEPHEEMTLCKYYEKRLLEFCSVFKPAMPRSVV
GTACMYFKRFYLNNSVMEYHPRIIMLTCAFLACKVDEFNVSSPQFVGNLRESPLGQEKALEQILEYELLLIQQLNFHLIV
HNPYRPFEGFLIDLKTRYPILENPEILRKTADDFLNRIALTDAYLLYTPSQIALTAILSSASRAGITMESYLSESLMLKE
NRTCLSQLLDIMKSMRNLVKKYEPPRSEEVAVLKQKLERCHSAELALNVITKKRKGYEDDDYVSKKSKHEEEEWTDDDLV
ESL
;
B,F
3 'polypeptide(L)'
;GSGQHISLAPIHKLEEALYEYQPLQIETYGPHVPELEMLGRLGYLNHVRAASPQDLAGGYTSSLACHRALQDAFSGLFWQ
PS
;
C,G
4 'polypeptide(L)'
;QVQLVESGGGLVQPGGSLRLSCVASGFTFKNFYMGWVRQAPDKGLEWVATINSGGEIQSYADSVKGRFTISRDNAKNTLY
LQMNNLRPEDTAVYYCSKQSSTPAKGQGTQVTVSS
;
D,H
#
# COMPACT_ATOMS: atom_id res chain seq x y z
N GLY A 46 20.21 -11.63 -12.60
CA GLY A 46 19.25 -10.56 -12.31
C GLY A 46 18.22 -10.34 -13.41
N HIS A 47 16.95 -10.47 -13.06
CA HIS A 47 15.84 -10.27 -13.99
C HIS A 47 14.54 -10.22 -13.20
N ARG A 48 13.45 -9.91 -13.90
CA ARG A 48 12.09 -9.84 -13.40
C ARG A 48 11.22 -9.04 -14.38
N SER A 49 10.25 -8.31 -13.84
CA SER A 49 9.47 -7.32 -14.58
C SER A 49 8.28 -6.84 -13.72
N GLU A 50 7.09 -6.89 -14.31
CA GLU A 50 5.86 -6.58 -13.60
C GLU A 50 4.68 -6.75 -14.56
N ALA A 51 3.49 -6.87 -13.96
CA ALA A 51 2.20 -6.96 -14.63
C ALA A 51 1.96 -8.34 -15.25
N LYS A 52 3.02 -9.04 -15.66
CA LYS A 52 2.87 -10.40 -16.19
C LYS A 52 3.69 -11.41 -15.40
N ASP A 53 4.28 -10.98 -14.29
CA ASP A 53 4.99 -11.82 -13.33
C ASP A 53 4.10 -12.27 -12.18
N GLY A 54 2.87 -11.77 -12.07
CA GLY A 54 1.97 -12.22 -11.03
C GLY A 54 2.19 -11.46 -9.74
N ILE A 55 2.41 -12.18 -8.65
CA ILE A 55 2.45 -11.58 -7.31
C ILE A 55 3.77 -10.88 -7.07
N ASN A 56 3.69 -9.69 -6.46
CA ASN A 56 4.84 -8.84 -6.18
C ASN A 56 5.91 -9.60 -5.38
N ARG A 57 7.14 -9.59 -5.89
CA ARG A 57 8.23 -10.29 -5.23
C ARG A 57 8.60 -9.66 -3.89
N THR A 58 8.44 -8.34 -3.77
CA THR A 58 8.73 -7.67 -2.51
C THR A 58 7.79 -8.14 -1.40
N ALA A 59 6.50 -8.28 -1.71
CA ALA A 59 5.56 -8.80 -0.72
C ALA A 59 5.83 -10.26 -0.39
N LEU A 60 6.30 -11.05 -1.36
CA LEU A 60 6.67 -12.43 -1.07
C LEU A 60 7.87 -12.49 -0.12
N ARG A 61 8.79 -11.54 -0.22
CA ARG A 61 9.91 -11.47 0.70
C ARG A 61 9.42 -11.28 2.13
N GLU A 62 8.49 -10.35 2.34
CA GLU A 62 7.96 -10.13 3.68
C GLU A 62 7.21 -11.34 4.20
N ILE A 63 6.43 -12.00 3.32
CA ILE A 63 5.71 -13.20 3.74
C ILE A 63 6.68 -14.32 4.10
N LYS A 64 7.55 -14.68 3.16
CA LYS A 64 8.38 -15.87 3.35
C LYS A 64 9.32 -15.73 4.54
N LEU A 65 9.76 -14.51 4.85
CA LEU A 65 10.70 -14.31 5.94
C LEU A 65 10.01 -14.16 7.29
N LEU A 66 9.05 -13.23 7.39
CA LEU A 66 8.38 -12.99 8.66
C LEU A 66 7.55 -14.19 9.11
N GLN A 67 7.22 -15.11 8.19
CA GLN A 67 6.52 -16.33 8.56
C GLN A 67 7.41 -17.31 9.31
N GLU A 68 8.73 -17.08 9.32
CA GLU A 68 9.68 -17.96 9.98
C GLU A 68 10.31 -17.34 11.22
N LEU A 69 9.96 -16.11 11.57
CA LEU A 69 10.61 -15.35 12.63
C LEU A 69 9.61 -14.97 13.71
N SER A 70 10.09 -14.97 14.96
CA SER A 70 9.28 -14.57 16.09
C SER A 70 10.21 -13.98 17.14
N HIS A 71 10.13 -12.67 17.35
CA HIS A 71 11.00 -11.98 18.29
C HIS A 71 10.33 -10.70 18.74
N PRO A 72 10.46 -10.31 20.01
CA PRO A 72 9.77 -9.09 20.48
C PRO A 72 10.14 -7.84 19.72
N ASN A 73 11.37 -7.77 19.19
CA ASN A 73 11.85 -6.59 18.49
C ASN A 73 11.83 -6.76 16.98
N ILE A 74 10.99 -7.64 16.46
CA ILE A 74 10.77 -7.81 15.03
C ILE A 74 9.27 -7.80 14.76
N ILE A 75 8.85 -7.01 13.78
CA ILE A 75 7.42 -6.86 13.50
C ILE A 75 6.80 -8.22 13.22
N GLY A 76 5.58 -8.40 13.71
CA GLY A 76 4.86 -9.66 13.53
C GLY A 76 3.86 -9.54 12.39
N LEU A 77 3.76 -10.60 11.61
CA LEU A 77 2.80 -10.69 10.51
C LEU A 77 1.50 -11.27 11.07
N LEU A 78 0.45 -10.44 11.12
CA LEU A 78 -0.82 -10.88 11.68
C LEU A 78 -1.75 -11.50 10.64
N ASP A 79 -1.69 -11.07 9.39
CA ASP A 79 -2.58 -11.62 8.37
C ASP A 79 -1.99 -11.37 6.99
N ALA A 80 -2.33 -12.27 6.07
CA ALA A 80 -1.95 -12.13 4.66
C ALA A 80 -3.07 -12.71 3.81
N PHE A 81 -3.44 -11.99 2.76
CA PHE A 81 -4.52 -12.41 1.88
C PHE A 81 -4.31 -11.75 0.52
N GLY A 82 -4.97 -12.32 -0.50
CA GLY A 82 -4.78 -11.83 -1.85
C GLY A 82 -5.99 -12.04 -2.74
N HIS A 83 -5.86 -11.54 -3.97
CA HIS A 83 -6.88 -11.70 -5.00
C HIS A 83 -6.32 -11.35 -6.39
N LYS A 84 -6.23 -12.34 -7.28
CA LYS A 84 -5.76 -12.16 -8.66
C LYS A 84 -4.40 -11.45 -8.70
N SER A 85 -3.39 -12.14 -8.19
CA SER A 85 -2.00 -11.68 -8.17
C SER A 85 -1.80 -10.41 -7.35
N ASN A 86 -2.82 -9.91 -6.66
CA ASN A 86 -2.67 -8.84 -5.70
C ASN A 86 -2.55 -9.45 -4.30
N ILE A 87 -1.81 -8.78 -3.42
CA ILE A 87 -1.52 -9.31 -2.11
C ILE A 87 -1.54 -8.20 -1.07
N SER A 88 -1.95 -8.54 0.15
CA SER A 88 -2.06 -7.58 1.24
C SER A 88 -1.57 -8.22 2.54
N LEU A 89 -0.74 -7.48 3.28
CA LEU A 89 -0.17 -7.94 4.54
C LEU A 89 -0.65 -7.07 5.70
N VAL A 90 -0.85 -7.70 6.85
CA VAL A 90 -1.27 -7.01 8.08
C VAL A 90 -0.27 -7.35 9.18
N PHE A 91 0.20 -6.32 9.88
CA PHE A 91 1.22 -6.48 10.91
C PHE A 91 0.67 -5.99 12.26
N ASP A 92 1.49 -6.15 13.29
CA ASP A 92 1.20 -5.57 14.60
C ASP A 92 0.90 -4.08 14.47
N PHE A 93 -0.07 -3.61 15.23
CA PHE A 93 -0.40 -2.19 15.21
C PHE A 93 0.64 -1.44 16.03
N MET A 94 1.35 -0.52 15.38
CA MET A 94 2.37 0.30 16.00
C MET A 94 1.89 1.74 16.11
N GLU A 95 2.38 2.44 17.11
CA GLU A 95 1.94 3.80 17.38
C GLU A 95 2.78 4.83 16.61
N THR A 96 4.10 4.69 16.65
CA THR A 96 4.98 5.65 16.00
C THR A 96 6.23 4.92 15.51
N ASP A 97 7.08 5.66 14.81
CA ASP A 97 8.38 5.14 14.39
C ASP A 97 9.48 6.08 14.87
N LEU A 98 10.73 5.65 14.70
CA LEU A 98 11.85 6.40 15.24
C LEU A 98 12.09 7.71 14.51
N GLU A 99 11.61 7.84 13.27
CA GLU A 99 11.89 9.05 12.51
C GLU A 99 11.11 10.24 13.04
N VAL A 100 9.83 10.05 13.35
CA VAL A 100 9.04 11.15 13.91
C VAL A 100 9.57 11.53 15.30
N ILE A 101 10.08 10.55 16.05
CA ILE A 101 10.69 10.86 17.35
C ILE A 101 11.92 11.73 17.17
N ILE A 102 12.75 11.43 16.16
CA ILE A 102 13.94 12.22 15.89
C ILE A 102 13.55 13.63 15.42
N LYS A 103 12.49 13.73 14.62
CA LYS A 103 12.08 15.01 14.06
C LYS A 103 11.26 15.86 15.02
N ASP A 104 10.86 15.32 16.17
CA ASP A 104 10.04 16.06 17.12
C ASP A 104 10.93 17.01 17.91
N ASN A 105 10.85 18.30 17.59
CA ASN A 105 11.67 19.30 18.28
C ASN A 105 11.31 19.41 19.75
N SER A 106 10.06 19.09 20.11
CA SER A 106 9.65 19.15 21.50
C SER A 106 10.16 17.96 22.32
N LEU A 107 10.57 16.88 21.66
CA LEU A 107 11.01 15.68 22.36
C LEU A 107 12.50 15.77 22.68
N VAL A 108 12.83 15.54 23.95
CA VAL A 108 14.21 15.58 24.42
C VAL A 108 14.72 14.15 24.56
N LEU A 109 15.84 13.86 23.91
CA LEU A 109 16.42 12.52 23.89
C LEU A 109 17.56 12.47 24.91
N THR A 110 17.29 11.85 26.05
CA THR A 110 18.29 11.66 27.08
C THR A 110 19.24 10.53 26.70
N PRO A 111 20.44 10.51 27.28
CA PRO A 111 21.33 9.35 27.06
C PRO A 111 20.68 8.01 27.35
N SER A 112 19.77 7.95 28.33
CA SER A 112 19.09 6.69 28.62
C SER A 112 18.09 6.34 27.54
N HIS A 113 17.42 7.35 26.97
CA HIS A 113 16.50 7.10 25.85
C HIS A 113 17.26 6.50 24.67
N ILE A 114 18.38 7.12 24.29
CA ILE A 114 19.14 6.65 23.13
C ILE A 114 19.66 5.24 23.36
N LYS A 115 20.10 4.95 24.58
CA LYS A 115 20.60 3.61 24.88
C LYS A 115 19.49 2.56 24.75
N ALA A 116 18.25 2.93 25.09
CA ALA A 116 17.15 1.98 25.00
C ALA A 116 16.79 1.69 23.54
N TYR A 117 16.75 2.74 22.70
CA TYR A 117 16.48 2.53 21.28
C TYR A 117 17.56 1.65 20.64
N MET A 118 18.83 1.91 20.96
CA MET A 118 19.91 1.13 20.38
C MET A 118 19.91 -0.30 20.90
N LEU A 119 19.53 -0.49 22.16
CA LEU A 119 19.48 -1.84 22.73
C LEU A 119 18.42 -2.68 22.02
N MET A 120 17.22 -2.14 21.84
CA MET A 120 16.15 -2.89 21.21
C MET A 120 16.44 -3.13 19.73
N THR A 121 17.03 -2.14 19.06
CA THR A 121 17.37 -2.32 17.65
C THR A 121 18.39 -3.43 17.47
N LEU A 122 19.46 -3.41 18.28
CA LEU A 122 20.51 -4.42 18.14
C LEU A 122 20.05 -5.79 18.61
N GLN A 123 19.12 -5.85 19.57
CA GLN A 123 18.61 -7.15 20.00
C GLN A 123 17.77 -7.81 18.91
N GLY A 124 16.93 -7.04 18.22
CA GLY A 124 16.20 -7.58 17.10
C GLY A 124 17.10 -7.92 15.93
N LEU A 125 18.14 -7.11 15.72
CA LEU A 125 19.06 -7.36 14.62
C LEU A 125 19.95 -8.56 14.89
N GLU A 126 20.37 -8.75 16.16
CA GLU A 126 21.13 -9.95 16.50
C GLU A 126 20.34 -11.21 16.21
N TYR A 127 19.05 -11.21 16.55
CA TYR A 127 18.19 -12.35 16.22
C TYR A 127 18.12 -12.57 14.72
N LEU A 128 18.01 -11.49 13.95
CA LEU A 128 17.95 -11.58 12.51
C LEU A 128 19.21 -12.24 11.93
N HIS A 129 20.38 -11.78 12.36
CA HIS A 129 21.63 -12.28 11.78
C HIS A 129 21.94 -13.70 12.22
N GLN A 130 21.48 -14.10 13.41
CA GLN A 130 21.67 -15.48 13.85
C GLN A 130 20.86 -16.47 13.04
N HIS A 131 19.78 -16.00 12.38
CA HIS A 131 19.02 -16.80 11.43
C HIS A 131 19.45 -16.53 10.00
N TRP A 132 20.62 -15.92 9.81
CA TRP A 132 21.25 -15.75 8.50
C TRP A 132 20.37 -14.92 7.57
N ILE A 133 19.84 -13.82 8.09
CA ILE A 133 19.02 -12.88 7.32
C ILE A 133 19.59 -11.49 7.48
N LEU A 134 19.81 -10.80 6.36
CA LEU A 134 20.18 -9.39 6.34
C LEU A 134 18.93 -8.55 6.13
N HIS A 135 18.81 -7.46 6.87
CA HIS A 135 17.64 -6.59 6.71
C HIS A 135 17.77 -5.72 5.47
N ARG A 136 18.93 -5.08 5.30
CA ARG A 136 19.31 -4.35 4.09
C ARG A 136 18.44 -3.13 3.83
N ASP A 137 17.73 -2.63 4.85
CA ASP A 137 17.02 -1.36 4.71
C ASP A 137 16.79 -0.73 6.08
N LEU A 138 17.80 -0.75 6.94
CA LEU A 138 17.67 -0.15 8.26
C LEU A 138 17.67 1.36 8.15
N LYS A 139 16.69 1.99 8.78
CA LYS A 139 16.58 3.45 8.86
C LYS A 139 15.50 3.78 9.88
N PRO A 140 15.48 5.01 10.40
CA PRO A 140 14.47 5.36 11.41
C PRO A 140 13.04 5.15 10.94
N ASN A 141 12.77 5.29 9.64
CA ASN A 141 11.44 5.02 9.12
C ASN A 141 11.00 3.59 9.44
N ASN A 142 11.93 2.65 9.41
CA ASN A 142 11.62 1.23 9.53
C ASN A 142 11.83 0.69 10.94
N LEU A 143 11.97 1.56 11.93
CA LEU A 143 12.03 1.17 13.33
C LEU A 143 10.76 1.70 14.00
N LEU A 144 9.78 0.82 14.19
CA LEU A 144 8.49 1.20 14.74
C LEU A 144 8.44 0.94 16.24
N LEU A 145 7.62 1.72 16.93
CA LEU A 145 7.41 1.59 18.37
C LEU A 145 5.92 1.46 18.65
N ASP A 146 5.56 0.50 19.49
CA ASP A 146 4.17 0.33 19.88
C ASP A 146 3.85 1.29 21.04
N GLU A 147 2.67 1.13 21.64
CA GLU A 147 2.27 1.99 22.73
C GLU A 147 3.00 1.69 24.04
N ASN A 148 3.77 0.60 24.09
CA ASN A 148 4.49 0.21 25.29
C ASN A 148 5.99 0.45 25.18
N GLY A 149 6.43 1.23 24.20
CA GLY A 149 7.85 1.50 24.01
C GLY A 149 8.67 0.31 23.57
N VAL A 150 8.08 -0.61 22.81
CA VAL A 150 8.79 -1.76 22.27
C VAL A 150 9.14 -1.47 20.82
N LEU A 151 10.44 -1.41 20.53
CA LEU A 151 10.90 -1.14 19.17
C LEU A 151 10.93 -2.41 18.35
N LYS A 152 10.46 -2.33 17.11
CA LYS A 152 10.39 -3.48 16.22
C LYS A 152 10.92 -3.11 14.83
N LEU A 153 11.78 -3.96 14.28
CA LEU A 153 12.20 -3.83 12.89
C LEU A 153 11.01 -4.16 11.99
N ALA A 154 10.83 -3.38 10.91
CA ALA A 154 9.56 -3.38 10.20
C ALA A 154 9.66 -3.73 8.72
N ASP A 155 10.26 -2.90 7.88
CA ASP A 155 10.15 -3.09 6.43
C ASP A 155 11.13 -4.15 5.96
N PHE A 156 10.61 -5.36 5.71
CA PHE A 156 11.42 -6.48 5.24
C PHE A 156 11.34 -6.67 3.74
N GLY A 157 10.99 -5.62 2.99
CA GLY A 157 10.89 -5.74 1.54
C GLY A 157 12.22 -5.91 0.84
N LEU A 158 13.32 -5.59 1.52
CA LEU A 158 14.66 -5.78 0.98
C LEU A 158 15.45 -6.84 1.72
N ALA A 159 14.86 -7.48 2.72
CA ALA A 159 15.58 -8.48 3.50
C ALA A 159 15.83 -9.73 2.67
N LYS A 160 16.93 -10.43 3.00
CA LYS A 160 17.37 -11.56 2.20
C LYS A 160 18.31 -12.42 3.04
N SER A 161 18.24 -13.73 2.84
CA SER A 161 19.17 -14.62 3.52
C SER A 161 20.56 -14.52 2.91
N PHE A 162 21.58 -14.79 3.73
CA PHE A 162 22.96 -14.65 3.31
C PHE A 162 23.77 -15.79 3.88
N GLY A 163 25.03 -15.90 3.43
CA GLY A 163 25.92 -16.92 3.91
C GLY A 163 26.26 -17.96 2.85
N PRO A 165 27.69 -19.20 -0.70
CA PRO A 165 28.73 -18.81 -1.64
C PRO A 165 28.29 -18.81 -3.10
N ASN A 166 27.17 -19.47 -3.40
CA ASN A 166 26.70 -19.63 -4.76
C ASN A 166 25.68 -18.57 -5.16
N ARG A 167 25.39 -17.61 -4.29
CA ARG A 167 24.37 -16.61 -4.54
C ARG A 167 25.01 -15.24 -4.72
N ALA A 168 24.60 -14.52 -5.75
CA ALA A 168 25.02 -13.14 -5.94
C ALA A 168 23.99 -12.20 -5.32
N TYR A 169 24.47 -11.10 -4.77
CA TYR A 169 23.60 -10.18 -4.04
C TYR A 169 23.57 -8.80 -4.67
N HIS A 171 23.76 -4.95 -5.01
CA HIS A 171 24.53 -3.94 -4.29
C HIS A 171 23.73 -2.66 -4.11
N GLN A 172 22.67 -2.50 -4.90
CA GLN A 172 21.81 -1.32 -4.81
C GLN A 172 20.70 -1.56 -3.79
N VAL A 173 21.13 -1.83 -2.56
CA VAL A 173 20.23 -2.03 -1.42
C VAL A 173 20.62 -1.02 -0.34
N VAL A 174 19.73 -0.90 0.66
CA VAL A 174 19.85 0.06 1.76
C VAL A 174 19.67 1.47 1.22
N THR A 175 18.78 2.24 1.85
CA THR A 175 18.57 3.64 1.48
C THR A 175 19.90 4.39 1.48
N ARG A 176 20.08 5.22 0.45
CA ARG A 176 21.40 5.77 0.12
C ARG A 176 22.10 6.37 1.33
N TRP A 177 21.37 7.16 2.13
CA TRP A 177 21.99 7.85 3.26
C TRP A 177 22.59 6.88 4.29
N TYR A 178 22.13 5.63 4.30
CA TYR A 178 22.56 4.64 5.28
C TYR A 178 23.36 3.51 4.65
N ARG A 179 23.76 3.67 3.39
CA ARG A 179 24.38 2.58 2.65
C ARG A 179 25.87 2.50 2.95
N ALA A 180 26.35 1.28 3.21
CA ALA A 180 27.75 1.07 3.52
C ALA A 180 28.62 1.35 2.29
N PRO A 181 29.88 1.72 2.49
CA PRO A 181 30.74 2.04 1.33
C PRO A 181 30.99 0.84 0.43
N GLU A 182 31.04 -0.38 0.97
CA GLU A 182 31.23 -1.55 0.11
C GLU A 182 30.06 -1.73 -0.85
N LEU A 183 28.85 -1.35 -0.43
CA LEU A 183 27.71 -1.39 -1.33
C LEU A 183 27.80 -0.29 -2.38
N LEU A 184 28.22 0.91 -1.98
CA LEU A 184 28.42 1.98 -2.95
C LEU A 184 29.52 1.64 -3.93
N PHE A 185 30.46 0.80 -3.53
CA PHE A 185 31.51 0.30 -4.42
C PHE A 185 31.08 -0.94 -5.20
N GLY A 186 29.81 -1.32 -5.13
CA GLY A 186 29.28 -2.35 -5.99
C GLY A 186 29.53 -3.77 -5.54
N ALA A 187 29.65 -4.01 -4.24
CA ALA A 187 29.89 -5.35 -3.74
C ALA A 187 28.68 -6.23 -4.00
N ARG A 188 28.91 -7.39 -4.62
CA ARG A 188 27.85 -8.37 -4.87
C ARG A 188 27.93 -9.54 -3.90
N MET A 189 28.87 -9.52 -2.97
CA MET A 189 29.00 -10.52 -1.92
C MET A 189 29.40 -9.80 -0.65
N TYR A 190 28.55 -9.85 0.38
CA TYR A 190 28.78 -9.07 1.59
C TYR A 190 28.14 -9.79 2.78
N GLY A 191 28.22 -9.14 3.94
CA GLY A 191 27.71 -9.71 5.18
C GLY A 191 26.99 -8.71 6.07
N VAL A 192 27.06 -8.93 7.39
CA VAL A 192 26.28 -8.14 8.34
C VAL A 192 26.69 -6.67 8.36
N GLY A 193 27.84 -6.32 7.78
CA GLY A 193 28.26 -4.93 7.76
C GLY A 193 27.27 -4.00 7.09
N VAL A 194 26.50 -4.52 6.12
CA VAL A 194 25.53 -3.69 5.44
C VAL A 194 24.41 -3.25 6.38
N ASP A 195 24.17 -4.00 7.46
CA ASP A 195 23.24 -3.59 8.49
C ASP A 195 23.90 -2.75 9.58
N MET A 196 25.13 -3.12 9.97
CA MET A 196 25.81 -2.41 11.06
C MET A 196 26.15 -0.99 10.67
N TRP A 197 26.54 -0.77 9.42
CA TRP A 197 26.80 0.59 8.95
C TRP A 197 25.53 1.45 9.06
N ALA A 198 24.38 0.89 8.68
CA ALA A 198 23.13 1.61 8.82
C ALA A 198 22.80 1.88 10.28
N VAL A 199 23.13 0.93 11.16
CA VAL A 199 22.91 1.14 12.60
C VAL A 199 23.74 2.32 13.10
N GLY A 200 24.98 2.44 12.61
CA GLY A 200 25.78 3.59 12.96
C GLY A 200 25.18 4.90 12.48
N CYS A 201 24.60 4.89 11.28
CA CYS A 201 23.97 6.10 10.75
C CYS A 201 22.70 6.44 11.53
N ILE A 202 22.00 5.43 12.05
CA ILE A 202 20.83 5.69 12.85
C ILE A 202 21.22 6.26 14.21
N LEU A 203 22.25 5.69 14.84
CA LEU A 203 22.75 6.24 16.09
C LEU A 203 23.25 7.66 15.91
N ALA A 204 23.91 7.94 14.77
CA ALA A 204 24.37 9.29 14.49
C ALA A 204 23.19 10.25 14.31
N GLU A 205 22.11 9.76 13.71
CA GLU A 205 20.90 10.58 13.58
C GLU A 205 20.18 10.73 14.92
N LEU A 206 20.36 9.75 15.82
CA LEU A 206 19.84 9.89 17.18
C LEU A 206 20.55 11.01 17.93
N LEU A 207 21.87 11.10 17.77
CA LEU A 207 22.66 12.09 18.50
C LEU A 207 22.56 13.48 17.89
N LEU A 208 22.50 13.57 16.56
CA LEU A 208 22.49 14.86 15.87
C LEU A 208 21.08 15.36 15.57
N ARG A 209 20.06 14.52 15.71
CA ARG A 209 18.68 14.86 15.35
C ARG A 209 18.57 15.29 13.88
N VAL A 210 19.49 14.81 13.05
CA VAL A 210 19.56 15.23 11.64
C VAL A 210 20.25 14.12 10.85
N PRO A 211 19.92 13.94 9.57
CA PRO A 211 20.59 12.90 8.77
C PRO A 211 22.10 13.09 8.76
N PHE A 212 22.82 12.03 9.15
CA PHE A 212 24.26 12.11 9.30
C PHE A 212 24.97 12.34 7.97
N LEU A 213 24.67 11.53 6.96
CA LEU A 213 25.33 11.60 5.66
C LEU A 213 24.28 11.68 4.56
N PRO A 214 23.73 12.87 4.29
CA PRO A 214 22.65 13.01 3.28
C PRO A 214 23.14 13.25 1.86
N GLY A 215 23.52 12.17 1.18
CA GLY A 215 24.04 12.29 -0.18
C GLY A 215 22.96 12.47 -1.22
N ASP A 216 23.28 13.26 -2.24
CA ASP A 216 22.38 13.47 -3.36
C ASP A 216 22.44 12.33 -4.37
N SER A 217 23.58 11.65 -4.47
CA SER A 217 23.77 10.56 -5.41
C SER A 217 24.72 9.55 -4.79
N ASP A 218 24.95 8.45 -5.51
CA ASP A 218 25.84 7.42 -5.01
C ASP A 218 27.27 7.93 -4.87
N LEU A 219 27.71 8.78 -5.80
CA LEU A 219 29.04 9.37 -5.67
C LEU A 219 29.07 10.43 -4.59
N ASP A 220 28.01 11.23 -4.47
CA ASP A 220 27.96 12.23 -3.40
C ASP A 220 27.88 11.58 -2.03
N GLN A 221 27.21 10.43 -1.92
CA GLN A 221 27.20 9.70 -0.66
C GLN A 221 28.60 9.23 -0.29
N LEU A 222 29.39 8.83 -1.29
CA LEU A 222 30.75 8.39 -1.02
C LEU A 222 31.64 9.56 -0.60
N THR A 223 31.49 10.72 -1.25
CA THR A 223 32.27 11.89 -0.85
C THR A 223 31.96 12.28 0.59
N ARG A 224 30.68 12.28 0.97
CA ARG A 224 30.30 12.64 2.33
C ARG A 224 30.85 11.64 3.34
N ILE A 225 30.84 10.35 3.01
CA ILE A 225 31.41 9.35 3.91
C ILE A 225 32.89 9.62 4.12
N PHE A 226 33.62 9.89 3.04
CA PHE A 226 35.07 10.00 3.14
C PHE A 226 35.51 11.37 3.68
N GLU A 227 34.82 12.44 3.31
CA GLU A 227 35.19 13.74 3.85
C GLU A 227 34.77 13.92 5.30
N THR A 228 33.89 13.07 5.81
CA THR A 228 33.48 13.10 7.21
C THR A 228 34.30 12.15 8.07
N LEU A 229 34.53 10.93 7.60
CA LEU A 229 35.21 9.91 8.38
C LEU A 229 36.64 9.66 7.93
N GLY A 230 37.12 10.37 6.92
CA GLY A 230 38.43 10.11 6.36
C GLY A 230 38.39 9.06 5.27
N THR A 231 39.38 9.13 4.39
CA THR A 231 39.44 8.11 3.35
C THR A 231 40.26 6.93 3.81
N PRO A 232 39.75 5.71 3.68
CA PRO A 232 40.49 4.54 4.18
C PRO A 232 41.75 4.29 3.37
N THR A 233 42.81 3.91 4.06
CA THR A 233 44.01 3.43 3.40
C THR A 233 43.92 1.92 3.23
N GLU A 234 44.92 1.35 2.54
CA GLU A 234 44.90 -0.08 2.30
C GLU A 234 45.02 -0.86 3.60
N GLU A 235 45.69 -0.30 4.60
CA GLU A 235 45.80 -1.00 5.88
C GLU A 235 44.46 -1.08 6.60
N GLN A 236 43.56 -0.15 6.32
CA GLN A 236 42.24 -0.12 6.94
C GLN A 236 41.17 -0.83 6.10
N TRP A 237 41.45 -1.10 4.83
CA TRP A 237 40.53 -1.79 3.92
C TRP A 237 41.38 -2.39 2.81
N PRO A 238 42.03 -3.53 3.05
CA PRO A 238 43.05 -4.02 2.10
C PRO A 238 42.55 -4.29 0.68
N ASP A 239 41.52 -5.11 0.51
CA ASP A 239 41.07 -5.51 -0.81
C ASP A 239 40.04 -4.55 -1.39
N MET A 240 39.94 -3.34 -0.83
CA MET A 240 38.92 -2.38 -1.25
C MET A 240 38.95 -2.08 -2.74
N CYS A 241 40.13 -2.11 -3.36
CA CYS A 241 40.24 -1.79 -4.78
C CYS A 241 39.64 -2.87 -5.68
N SER A 242 39.41 -4.07 -5.16
CA SER A 242 38.88 -5.17 -5.96
C SER A 242 37.38 -5.09 -6.17
N LEU A 243 36.69 -4.13 -5.55
CA LEU A 243 35.25 -4.08 -5.64
C LEU A 243 34.82 -3.66 -7.05
N PRO A 244 33.72 -4.20 -7.57
CA PRO A 244 33.37 -3.97 -8.98
C PRO A 244 33.19 -2.51 -9.36
N ASP A 245 32.57 -1.71 -8.49
CA ASP A 245 32.32 -0.29 -8.78
C ASP A 245 33.20 0.61 -7.92
N TYR A 246 34.41 0.16 -7.61
CA TYR A 246 35.33 0.97 -6.82
C TYR A 246 35.78 2.19 -7.61
N VAL A 247 35.79 3.35 -6.95
CA VAL A 247 36.26 4.59 -7.55
C VAL A 247 37.21 5.26 -6.57
N THR A 248 38.33 5.77 -7.10
CA THR A 248 39.37 6.34 -6.26
C THR A 248 39.01 7.77 -5.89
N PHE A 249 39.16 8.10 -4.60
CA PHE A 249 38.81 9.42 -4.08
C PHE A 249 40.04 10.14 -3.55
N LYS A 250 39.92 11.46 -3.51
CA LYS A 250 40.93 12.30 -2.87
C LYS A 250 41.02 11.95 -1.39
N SER A 251 42.25 11.97 -0.86
CA SER A 251 42.49 11.57 0.53
C SER A 251 42.08 12.71 1.45
N PHE A 252 40.96 12.55 2.15
CA PHE A 252 40.42 13.45 3.16
C PHE A 252 40.83 12.96 4.54
N PRO A 253 41.14 13.87 5.47
CA PRO A 253 41.56 13.43 6.81
C PRO A 253 40.38 13.03 7.68
N GLY A 254 39.22 13.62 7.42
CA GLY A 254 38.04 13.38 8.22
C GLY A 254 37.97 14.31 9.43
N ILE A 255 36.84 14.21 10.13
CA ILE A 255 36.60 14.97 11.35
C ILE A 255 36.70 14.02 12.53
N PRO A 256 37.40 14.39 13.61
CA PRO A 256 37.45 13.51 14.78
C PRO A 256 36.08 13.23 15.33
N LEU A 257 35.89 12.01 15.82
CA LEU A 257 34.58 11.58 16.30
C LEU A 257 34.09 12.47 17.45
N HIS A 258 34.99 12.80 18.37
CA HIS A 258 34.60 13.63 19.51
C HIS A 258 34.22 15.04 19.10
N HIS A 259 34.64 15.51 17.93
CA HIS A 259 34.17 16.78 17.41
C HIS A 259 32.80 16.64 16.77
N ILE A 260 32.57 15.55 16.04
CA ILE A 260 31.26 15.29 15.46
C ILE A 260 30.20 15.11 16.55
N PHE A 261 30.54 14.35 17.58
CA PHE A 261 29.62 14.00 18.66
C PHE A 261 30.21 14.55 19.96
N SER A 262 30.01 15.85 20.18
CA SER A 262 30.49 16.52 21.39
C SER A 262 29.82 16.03 22.67
N ALA A 263 28.61 15.48 22.58
CA ALA A 263 27.86 15.08 23.77
C ALA A 263 28.05 13.61 24.14
N ALA A 264 28.94 12.91 23.44
CA ALA A 264 29.13 11.48 23.66
C ALA A 264 30.38 11.20 24.49
N GLY A 265 30.25 10.27 25.44
CA GLY A 265 31.36 9.84 26.24
C GLY A 265 32.25 8.85 25.51
N ASP A 266 33.29 8.40 26.21
CA ASP A 266 34.25 7.48 25.59
C ASP A 266 33.60 6.14 25.24
N ASP A 267 32.68 5.66 26.08
CA ASP A 267 32.04 4.38 25.80
C ASP A 267 31.13 4.48 24.58
N LEU A 268 30.40 5.59 24.45
CA LEU A 268 29.57 5.80 23.28
C LEU A 268 30.41 6.04 22.03
N LEU A 269 31.50 6.80 22.17
CA LEU A 269 32.42 7.01 21.05
C LEU A 269 33.03 5.70 20.60
N ASP A 270 33.32 4.81 21.54
CA ASP A 270 33.87 3.50 21.20
C ASP A 270 32.87 2.69 20.36
N LEU A 271 31.59 2.76 20.72
CA LEU A 271 30.57 2.05 19.96
C LEU A 271 30.44 2.60 18.55
N ILE A 272 30.33 3.93 18.42
CA ILE A 272 30.20 4.56 17.11
C ILE A 272 31.37 4.20 16.21
N GLN A 273 32.59 4.23 16.77
CA GLN A 273 33.78 3.95 15.98
C GLN A 273 33.77 2.54 15.43
N GLY A 274 33.25 1.58 16.20
CA GLY A 274 33.20 0.20 15.74
C GLY A 274 32.18 -0.04 14.65
N LEU A 275 31.08 0.73 14.66
CA LEU A 275 30.06 0.58 13.65
C LEU A 275 30.48 1.15 12.30
N PHE A 276 31.43 2.09 12.29
CA PHE A 276 31.84 2.78 11.07
C PHE A 276 33.23 2.38 10.60
N LEU A 277 33.76 1.27 11.10
CA LEU A 277 35.02 0.76 10.55
C LEU A 277 34.86 0.48 9.06
N PHE A 278 35.86 0.88 8.28
CA PHE A 278 35.74 0.73 6.84
C PHE A 278 35.84 -0.73 6.41
N ASN A 279 36.74 -1.49 7.03
CA ASN A 279 36.88 -2.91 6.77
C ASN A 279 35.60 -3.64 7.13
N PRO A 280 34.84 -4.15 6.14
CA PRO A 280 33.57 -4.80 6.46
C PRO A 280 33.72 -6.09 7.23
N CYS A 281 34.91 -6.71 7.22
CA CYS A 281 35.16 -7.89 8.03
C CYS A 281 35.54 -7.54 9.46
N ALA A 282 36.08 -6.35 9.69
CA ALA A 282 36.45 -5.90 11.03
C ALA A 282 35.35 -5.12 11.72
N ARG A 283 34.43 -4.51 10.95
CA ARG A 283 33.31 -3.79 11.51
C ARG A 283 32.54 -4.66 12.49
N ILE A 284 32.17 -4.08 13.64
CA ILE A 284 31.63 -4.88 14.73
C ILE A 284 30.28 -5.45 14.34
N THR A 285 29.95 -6.61 14.90
CA THR A 285 28.68 -7.28 14.69
C THR A 285 27.66 -6.83 15.73
N ALA A 286 26.40 -7.24 15.52
CA ALA A 286 25.35 -6.90 16.46
C ALA A 286 25.62 -7.50 17.84
N THR A 287 26.14 -8.73 17.87
CA THR A 287 26.49 -9.34 19.15
C THR A 287 27.63 -8.58 19.83
N GLN A 288 28.67 -8.22 19.07
CA GLN A 288 29.79 -7.47 19.64
C GLN A 288 29.35 -6.10 20.14
N ALA A 289 28.41 -5.46 19.43
CA ALA A 289 27.92 -4.16 19.87
C ALA A 289 27.20 -4.27 21.21
N LEU A 290 26.41 -5.32 21.39
CA LEU A 290 25.68 -5.50 22.64
C LEU A 290 26.58 -5.85 23.81
N LYS A 291 27.79 -6.34 23.55
CA LYS A 291 28.73 -6.69 24.61
C LYS A 291 29.66 -5.55 24.99
N MET A 292 29.47 -4.37 24.42
CA MET A 292 30.35 -3.26 24.71
C MET A 292 29.89 -2.54 25.99
N LYS A 293 30.85 -1.87 26.64
CA LYS A 293 30.59 -1.28 27.94
C LYS A 293 29.52 -0.19 27.90
N TYR A 294 29.30 0.43 26.74
CA TYR A 294 28.28 1.47 26.62
C TYR A 294 26.93 0.99 27.13
N PHE A 295 26.52 -0.22 26.76
CA PHE A 295 25.20 -0.71 27.10
C PHE A 295 25.08 -1.18 28.54
N SER A 296 26.19 -1.59 29.16
CA SER A 296 26.17 -2.03 30.56
C SER A 296 26.63 -0.95 31.54
N ASN A 297 26.96 0.25 31.05
CA ASN A 297 27.46 1.29 31.93
C ASN A 297 26.30 1.95 32.70
N ARG A 298 26.68 2.78 33.68
CA ARG A 298 25.74 3.23 34.71
C ARG A 298 24.50 3.96 34.20
N PRO A 299 24.59 4.97 33.30
CA PRO A 299 23.36 5.68 32.87
C PRO A 299 22.16 4.78 32.58
N GLY A 300 22.41 3.56 32.09
CA GLY A 300 21.38 2.57 31.87
C GLY A 300 20.29 2.95 30.88
N PRO A 301 19.55 1.95 30.39
CA PRO A 301 18.50 2.22 29.41
C PRO A 301 17.14 2.54 30.04
N THR A 302 16.47 3.51 29.43
CA THR A 302 15.12 3.87 29.86
C THR A 302 14.14 2.73 29.61
N PRO A 303 13.31 2.35 30.58
CA PRO A 303 12.32 1.29 30.34
C PRO A 303 11.38 1.69 29.21
N GLY A 304 10.77 0.67 28.60
CA GLY A 304 9.89 0.91 27.47
C GLY A 304 8.71 1.81 27.82
N CYS A 305 8.07 1.57 28.97
CA CYS A 305 6.96 2.39 29.42
C CYS A 305 7.34 3.84 29.71
N GLN A 306 8.63 4.16 29.82
CA GLN A 306 9.05 5.53 30.09
C GLN A 306 9.65 6.24 28.89
N LEU A 307 9.68 5.60 27.72
CA LEU A 307 10.21 6.25 26.54
C LEU A 307 9.27 7.37 26.09
N PRO A 308 9.81 8.44 25.51
CA PRO A 308 8.97 9.59 25.15
C PRO A 308 8.00 9.25 24.03
N ARG A 309 6.81 9.83 24.10
CA ARG A 309 5.77 9.60 23.11
C ARG A 309 5.56 10.88 22.29
N PRO A 310 5.71 10.81 20.98
CA PRO A 310 5.75 12.02 20.15
C PRO A 310 4.47 12.83 20.22
N ASN A 311 4.59 14.08 19.77
CA ASN A 311 3.47 15.03 19.73
C ASN A 311 2.77 14.95 18.38
N MET B 1 16.06 -20.80 9.96
N MET B 1 17.90 -22.65 10.43
CA MET B 1 16.59 -22.06 10.47
CA MET B 1 16.62 -22.11 10.90
C MET B 1 15.49 -23.11 10.64
C MET B 1 15.49 -23.13 10.77
N TYR B 2 15.85 -24.38 10.45
CA TYR B 2 14.84 -25.44 10.43
C TYR B 2 14.27 -25.71 11.81
N HIS B 3 15.12 -25.70 12.84
CA HIS B 3 14.70 -26.11 14.17
C HIS B 3 13.58 -25.24 14.74
N ASN B 4 13.32 -24.07 14.17
CA ASN B 4 12.18 -23.26 14.56
C ASN B 4 11.36 -22.85 13.34
N SER B 5 11.44 -23.63 12.26
CA SER B 5 10.83 -23.31 10.98
C SER B 5 9.35 -23.67 10.97
N SER B 6 8.63 -23.05 10.03
CA SER B 6 7.24 -23.47 9.77
C SER B 6 7.20 -24.84 9.12
N GLN B 7 8.23 -25.22 8.38
CA GLN B 7 8.29 -26.55 7.79
C GLN B 7 8.29 -27.63 8.88
N LYS B 8 9.09 -27.42 9.93
CA LYS B 8 9.12 -28.38 11.03
C LYS B 8 7.83 -28.33 11.84
N ARG B 9 7.25 -27.14 11.99
CA ARG B 9 6.12 -26.96 12.88
C ARG B 9 4.80 -27.41 12.27
N HIS B 10 4.62 -27.27 10.96
CA HIS B 10 3.34 -27.58 10.32
C HIS B 10 3.41 -28.56 9.16
N TRP B 11 4.58 -28.82 8.59
CA TRP B 11 4.66 -29.62 7.37
C TRP B 11 5.62 -30.79 7.52
N THR B 12 5.81 -31.27 8.75
CA THR B 12 6.57 -32.50 9.01
C THR B 12 5.65 -33.42 9.81
N PHE B 13 5.26 -34.54 9.19
CA PHE B 13 4.23 -35.41 9.74
C PHE B 13 4.85 -36.68 10.33
N SER B 14 4.04 -37.38 11.13
CA SER B 14 4.53 -38.48 11.94
C SER B 14 4.48 -39.84 11.26
N SER B 15 3.65 -40.01 10.23
CA SER B 15 3.50 -41.33 9.63
C SER B 15 3.04 -41.19 8.18
N GLU B 16 3.31 -42.24 7.40
CA GLU B 16 2.76 -42.33 6.06
C GLU B 16 1.24 -42.40 6.08
N GLU B 17 0.68 -43.08 7.09
CA GLU B 17 -0.78 -43.21 7.18
C GLU B 17 -1.44 -41.85 7.30
N GLN B 18 -0.83 -40.93 8.04
CA GLN B 18 -1.38 -39.58 8.15
C GLN B 18 -1.40 -38.90 6.79
N LEU B 19 -0.35 -39.10 5.98
CA LEU B 19 -0.32 -38.57 4.63
C LEU B 19 -1.41 -39.20 3.77
N ALA B 20 -1.59 -40.52 3.89
CA ALA B 20 -2.61 -41.21 3.10
C ALA B 20 -4.01 -40.74 3.48
N ARG B 21 -4.26 -40.47 4.76
CA ARG B 21 -5.58 -40.03 5.19
C ARG B 21 -5.89 -38.63 4.65
N LEU B 22 -4.90 -37.73 4.66
CA LEU B 22 -5.12 -36.39 4.11
C LEU B 22 -5.40 -36.43 2.62
N ARG B 23 -4.69 -37.30 1.89
CA ARG B 23 -4.88 -37.39 0.45
C ARG B 23 -6.22 -38.04 0.12
N ALA B 24 -6.57 -39.13 0.81
CA ALA B 24 -7.88 -39.73 0.64
C ALA B 24 -8.98 -38.75 1.04
N ASP B 25 -8.70 -37.87 2.01
CA ASP B 25 -9.69 -36.87 2.42
C ASP B 25 -9.94 -35.86 1.32
N ALA B 26 -8.89 -35.42 0.62
CA ALA B 26 -9.06 -34.50 -0.50
C ALA B 26 -9.82 -35.16 -1.64
N ASN B 27 -9.55 -36.44 -1.90
CA ASN B 27 -10.24 -37.16 -2.96
C ASN B 27 -11.73 -37.28 -2.66
N ARG B 28 -12.06 -37.65 -1.43
CA ARG B 28 -13.47 -37.80 -1.05
C ARG B 28 -14.22 -36.48 -1.12
N LYS B 29 -13.58 -35.38 -0.71
CA LYS B 29 -14.28 -34.09 -0.72
C LYS B 29 -14.65 -33.68 -2.13
N PHE B 30 -13.74 -33.89 -3.10
CA PHE B 30 -14.08 -33.55 -4.47
C PHE B 30 -15.24 -34.40 -4.97
N ARG B 31 -15.23 -35.70 -4.67
CA ARG B 31 -16.34 -36.56 -5.05
C ARG B 31 -17.67 -36.04 -4.52
N CYS B 32 -17.70 -35.69 -3.23
CA CYS B 32 -18.91 -35.14 -2.65
C CYS B 32 -19.32 -33.85 -3.37
N LYS B 33 -18.35 -32.99 -3.66
CA LYS B 33 -18.65 -31.73 -4.33
C LYS B 33 -19.18 -31.97 -5.74
N ALA B 34 -18.59 -32.93 -6.47
CA ALA B 34 -19.04 -33.21 -7.82
C ALA B 34 -20.44 -33.81 -7.84
N VAL B 35 -20.68 -34.80 -6.97
CA VAL B 35 -22.00 -35.42 -6.89
C VAL B 35 -23.05 -34.40 -6.45
N ALA B 36 -22.68 -33.51 -5.53
CA ALA B 36 -23.62 -32.49 -5.06
C ALA B 36 -24.09 -31.60 -6.20
N ASN B 37 -23.26 -31.40 -7.21
CA ASN B 37 -23.61 -30.56 -8.34
C ASN B 37 -24.57 -31.26 -9.31
N GLY B 38 -24.93 -32.52 -9.04
CA GLY B 38 -25.97 -33.19 -9.80
C GLY B 38 -25.64 -33.50 -11.24
N LYS B 39 -24.35 -33.64 -11.56
CA LYS B 39 -23.94 -34.08 -12.89
C LYS B 39 -23.50 -35.53 -12.91
N VAL B 40 -23.08 -36.08 -11.77
CA VAL B 40 -22.47 -37.40 -11.71
C VAL B 40 -23.09 -38.16 -10.53
N LEU B 41 -23.02 -39.49 -10.62
CA LEU B 41 -23.55 -40.30 -9.53
C LEU B 41 -22.44 -40.70 -8.57
N PRO B 42 -22.78 -40.99 -7.30
CA PRO B 42 -21.76 -41.18 -6.25
C PRO B 42 -20.61 -42.12 -6.60
N ASN B 43 -20.81 -43.04 -7.53
CA ASN B 43 -19.77 -43.99 -7.90
C ASN B 43 -19.61 -44.05 -9.41
N ASP B 44 -19.74 -42.91 -10.07
CA ASP B 44 -19.39 -42.82 -11.48
C ASP B 44 -17.92 -43.17 -11.67
N PRO B 45 -17.57 -44.04 -12.62
CA PRO B 45 -16.16 -44.43 -12.78
C PRO B 45 -15.26 -43.32 -13.31
N VAL B 46 -15.78 -42.11 -13.53
CA VAL B 46 -14.93 -41.00 -13.92
C VAL B 46 -14.06 -40.54 -12.76
N PHE B 47 -14.44 -40.86 -11.53
CA PHE B 47 -13.65 -40.47 -10.37
C PHE B 47 -12.36 -41.25 -10.31
N LEU B 48 -11.28 -40.57 -9.92
CA LEU B 48 -9.99 -41.21 -9.71
C LEU B 48 -9.90 -41.72 -8.28
N GLU B 49 -9.25 -42.85 -8.11
CA GLU B 49 -9.00 -43.36 -6.78
C GLU B 49 -7.78 -42.67 -6.18
N PRO B 50 -7.69 -42.61 -4.85
CA PRO B 50 -6.51 -42.01 -4.22
C PRO B 50 -5.19 -42.58 -4.73
N HIS B 51 -5.13 -43.89 -4.98
CA HIS B 51 -3.91 -44.49 -5.51
C HIS B 51 -3.66 -44.09 -6.95
N GLU B 52 -4.70 -43.65 -7.68
CA GLU B 52 -4.51 -43.17 -9.04
C GLU B 52 -4.05 -41.70 -9.06
N GLU B 53 -4.52 -40.89 -8.11
CA GLU B 53 -3.97 -39.55 -7.98
C GLU B 53 -2.49 -39.59 -7.63
N MET B 54 -2.09 -40.56 -6.82
CA MET B 54 -0.68 -40.69 -6.45
C MET B 54 0.19 -41.02 -7.66
N THR B 55 -0.27 -41.97 -8.48
CA THR B 55 0.48 -42.34 -9.69
C THR B 55 0.65 -41.14 -10.62
N LEU B 56 -0.40 -40.32 -10.77
CA LEU B 56 -0.28 -39.12 -11.60
C LEU B 56 0.64 -38.08 -10.95
N CYS B 57 0.68 -38.02 -9.63
CA CYS B 57 1.56 -37.06 -8.96
C CYS B 57 3.01 -37.50 -9.06
N LYS B 58 3.28 -38.80 -8.98
CA LYS B 58 4.64 -39.30 -9.23
C LYS B 58 5.08 -38.94 -10.65
N TYR B 59 4.16 -39.05 -11.62
CA TYR B 59 4.50 -38.77 -13.01
C TYR B 59 4.79 -37.30 -13.22
N TYR B 60 3.88 -36.43 -12.81
CA TYR B 60 4.09 -35.00 -13.00
C TYR B 60 5.21 -34.46 -12.12
N GLU B 61 5.58 -35.18 -11.07
CA GLU B 61 6.76 -34.78 -10.30
C GLU B 61 8.03 -35.06 -11.09
N LYS B 62 8.11 -36.21 -11.76
CA LYS B 62 9.26 -36.48 -12.62
C LYS B 62 9.31 -35.50 -13.79
N ARG B 63 8.16 -35.17 -14.36
CA ARG B 63 8.14 -34.16 -15.41
C ARG B 63 8.58 -32.80 -14.88
N LEU B 64 8.31 -32.51 -13.60
CA LEU B 64 8.80 -31.27 -13.01
C LEU B 64 10.31 -31.32 -12.82
N LEU B 65 10.83 -32.46 -12.35
CA LEU B 65 12.28 -32.64 -12.27
C LEU B 65 12.92 -32.48 -13.64
N GLU B 66 12.31 -33.07 -14.67
CA GLU B 66 12.86 -32.99 -16.01
C GLU B 66 12.81 -31.57 -16.56
N PHE B 67 11.74 -30.84 -16.24
CA PHE B 67 11.64 -29.45 -16.68
C PHE B 67 12.74 -28.59 -16.09
N CYS B 68 13.08 -28.81 -14.81
CA CYS B 68 14.08 -27.98 -14.15
C CYS B 68 15.49 -28.29 -14.66
N SER B 69 15.76 -29.55 -14.99
CA SER B 69 17.10 -29.93 -15.43
C SER B 69 17.46 -29.36 -16.78
N VAL B 70 16.47 -28.96 -17.59
CA VAL B 70 16.70 -28.38 -18.90
C VAL B 70 16.40 -26.89 -18.94
N PHE B 71 16.04 -26.30 -17.80
CA PHE B 71 15.75 -24.87 -17.72
C PHE B 71 16.92 -24.05 -18.26
N LYS B 72 16.65 -23.23 -19.29
CA LYS B 72 17.70 -22.52 -20.04
C LYS B 72 18.58 -21.71 -19.09
N PRO B 73 18.04 -20.76 -18.29
CA PRO B 73 18.87 -20.20 -17.21
C PRO B 73 19.13 -21.26 -16.16
N ALA B 74 20.37 -21.71 -16.03
CA ALA B 74 20.70 -22.84 -15.17
C ALA B 74 20.10 -22.66 -13.77
N MET B 75 19.19 -23.56 -13.42
CA MET B 75 18.36 -23.44 -12.23
C MET B 75 19.10 -23.98 -11.01
N PRO B 76 19.21 -23.20 -9.93
CA PRO B 76 19.84 -23.73 -8.72
C PRO B 76 19.04 -24.89 -8.15
N ARG B 77 19.76 -25.84 -7.54
CA ARG B 77 19.13 -27.04 -7.00
C ARG B 77 18.11 -26.71 -5.92
N SER B 78 18.33 -25.63 -5.16
CA SER B 78 17.40 -25.28 -4.09
C SER B 78 16.05 -24.83 -4.64
N VAL B 79 16.02 -24.29 -5.86
CA VAL B 79 14.74 -23.95 -6.48
C VAL B 79 13.95 -25.22 -6.80
N VAL B 80 14.65 -26.26 -7.25
CA VAL B 80 13.97 -27.50 -7.64
C VAL B 80 13.38 -28.19 -6.41
N GLY B 81 14.17 -28.32 -5.34
CA GLY B 81 13.66 -28.95 -4.14
C GLY B 81 12.53 -28.18 -3.51
N THR B 82 12.57 -26.84 -3.60
CA THR B 82 11.46 -26.03 -3.10
C THR B 82 10.21 -26.26 -3.93
N ALA B 83 10.35 -26.32 -5.26
CA ALA B 83 9.21 -26.54 -6.13
C ALA B 83 8.58 -27.91 -5.89
N CYS B 84 9.41 -28.95 -5.75
CA CYS B 84 8.88 -30.28 -5.49
C CYS B 84 8.18 -30.34 -4.13
N MET B 85 8.72 -29.62 -3.14
CA MET B 85 8.06 -29.56 -1.84
C MET B 85 6.69 -28.92 -1.95
N TYR B 86 6.58 -27.82 -2.68
CA TYR B 86 5.27 -27.20 -2.93
C TYR B 86 4.32 -28.20 -3.57
N PHE B 87 4.81 -28.97 -4.55
CA PHE B 87 3.95 -29.90 -5.27
C PHE B 87 3.42 -30.98 -4.34
N LYS B 88 4.29 -31.53 -3.47
CA LYS B 88 3.84 -32.53 -2.51
C LYS B 88 2.81 -31.96 -1.54
N ARG B 89 3.05 -30.75 -1.03
CA ARG B 89 2.15 -30.16 -0.04
C ARG B 89 0.79 -29.81 -0.64
N PHE B 90 0.74 -29.41 -1.91
CA PHE B 90 -0.52 -28.97 -2.49
C PHE B 90 -1.52 -30.12 -2.57
N TYR B 91 -1.10 -31.26 -3.11
CA TYR B 91 -1.98 -32.41 -3.30
C TYR B 91 -2.09 -33.28 -2.07
N LEU B 92 -1.55 -32.85 -0.93
CA LEU B 92 -1.90 -33.45 0.34
C LEU B 92 -3.34 -33.14 0.71
N ASN B 93 -3.83 -31.95 0.35
CA ASN B 93 -5.18 -31.52 0.71
C ASN B 93 -5.98 -31.07 -0.52
N ASN B 94 -5.55 -31.45 -1.71
CA ASN B 94 -6.28 -31.12 -2.93
C ASN B 94 -6.25 -32.31 -3.87
N SER B 95 -7.24 -32.35 -4.75
CA SER B 95 -7.40 -33.45 -5.70
C SER B 95 -6.90 -33.04 -7.07
N VAL B 96 -6.22 -33.96 -7.75
CA VAL B 96 -5.79 -33.72 -9.12
C VAL B 96 -7.00 -33.55 -10.04
N MET B 97 -8.17 -34.02 -9.61
CA MET B 97 -9.38 -33.88 -10.40
C MET B 97 -9.92 -32.45 -10.42
N GLU B 98 -9.56 -31.63 -9.44
CA GLU B 98 -10.03 -30.24 -9.37
C GLU B 98 -9.01 -29.25 -9.91
N TYR B 99 -7.72 -29.44 -9.61
CA TYR B 99 -6.66 -28.58 -10.10
C TYR B 99 -5.65 -29.46 -10.83
N HIS B 100 -5.48 -29.21 -12.12
CA HIS B 100 -4.71 -30.13 -12.95
C HIS B 100 -3.24 -30.12 -12.54
N PRO B 101 -2.61 -31.29 -12.39
CA PRO B 101 -1.19 -31.31 -11.97
C PRO B 101 -0.25 -30.65 -12.97
N ARG B 102 -0.62 -30.60 -14.25
CA ARG B 102 0.24 -29.97 -15.24
C ARG B 102 0.41 -28.49 -14.94
N ILE B 103 -0.69 -27.80 -14.64
CA ILE B 103 -0.61 -26.37 -14.37
C ILE B 103 0.00 -26.12 -12.99
N ILE B 104 -0.31 -26.99 -12.03
CA ILE B 104 0.16 -26.77 -10.66
C ILE B 104 1.67 -26.98 -10.57
N MET B 105 2.22 -27.98 -11.26
CA MET B 105 3.65 -28.21 -11.17
C MET B 105 4.45 -27.05 -11.77
N LEU B 106 3.88 -26.37 -12.76
CA LEU B 106 4.54 -25.18 -13.31
C LEU B 106 4.41 -24.00 -12.36
N THR B 107 3.27 -23.88 -11.69
CA THR B 107 3.09 -22.83 -10.69
C THR B 107 4.01 -23.03 -9.50
N CYS B 108 4.28 -24.28 -9.13
CA CYS B 108 5.22 -24.55 -8.04
C CYS B 108 6.63 -24.08 -8.42
N ALA B 109 7.08 -24.42 -9.63
CA ALA B 109 8.38 -23.96 -10.09
C ALA B 109 8.40 -22.45 -10.26
N PHE B 110 7.29 -21.87 -10.73
CA PHE B 110 7.20 -20.43 -10.90
C PHE B 110 7.30 -19.72 -9.56
N LEU B 111 6.58 -20.21 -8.54
CA LEU B 111 6.65 -19.60 -7.22
C LEU B 111 8.00 -19.85 -6.56
N ALA B 112 8.57 -21.05 -6.76
CA ALA B 112 9.87 -21.35 -6.18
C ALA B 112 10.97 -20.44 -6.72
N CYS B 113 10.85 -20.02 -7.98
CA CYS B 113 11.84 -19.10 -8.54
C CYS B 113 11.80 -17.74 -7.85
N LYS B 114 10.63 -17.34 -7.34
CA LYS B 114 10.52 -16.08 -6.62
C LYS B 114 10.98 -16.22 -5.18
N VAL B 115 10.56 -17.30 -4.51
CA VAL B 115 10.86 -17.48 -3.09
C VAL B 115 12.37 -17.63 -2.89
N ASP B 116 13.01 -18.46 -3.70
CA ASP B 116 14.45 -18.71 -3.59
C ASP B 116 15.30 -17.61 -4.19
N GLU B 117 14.70 -16.57 -4.78
CA GLU B 117 15.40 -15.44 -5.37
C GLU B 117 16.24 -15.86 -6.57
N PHE B 118 15.69 -16.77 -7.38
CA PHE B 118 16.23 -17.08 -8.69
C PHE B 118 15.45 -16.24 -9.69
N ASN B 119 15.99 -15.06 -10.00
CA ASN B 119 15.24 -14.02 -10.70
C ASN B 119 15.31 -14.27 -12.19
N VAL B 120 14.26 -14.87 -12.74
CA VAL B 120 14.05 -14.97 -14.18
C VAL B 120 12.74 -14.30 -14.52
N SER B 121 12.69 -13.64 -15.68
CA SER B 121 11.48 -12.99 -16.11
C SER B 121 10.43 -14.02 -16.53
N SER B 122 9.18 -13.57 -16.60
CA SER B 122 8.10 -14.44 -17.07
C SER B 122 8.36 -14.97 -18.49
N PRO B 123 8.74 -14.16 -19.48
CA PRO B 123 9.04 -14.74 -20.80
C PRO B 123 10.24 -15.68 -20.77
N GLN B 124 11.19 -15.45 -19.87
CA GLN B 124 12.30 -16.39 -19.71
C GLN B 124 11.84 -17.72 -19.13
N PHE B 125 10.81 -17.69 -18.28
CA PHE B 125 10.32 -18.92 -17.65
C PHE B 125 9.53 -19.78 -18.63
N VAL B 126 8.46 -19.21 -19.21
CA VAL B 126 7.65 -19.97 -20.15
C VAL B 126 8.39 -20.22 -21.46
N GLY B 127 9.48 -19.49 -21.72
CA GLY B 127 10.30 -19.78 -22.87
C GLY B 127 10.96 -21.13 -22.82
N ASN B 128 11.04 -21.74 -21.64
CA ASN B 128 11.58 -23.09 -21.47
C ASN B 128 10.57 -24.16 -21.85
N LEU B 129 9.30 -23.80 -22.02
CA LEU B 129 8.28 -24.74 -22.45
C LEU B 129 8.37 -24.94 -23.96
N ARG B 130 8.55 -26.19 -24.39
CA ARG B 130 8.63 -26.50 -25.82
C ARG B 130 7.22 -26.49 -26.42
N GLU B 131 6.71 -25.28 -26.59
CA GLU B 131 5.42 -25.02 -27.22
C GLU B 131 5.55 -23.74 -28.04
N SER B 132 4.52 -23.47 -28.83
CA SER B 132 4.53 -22.28 -29.67
C SER B 132 4.40 -21.03 -28.80
N PRO B 133 4.86 -19.88 -29.31
CA PRO B 133 4.63 -18.63 -28.56
C PRO B 133 3.18 -18.36 -28.27
N LEU B 134 2.25 -18.92 -29.05
CA LEU B 134 0.84 -18.86 -28.72
C LEU B 134 0.53 -19.67 -27.47
N GLY B 135 1.11 -20.88 -27.37
CA GLY B 135 0.87 -21.72 -26.22
C GLY B 135 1.67 -21.35 -24.98
N GLN B 136 2.88 -20.84 -25.16
CA GLN B 136 3.66 -20.37 -24.03
C GLN B 136 2.97 -19.24 -23.28
N GLU B 137 2.24 -18.39 -24.01
CA GLU B 137 1.49 -17.31 -23.36
C GLU B 137 0.27 -17.87 -22.63
N LYS B 138 -0.39 -18.87 -23.21
CA LYS B 138 -1.53 -19.50 -22.54
C LYS B 138 -1.10 -20.16 -21.24
N ALA B 139 0.07 -20.79 -21.24
CA ALA B 139 0.57 -21.42 -20.01
C ALA B 139 0.87 -20.38 -18.94
N LEU B 140 1.40 -19.22 -19.35
CA LEU B 140 1.68 -18.16 -18.38
C LEU B 140 0.40 -17.62 -17.74
N GLU B 141 -0.67 -17.50 -18.53
CA GLU B 141 -1.93 -17.03 -17.98
C GLU B 141 -2.48 -18.01 -16.94
N GLN B 142 -2.36 -19.31 -17.19
CA GLN B 142 -2.84 -20.29 -16.24
C GLN B 142 -1.97 -20.33 -14.98
N ILE B 143 -0.67 -20.09 -15.13
CA ILE B 143 0.21 -20.06 -13.96
C ILE B 143 -0.16 -18.90 -13.04
N LEU B 144 -0.40 -17.71 -13.62
CA LEU B 144 -0.80 -16.56 -12.81
C LEU B 144 -2.18 -16.75 -12.19
N GLU B 145 -3.04 -17.58 -12.77
CA GLU B 145 -4.35 -17.85 -12.20
C GLU B 145 -4.28 -18.78 -10.99
N TYR B 146 -3.32 -19.70 -10.95
CA TYR B 146 -3.19 -20.63 -9.84
C TYR B 146 -2.15 -20.18 -8.82
N GLU B 147 -1.52 -19.02 -9.02
CA GLU B 147 -0.43 -18.60 -8.16
C GLU B 147 -0.92 -18.29 -6.76
N LEU B 148 -1.95 -17.45 -6.63
CA LEU B 148 -2.52 -17.17 -5.32
C LEU B 148 -3.08 -18.44 -4.67
N LEU B 149 -3.75 -19.27 -5.46
CA LEU B 149 -4.32 -20.51 -4.91
C LEU B 149 -3.23 -21.39 -4.30
N LEU B 150 -2.08 -21.49 -4.95
CA LEU B 150 -1.00 -22.31 -4.39
C LEU B 150 -0.53 -21.77 -3.05
N ILE B 151 -0.36 -20.45 -2.94
CA ILE B 151 0.12 -19.86 -1.69
C ILE B 151 -0.90 -20.08 -0.58
N GLN B 152 -2.18 -20.01 -0.90
CA GLN B 152 -3.21 -20.28 0.10
C GLN B 152 -3.15 -21.72 0.58
N GLN B 153 -3.00 -22.67 -0.34
CA GLN B 153 -2.93 -24.08 0.02
C GLN B 153 -1.63 -24.46 0.72
N LEU B 154 -0.64 -23.57 0.73
CA LEU B 154 0.57 -23.76 1.51
C LEU B 154 0.52 -23.08 2.87
N ASN B 155 -0.63 -22.50 3.23
CA ASN B 155 -0.79 -21.72 4.46
C ASN B 155 0.23 -20.59 4.55
N PHE B 156 0.63 -20.05 3.40
CA PHE B 156 1.58 -18.94 3.33
C PHE B 156 2.90 -19.28 3.99
N HIS B 157 3.26 -20.57 4.00
CA HIS B 157 4.55 -21.05 4.47
C HIS B 157 5.40 -21.34 3.23
N LEU B 158 6.33 -20.43 2.92
CA LEU B 158 7.04 -20.48 1.65
C LEU B 158 8.48 -20.94 1.76
N ILE B 159 9.13 -20.76 2.91
CA ILE B 159 10.52 -21.17 3.07
C ILE B 159 10.59 -22.68 3.21
N VAL B 160 11.36 -23.32 2.32
CA VAL B 160 11.56 -24.76 2.33
C VAL B 160 13.04 -25.03 2.62
N HIS B 161 13.29 -25.92 3.57
CA HIS B 161 14.65 -26.33 3.92
C HIS B 161 14.98 -27.63 3.20
N ASN B 162 15.98 -27.58 2.33
CA ASN B 162 16.40 -28.70 1.51
C ASN B 162 17.60 -29.41 2.15
N PRO B 163 17.86 -30.66 1.80
CA PRO B 163 19.01 -31.38 2.35
C PRO B 163 20.33 -31.11 1.64
N TYR B 164 20.38 -30.15 0.72
CA TYR B 164 21.61 -29.93 -0.05
C TYR B 164 22.68 -29.24 0.79
N ARG B 165 22.31 -28.17 1.48
CA ARG B 165 23.29 -27.46 2.33
C ARG B 165 23.66 -28.36 3.51
N PRO B 166 22.72 -28.98 4.23
CA PRO B 166 23.14 -29.94 5.27
C PRO B 166 24.11 -30.99 4.76
N PHE B 167 23.90 -31.47 3.52
CA PHE B 167 24.81 -32.44 2.93
C PHE B 167 26.23 -31.89 2.88
N GLU B 168 26.39 -30.65 2.45
CA GLU B 168 27.72 -30.04 2.40
C GLU B 168 28.30 -29.88 3.81
N GLY B 169 27.44 -29.57 4.78
CA GLY B 169 27.92 -29.39 6.14
C GLY B 169 28.55 -30.64 6.71
N PHE B 170 27.92 -31.80 6.47
CA PHE B 170 28.49 -33.05 6.96
C PHE B 170 29.82 -33.35 6.28
N LEU B 171 29.91 -33.10 4.97
CA LEU B 171 31.17 -33.32 4.26
C LEU B 171 32.29 -32.48 4.86
N ILE B 172 32.01 -31.21 5.17
CA ILE B 172 32.98 -30.37 5.85
C ILE B 172 33.39 -31.00 7.18
N ASP B 173 32.40 -31.46 7.95
CA ASP B 173 32.68 -32.08 9.23
C ASP B 173 33.42 -33.40 9.06
N LEU B 174 33.04 -34.18 8.02
CA LEU B 174 33.76 -35.42 7.74
C LEU B 174 35.22 -35.14 7.39
N LYS B 175 35.45 -34.22 6.45
CA LYS B 175 36.82 -33.88 6.04
C LYS B 175 37.65 -33.32 7.19
N THR B 176 36.99 -32.76 8.20
CA THR B 176 37.71 -32.06 9.28
C THR B 176 38.00 -32.98 10.47
N ARG B 177 37.01 -33.77 10.90
CA ARG B 177 37.11 -34.48 12.16
C ARG B 177 37.11 -35.99 12.05
N TYR B 178 36.87 -36.55 10.86
CA TYR B 178 36.76 -38.00 10.68
C TYR B 178 37.83 -38.45 9.68
N PRO B 179 39.09 -38.56 10.13
CA PRO B 179 40.15 -39.01 9.22
C PRO B 179 40.04 -40.48 8.88
N ILE B 180 39.26 -41.26 9.65
CA ILE B 180 39.05 -42.67 9.33
C ILE B 180 38.56 -42.84 7.90
N LEU B 181 37.71 -41.92 7.45
CA LEU B 181 37.26 -41.90 6.06
C LEU B 181 38.24 -41.05 5.25
N GLU B 182 39.20 -41.69 4.61
CA GLU B 182 40.14 -40.97 3.75
C GLU B 182 39.38 -40.42 2.55
N ASN B 183 39.45 -39.11 2.35
CA ASN B 183 38.77 -38.42 1.25
C ASN B 183 37.26 -38.69 1.28
N PRO B 184 36.51 -37.93 2.07
CA PRO B 184 35.04 -38.12 2.10
C PRO B 184 34.35 -37.84 0.77
N GLU B 185 35.05 -37.26 -0.21
CA GLU B 185 34.45 -36.89 -1.47
C GLU B 185 34.09 -38.08 -2.34
N ILE B 186 34.58 -39.28 -2.02
CA ILE B 186 34.24 -40.46 -2.81
C ILE B 186 32.75 -40.79 -2.68
N LEU B 187 32.13 -40.41 -1.57
CA LEU B 187 30.74 -40.73 -1.33
C LEU B 187 29.77 -39.80 -2.05
N ARG B 188 30.23 -38.66 -2.57
CA ARG B 188 29.32 -37.66 -3.11
C ARG B 188 28.50 -38.21 -4.26
N LYS B 189 29.13 -38.97 -5.17
CA LYS B 189 28.43 -39.51 -6.33
C LYS B 189 27.24 -40.36 -5.91
N THR B 190 27.49 -41.41 -5.12
CA THR B 190 26.43 -42.34 -4.76
C THR B 190 25.44 -41.71 -3.78
N ALA B 191 25.93 -40.88 -2.85
CA ALA B 191 25.03 -40.21 -1.93
C ALA B 191 24.13 -39.21 -2.66
N ASP B 192 24.60 -38.65 -3.77
CA ASP B 192 23.77 -37.75 -4.56
C ASP B 192 22.66 -38.50 -5.27
N ASP B 193 22.98 -39.68 -5.81
CA ASP B 193 21.94 -40.53 -6.40
C ASP B 193 20.95 -41.00 -5.35
N PHE B 194 21.45 -41.43 -4.19
CA PHE B 194 20.55 -41.82 -3.10
C PHE B 194 19.71 -40.64 -2.64
N LEU B 195 20.28 -39.44 -2.66
CA LEU B 195 19.52 -38.25 -2.29
C LEU B 195 18.40 -37.99 -3.28
N ASN B 196 18.68 -38.16 -4.57
CA ASN B 196 17.65 -37.94 -5.58
C ASN B 196 16.56 -39.00 -5.52
N ARG B 197 16.89 -40.19 -5.00
CA ARG B 197 15.89 -41.25 -4.91
C ARG B 197 14.86 -40.93 -3.83
N ILE B 198 15.31 -40.49 -2.65
CA ILE B 198 14.38 -40.19 -1.58
C ILE B 198 13.53 -38.96 -1.90
N ALA B 199 13.97 -38.14 -2.85
CA ALA B 199 13.20 -36.96 -3.23
C ALA B 199 11.89 -37.32 -3.93
N LEU B 200 11.78 -38.55 -4.44
CA LEU B 200 10.55 -39.01 -5.05
C LEU B 200 9.60 -39.66 -4.05
N THR B 201 10.10 -40.03 -2.87
CA THR B 201 9.26 -40.57 -1.82
C THR B 201 8.63 -39.43 -1.02
N ASP B 202 7.93 -39.79 0.07
CA ASP B 202 7.36 -38.81 0.99
C ASP B 202 8.33 -38.44 2.11
N ALA B 203 9.63 -38.74 1.94
CA ALA B 203 10.60 -38.47 2.99
C ALA B 203 10.70 -36.98 3.32
N TYR B 204 10.51 -36.13 2.32
CA TYR B 204 10.52 -34.69 2.57
C TYR B 204 9.43 -34.26 3.54
N LEU B 205 8.36 -35.03 3.67
CA LEU B 205 7.25 -34.71 4.56
C LEU B 205 7.34 -35.47 5.88
N LEU B 206 8.36 -36.31 6.07
CA LEU B 206 8.46 -37.17 7.24
C LEU B 206 9.75 -37.03 8.02
N TYR B 207 10.79 -36.41 7.46
CA TYR B 207 12.09 -36.36 8.12
C TYR B 207 12.67 -34.97 7.98
N THR B 208 13.60 -34.65 8.89
CA THR B 208 14.29 -33.37 8.82
C THR B 208 15.31 -33.39 7.68
N PRO B 209 15.58 -32.23 7.07
CA PRO B 209 16.60 -32.19 6.02
C PRO B 209 17.97 -32.68 6.47
N SER B 210 18.31 -32.50 7.75
CA SER B 210 19.59 -32.99 8.25
C SER B 210 19.64 -34.52 8.26
N GLN B 211 18.57 -35.15 8.75
CA GLN B 211 18.51 -36.61 8.76
C GLN B 211 18.53 -37.18 7.35
N ILE B 212 17.82 -36.53 6.43
CA ILE B 212 17.83 -36.95 5.03
C ILE B 212 19.25 -36.93 4.48
N ALA B 213 19.99 -35.85 4.74
CA ALA B 213 21.33 -35.73 4.19
C ALA B 213 22.28 -36.74 4.82
N LEU B 214 22.20 -36.94 6.14
CA LEU B 214 23.06 -37.92 6.79
C LEU B 214 22.74 -39.34 6.34
N THR B 215 21.45 -39.62 6.08
CA THR B 215 21.08 -40.93 5.56
C THR B 215 21.74 -41.19 4.22
N ALA B 216 21.72 -40.20 3.33
CA ALA B 216 22.32 -40.36 2.00
C ALA B 216 23.82 -40.62 2.09
N ILE B 217 24.50 -39.95 3.03
CA ILE B 217 25.94 -40.10 3.16
C ILE B 217 26.28 -41.47 3.74
N LEU B 218 25.63 -41.84 4.85
CA LEU B 218 25.91 -43.12 5.48
C LEU B 218 25.51 -44.28 4.58
N SER B 219 24.44 -44.12 3.81
CA SER B 219 24.05 -45.16 2.84
C SER B 219 25.12 -45.32 1.77
N SER B 220 25.66 -44.21 1.27
CA SER B 220 26.73 -44.28 0.29
C SER B 220 27.96 -44.93 0.88
N ALA B 221 28.23 -44.69 2.16
CA ALA B 221 29.35 -45.35 2.82
C ALA B 221 29.09 -46.84 2.97
N SER B 222 27.84 -47.24 3.21
CA SER B 222 27.51 -48.66 3.26
C SER B 222 27.70 -49.31 1.90
N ARG B 223 27.34 -48.61 0.83
CA ARG B 223 27.57 -49.14 -0.52
C ARG B 223 29.07 -49.33 -0.77
N ALA B 224 29.88 -48.34 -0.39
CA ALA B 224 31.32 -48.47 -0.52
C ALA B 224 31.93 -49.40 0.52
N GLY B 225 31.12 -50.06 1.33
CA GLY B 225 31.64 -50.99 2.33
C GLY B 225 32.49 -50.33 3.39
N ILE B 226 32.10 -49.14 3.84
CA ILE B 226 32.87 -48.36 4.79
C ILE B 226 32.10 -48.28 6.10
N THR B 227 32.74 -48.67 7.19
CA THR B 227 32.16 -48.51 8.51
C THR B 227 32.40 -47.10 9.03
N MET B 228 31.34 -46.46 9.50
CA MET B 228 31.47 -45.14 10.13
C MET B 228 30.42 -44.96 11.21
N GLU B 229 30.21 -46.01 12.02
CA GLU B 229 29.36 -45.85 13.20
C GLU B 229 30.03 -44.95 14.24
N SER B 230 31.36 -44.90 14.25
CA SER B 230 32.07 -44.02 15.17
C SER B 230 31.84 -42.55 14.85
N TYR B 231 31.46 -42.21 13.61
CA TYR B 231 31.10 -40.82 13.32
C TYR B 231 29.87 -40.39 14.10
N LEU B 232 28.93 -41.30 14.31
CA LEU B 232 27.75 -40.97 15.10
C LEU B 232 28.05 -41.00 16.59
N SER B 233 28.68 -42.09 17.06
CA SER B 233 28.91 -42.26 18.49
C SER B 233 30.03 -41.36 19.01
N GLU B 234 31.14 -41.25 18.27
CA GLU B 234 32.29 -40.49 18.73
C GLU B 234 32.29 -39.06 18.22
N SER B 235 32.15 -38.87 16.90
CA SER B 235 32.27 -37.53 16.33
C SER B 235 31.03 -36.69 16.62
N LEU B 236 29.84 -37.27 16.49
CA LEU B 236 28.62 -36.58 16.87
C LEU B 236 28.28 -36.78 18.35
N MET B 237 29.14 -37.50 19.09
CA MET B 237 29.00 -37.66 20.54
C MET B 237 27.67 -38.29 20.93
N LEU B 238 27.14 -39.17 20.09
CA LEU B 238 25.94 -39.91 20.45
C LEU B 238 26.22 -41.04 21.42
N LYS B 239 27.47 -41.23 21.84
CA LYS B 239 27.77 -42.14 22.93
C LYS B 239 27.08 -41.71 24.22
N GLU B 240 26.84 -40.41 24.37
CA GLU B 240 26.27 -39.89 25.61
C GLU B 240 24.76 -40.16 25.68
N ASN B 241 24.03 -39.72 24.66
CA ASN B 241 22.58 -39.90 24.60
C ASN B 241 22.28 -41.13 23.75
N ARG B 242 22.15 -42.29 24.39
CA ARG B 242 21.93 -43.50 23.60
C ARG B 242 20.53 -43.56 23.01
N THR B 243 19.54 -42.93 23.65
CA THR B 243 18.20 -42.93 23.09
C THR B 243 18.12 -42.10 21.81
N CYS B 244 18.92 -41.04 21.72
CA CYS B 244 18.94 -40.26 20.48
C CYS B 244 19.72 -40.97 19.38
N LEU B 245 20.76 -41.73 19.74
CA LEU B 245 21.44 -42.56 18.76
C LEU B 245 20.51 -43.65 18.23
N SER B 246 19.66 -44.20 19.09
CA SER B 246 18.74 -45.24 18.65
C SER B 246 17.65 -44.68 17.74
N GLN B 247 17.08 -43.53 18.11
CA GLN B 247 16.06 -42.91 17.25
C GLN B 247 16.61 -42.57 15.88
N LEU B 248 17.82 -42.00 15.83
CA LEU B 248 18.40 -41.60 14.56
C LEU B 248 18.69 -42.80 13.67
N LEU B 249 19.19 -43.89 14.26
CA LEU B 249 19.40 -45.12 13.49
C LEU B 249 18.09 -45.69 12.97
N ASP B 250 17.01 -45.53 13.72
CA ASP B 250 15.70 -46.00 13.25
C ASP B 250 15.18 -45.10 12.13
N ILE B 251 15.39 -43.80 12.24
CA ILE B 251 14.96 -42.87 11.19
C ILE B 251 15.68 -43.18 9.88
N MET B 252 16.97 -43.47 9.93
CA MET B 252 17.71 -43.78 8.71
C MET B 252 17.28 -45.11 8.12
N LYS B 253 16.96 -46.09 8.97
CA LYS B 253 16.41 -47.35 8.46
C LYS B 253 15.03 -47.14 7.84
N SER B 254 14.20 -46.31 8.46
CA SER B 254 12.88 -46.02 7.91
C SER B 254 12.99 -45.35 6.55
N MET B 255 13.92 -44.41 6.42
CA MET B 255 14.09 -43.71 5.15
C MET B 255 14.57 -44.66 4.06
N ARG B 256 15.54 -45.51 4.37
CA ARG B 256 16.03 -46.48 3.39
C ARG B 256 14.93 -47.46 2.98
N ASN B 257 14.01 -47.77 3.90
CA ASN B 257 12.86 -48.60 3.53
C ASN B 257 11.88 -47.86 2.65
N LEU B 258 11.73 -46.54 2.84
CA LEU B 258 10.87 -45.75 1.97
C LEU B 258 11.34 -45.84 0.52
N VAL B 259 12.65 -45.82 0.31
CA VAL B 259 13.19 -45.90 -1.05
C VAL B 259 13.10 -47.32 -1.58
N LYS B 260 13.26 -48.32 -0.71
CA LYS B 260 13.22 -49.71 -1.15
C LYS B 260 11.84 -50.08 -1.70
N LYS B 261 10.77 -49.55 -1.11
CA LYS B 261 9.41 -49.85 -1.53
C LYS B 261 8.82 -48.76 -2.42
N TYR B 262 9.65 -47.92 -3.03
CA TYR B 262 9.15 -46.92 -3.97
C TYR B 262 8.75 -47.57 -5.28
N GLU B 263 7.54 -47.27 -5.74
CA GLU B 263 7.02 -47.82 -6.99
C GLU B 263 7.00 -46.74 -8.06
N PRO B 264 7.85 -46.84 -9.10
CA PRO B 264 7.79 -45.85 -10.17
C PRO B 264 6.52 -45.99 -10.98
N PRO B 265 5.97 -44.88 -11.50
CA PRO B 265 4.73 -44.97 -12.28
C PRO B 265 4.97 -45.63 -13.63
N ARG B 266 4.17 -46.64 -13.94
CA ARG B 266 4.29 -47.34 -15.21
C ARG B 266 3.74 -46.47 -16.34
N SER B 267 4.42 -46.52 -17.50
CA SER B 267 4.06 -45.64 -18.61
C SER B 267 2.66 -45.96 -19.15
N GLU B 268 2.31 -47.24 -19.22
CA GLU B 268 0.98 -47.60 -19.72
C GLU B 268 -0.10 -47.15 -18.76
N GLU B 269 0.12 -47.33 -17.45
CA GLU B 269 -0.87 -46.89 -16.46
C GLU B 269 -1.05 -45.38 -16.50
N VAL B 270 0.03 -44.64 -16.73
CA VAL B 270 -0.07 -43.18 -16.82
C VAL B 270 -0.95 -42.78 -18.01
N ALA B 271 -0.79 -43.47 -19.14
CA ALA B 271 -1.58 -43.15 -20.32
C ALA B 271 -3.07 -43.30 -20.04
N VAL B 272 -3.45 -44.37 -19.34
CA VAL B 272 -4.86 -44.57 -19.01
C VAL B 272 -5.34 -43.49 -18.04
N LEU B 273 -4.56 -43.24 -17.00
CA LEU B 273 -4.99 -42.30 -15.96
C LEU B 273 -5.00 -40.87 -16.47
N LYS B 274 -4.06 -40.50 -17.35
CA LYS B 274 -4.12 -39.17 -17.95
C LYS B 274 -5.37 -39.01 -18.81
N GLN B 275 -5.79 -40.09 -19.48
CA GLN B 275 -7.03 -40.05 -20.26
C GLN B 275 -8.24 -39.86 -19.35
N LYS B 276 -8.30 -40.61 -18.25
CA LYS B 276 -9.41 -40.46 -17.31
C LYS B 276 -9.40 -39.08 -16.66
N LEU B 277 -8.21 -38.60 -16.26
CA LEU B 277 -8.12 -37.28 -15.64
C LEU B 277 -8.59 -36.20 -16.61
N GLU B 278 -8.23 -36.32 -17.88
CA GLU B 278 -8.63 -35.30 -18.86
C GLU B 278 -10.13 -35.31 -19.06
N ARG B 279 -10.75 -36.50 -19.08
CA ARG B 279 -12.21 -36.57 -19.16
C ARG B 279 -12.86 -35.97 -17.91
N CYS B 280 -12.21 -36.14 -16.75
CA CYS B 280 -12.75 -35.59 -15.52
C CYS B 280 -12.80 -34.07 -15.55
N HIS B 281 -11.79 -33.43 -16.13
CA HIS B 281 -11.76 -31.97 -16.21
C HIS B 281 -12.72 -31.46 -17.27
N SER B 282 -12.74 -32.09 -18.45
CA SER B 282 -13.57 -31.63 -19.55
C SER B 282 -15.06 -31.67 -19.21
N ALA B 283 -15.47 -32.59 -18.34
CA ALA B 283 -16.86 -32.61 -17.88
C ALA B 283 -17.17 -31.47 -16.92
N GLU B 284 -16.15 -30.82 -16.37
CA GLU B 284 -16.29 -29.68 -15.46
C GLU B 284 -17.25 -30.00 -14.32
N LEU B 285 -16.76 -30.88 -13.43
CA LEU B 285 -17.55 -31.33 -12.29
C LEU B 285 -17.68 -30.27 -11.20
N ALA B 286 -16.81 -29.24 -11.23
CA ALA B 286 -16.85 -28.23 -10.18
C ALA B 286 -18.20 -27.51 -10.14
N LEU B 287 -18.73 -27.14 -11.29
CA LEU B 287 -20.02 -26.47 -11.37
C LEU B 287 -20.63 -26.59 -12.76
N ALA C 17 17.06 -0.87 36.77
CA ALA C 17 17.78 -2.09 36.41
C ALA C 17 18.75 -1.84 35.27
N LEU C 18 19.98 -2.30 35.44
CA LEU C 18 21.03 -2.14 34.44
C LEU C 18 21.03 -3.33 33.49
N TYR C 19 21.66 -3.14 32.33
CA TYR C 19 21.71 -4.15 31.30
C TYR C 19 23.00 -4.96 31.39
N GLU C 20 22.90 -6.25 31.10
CA GLU C 20 24.04 -7.13 30.93
C GLU C 20 23.71 -8.12 29.82
N TYR C 21 24.69 -8.42 28.99
CA TYR C 21 24.43 -9.21 27.79
C TYR C 21 24.13 -10.66 28.14
N GLN C 22 22.99 -11.16 27.66
CA GLN C 22 22.60 -12.55 27.79
C GLN C 22 22.46 -13.16 26.39
N PRO C 23 23.18 -14.23 26.07
CA PRO C 23 23.06 -14.83 24.74
C PRO C 23 21.68 -15.44 24.53
N LEU C 24 21.18 -15.31 23.31
CA LEU C 24 19.89 -15.88 22.93
C LEU C 24 19.99 -17.41 22.88
N GLN C 25 19.08 -18.09 23.59
CA GLN C 25 19.13 -19.54 23.73
C GLN C 25 17.98 -20.15 22.94
N ILE C 26 18.31 -20.81 21.84
CA ILE C 26 17.36 -21.46 20.95
C ILE C 26 17.75 -22.91 20.79
N GLU C 27 16.79 -23.82 20.98
CA GLU C 27 17.06 -25.24 20.80
C GLU C 27 17.19 -25.60 19.33
N THR C 28 18.31 -26.25 18.97
CA THR C 28 18.55 -26.67 17.61
C THR C 28 18.19 -28.13 17.37
N TYR C 29 18.01 -28.93 18.43
CA TYR C 29 17.67 -30.35 18.32
C TYR C 29 18.72 -31.11 17.52
N GLY C 30 19.98 -30.74 17.69
CA GLY C 30 21.05 -31.37 16.95
C GLY C 30 22.40 -31.19 17.63
N PRO C 31 23.45 -31.76 17.03
CA PRO C 31 24.78 -31.70 17.64
C PRO C 31 25.27 -30.28 17.78
N HIS C 32 26.32 -30.13 18.59
CA HIS C 32 26.87 -28.81 18.88
C HIS C 32 27.63 -28.28 17.66
N VAL C 33 27.22 -27.11 17.19
CA VAL C 33 27.95 -26.44 16.12
C VAL C 33 29.21 -25.83 16.70
N PRO C 34 30.39 -26.08 16.13
CA PRO C 34 31.62 -25.52 16.69
C PRO C 34 31.59 -24.00 16.71
N GLU C 35 32.22 -23.43 17.73
CA GLU C 35 32.33 -21.98 17.84
C GLU C 35 33.12 -21.42 16.66
N LEU C 36 32.94 -20.11 16.43
CA LEU C 36 33.55 -19.48 15.27
C LEU C 36 35.07 -19.60 15.31
N GLU C 37 35.68 -19.49 16.49
CA GLU C 37 37.13 -19.57 16.57
C GLU C 37 37.64 -21.01 16.39
N MET C 38 36.81 -22.01 16.70
CA MET C 38 37.22 -23.39 16.45
C MET C 38 37.30 -23.69 14.96
N LEU C 39 36.49 -23.01 14.14
CA LEU C 39 36.52 -23.26 12.71
C LEU C 39 37.91 -23.08 12.13
N GLY C 40 38.65 -22.08 12.62
CA GLY C 40 39.97 -21.83 12.12
C GLY C 40 41.02 -22.80 12.62
N ARG C 41 41.15 -22.91 13.94
CA ARG C 41 42.26 -23.66 14.51
C ARG C 41 42.09 -25.17 14.37
N LEU C 42 40.85 -25.66 14.24
CA LEU C 42 40.64 -27.07 13.99
C LEU C 42 40.67 -27.44 12.52
N GLY C 43 40.76 -26.45 11.63
CA GLY C 43 40.91 -26.71 10.21
C GLY C 43 39.62 -26.87 9.43
N TYR C 44 38.47 -26.47 10.00
CA TYR C 44 37.22 -26.51 9.24
C TYR C 44 37.34 -25.71 7.95
N LEU C 45 38.02 -24.56 8.01
CA LEU C 45 38.10 -23.67 6.86
C LEU C 45 39.00 -24.19 5.75
N ASN C 46 39.79 -25.23 6.01
CA ASN C 46 40.58 -25.85 4.95
C ASN C 46 39.72 -26.58 3.92
N HIS C 47 38.45 -26.84 4.23
CA HIS C 47 37.59 -27.64 3.38
C HIS C 47 36.42 -26.85 2.83
N VAL C 48 36.54 -25.53 2.78
CA VAL C 48 35.60 -24.64 2.10
C VAL C 48 36.40 -23.77 1.15
N ARG C 49 35.77 -23.40 0.03
CA ARG C 49 36.42 -22.53 -0.94
C ARG C 49 36.89 -21.24 -0.28
N ALA C 50 38.15 -20.88 -0.53
CA ALA C 50 38.72 -19.67 0.04
C ALA C 50 38.09 -18.43 -0.61
N ALA C 51 37.83 -17.41 0.21
CA ALA C 51 37.19 -16.21 -0.28
C ALA C 51 38.18 -15.38 -1.10
N SER C 52 37.76 -14.98 -2.30
CA SER C 52 38.58 -14.13 -3.14
C SER C 52 38.70 -12.74 -2.53
N PRO C 53 39.76 -11.99 -2.88
CA PRO C 53 39.90 -10.64 -2.34
C PRO C 53 38.71 -9.74 -2.64
N GLN C 54 38.04 -9.94 -3.76
CA GLN C 54 36.83 -9.15 -4.03
C GLN C 54 35.73 -9.50 -3.04
N ASP C 55 35.68 -10.76 -2.58
CA ASP C 55 34.70 -11.15 -1.57
C ASP C 55 35.04 -10.55 -0.21
N LEU C 56 36.30 -10.68 0.21
CA LEU C 56 36.73 -10.07 1.47
C LEU C 56 36.49 -8.56 1.48
N ALA C 57 36.57 -7.93 0.31
CA ALA C 57 36.37 -6.48 0.23
C ALA C 57 34.96 -6.08 0.59
N GLY C 58 33.95 -6.90 0.28
CA GLY C 58 32.59 -6.64 0.67
C GLY C 58 32.17 -7.17 2.01
N GLY C 59 33.01 -7.99 2.66
CA GLY C 59 32.69 -8.55 3.95
C GLY C 59 32.42 -10.04 3.94
N TYR C 60 32.39 -10.67 2.77
CA TYR C 60 32.08 -12.09 2.68
C TYR C 60 33.34 -12.91 2.95
N THR C 61 33.25 -13.86 3.88
CA THR C 61 34.38 -14.69 4.25
C THR C 61 34.00 -16.16 4.12
N SER C 62 35.03 -17.01 4.10
CA SER C 62 34.80 -18.44 4.01
C SER C 62 34.17 -19.00 5.28
N SER C 63 34.39 -18.33 6.41
CA SER C 63 33.78 -18.77 7.66
C SER C 63 32.25 -18.62 7.63
N LEU C 64 31.73 -17.69 6.82
CA LEU C 64 30.29 -17.59 6.67
C LEU C 64 29.72 -18.83 6.00
N ALA C 65 30.31 -19.24 4.88
CA ALA C 65 29.84 -20.45 4.20
C ALA C 65 30.03 -21.68 5.07
N CYS C 66 31.18 -21.78 5.73
CA CYS C 66 31.44 -22.95 6.58
C CYS C 66 30.48 -23.01 7.75
N HIS C 67 30.22 -21.86 8.39
CA HIS C 67 29.39 -21.85 9.59
C HIS C 67 27.95 -22.21 9.27
N ARG C 68 27.39 -21.63 8.21
CA ARG C 68 26.00 -21.91 7.87
C ARG C 68 25.80 -23.35 7.44
N ALA C 69 26.74 -23.90 6.67
CA ALA C 69 26.64 -25.31 6.28
C ALA C 69 26.70 -26.21 7.50
N LEU C 70 27.56 -25.89 8.47
CA LEU C 70 27.63 -26.67 9.70
C LEU C 70 26.33 -26.57 10.50
N GLN C 71 25.75 -25.36 10.57
CA GLN C 71 24.53 -25.19 11.33
C GLN C 71 23.35 -25.90 10.68
N ASP C 72 23.23 -25.78 9.36
CA ASP C 72 22.15 -26.46 8.65
C ASP C 72 22.29 -27.97 8.73
N ALA C 73 23.52 -28.48 8.80
CA ALA C 73 23.73 -29.92 8.86
C ALA C 73 23.30 -30.49 10.20
N PHE C 74 23.52 -29.73 11.28
CA PHE C 74 23.18 -30.22 12.61
C PHE C 74 21.78 -29.82 13.06
N SER C 75 21.16 -28.85 12.41
CA SER C 75 19.84 -28.38 12.81
C SER C 75 18.80 -29.48 12.63
N GLY C 76 18.14 -29.83 13.72
CA GLY C 76 17.07 -30.81 13.67
C GLY C 76 17.50 -32.25 13.49
N LEU C 77 18.79 -32.55 13.61
CA LEU C 77 19.26 -33.92 13.45
C LEU C 77 18.57 -34.86 14.44
N PHE C 78 18.27 -34.37 15.64
CA PHE C 78 17.71 -35.20 16.69
C PHE C 78 16.22 -34.95 16.90
N TRP C 79 15.57 -34.18 16.04
CA TRP C 79 14.16 -33.88 16.21
C TRP C 79 13.31 -34.93 15.52
N GLN C 80 12.36 -35.49 16.25
CA GLN C 80 11.41 -36.45 15.70
C GLN C 80 9.99 -35.95 15.95
N PRO C 81 9.15 -35.78 14.92
CA PRO C 81 7.78 -35.27 15.08
C PRO C 81 6.95 -36.07 16.08
N GLN D 1 55.26 13.68 17.13
CA GLN D 1 55.07 12.86 15.94
C GLN D 1 54.52 11.48 16.31
N VAL D 2 53.57 10.99 15.50
CA VAL D 2 53.04 9.65 15.68
C VAL D 2 54.14 8.62 15.42
N GLN D 3 54.11 7.52 16.16
CA GLN D 3 55.13 6.49 16.03
C GLN D 3 54.63 5.18 16.59
N LEU D 4 54.78 4.11 15.81
CA LEU D 4 54.44 2.75 16.22
C LEU D 4 55.68 1.89 16.03
N VAL D 5 56.14 1.25 17.11
CA VAL D 5 57.40 0.51 17.11
C VAL D 5 57.08 -0.94 17.40
N GLU D 6 57.12 -1.79 16.36
CA GLU D 6 56.90 -3.21 16.55
C GLU D 6 58.17 -3.90 17.05
N SER D 7 57.98 -5.03 17.70
CA SER D 7 59.08 -5.84 18.19
C SER D 7 58.56 -7.25 18.47
N GLY D 8 59.49 -8.17 18.70
CA GLY D 8 59.16 -9.52 19.06
C GLY D 8 59.27 -10.54 17.95
N GLY D 9 59.63 -10.12 16.73
CA GLY D 9 59.75 -11.06 15.65
C GLY D 9 60.98 -11.92 15.75
N GLY D 10 60.98 -13.00 14.97
CA GLY D 10 62.10 -13.91 14.95
C GLY D 10 61.73 -15.18 14.20
N LEU D 11 62.63 -16.15 14.27
CA LEU D 11 62.43 -17.44 13.62
C LEU D 11 61.79 -18.41 14.60
N VAL D 12 60.69 -19.03 14.17
CA VAL D 12 59.95 -19.97 15.00
C VAL D 12 59.68 -21.23 14.17
N GLN D 13 59.61 -22.36 14.85
CA GLN D 13 59.37 -23.62 14.18
C GLN D 13 57.86 -23.84 14.01
N PRO D 14 57.44 -24.62 13.03
CA PRO D 14 56.01 -24.92 12.89
C PRO D 14 55.41 -25.47 14.17
N GLY D 15 54.28 -24.88 14.57
CA GLY D 15 53.65 -25.21 15.83
C GLY D 15 54.08 -24.37 17.01
N GLY D 16 55.11 -23.53 16.85
CA GLY D 16 55.61 -22.72 17.93
C GLY D 16 54.73 -21.51 18.22
N SER D 17 55.21 -20.66 19.13
CA SER D 17 54.47 -19.50 19.57
C SER D 17 55.37 -18.27 19.61
N LEU D 18 54.75 -17.10 19.43
CA LEU D 18 55.42 -15.81 19.48
C LEU D 18 54.43 -14.73 19.85
N ARG D 19 54.88 -13.76 20.62
CA ARG D 19 54.08 -12.59 20.97
C ARG D 19 54.76 -11.34 20.44
N LEU D 20 54.04 -10.56 19.66
CA LEU D 20 54.51 -9.31 19.11
C LEU D 20 54.03 -8.15 19.97
N SER D 21 54.85 -7.10 20.02
CA SER D 21 54.52 -5.89 20.79
C SER D 21 54.57 -4.68 19.86
N CYS D 22 53.82 -3.64 20.20
CA CYS D 22 53.82 -2.37 19.42
C CYS D 22 53.69 -1.22 20.40
N VAL D 23 54.75 -0.42 20.53
CA VAL D 23 54.69 0.76 21.43
C VAL D 23 54.25 1.97 20.62
N ALA D 24 53.16 2.58 21.03
CA ALA D 24 52.57 3.73 20.37
C ALA D 24 52.98 5.01 21.07
N SER D 25 53.18 6.07 20.28
CA SER D 25 53.55 7.37 20.81
C SER D 25 53.16 8.43 19.79
N GLY D 26 52.96 9.64 20.28
CA GLY D 26 52.57 10.76 19.42
C GLY D 26 51.08 10.96 19.27
N PHE D 27 50.27 10.03 19.75
CA PHE D 27 48.82 10.17 19.71
C PHE D 27 48.23 9.49 20.93
N THR D 28 46.92 9.68 21.13
CA THR D 28 46.22 9.12 22.28
C THR D 28 45.85 7.68 21.96
N PHE D 29 46.75 6.76 22.32
CA PHE D 29 46.60 5.36 21.94
C PHE D 29 45.26 4.77 22.42
N LYS D 30 44.81 5.18 23.61
CA LYS D 30 43.62 4.58 24.20
C LYS D 30 42.35 4.88 23.43
N ASN D 31 42.33 5.94 22.62
CA ASN D 31 41.11 6.41 21.99
C ASN D 31 40.88 5.83 20.60
N PHE D 32 41.69 4.88 20.15
CA PHE D 32 41.63 4.42 18.76
C PHE D 32 41.57 2.91 18.68
N TYR D 33 40.81 2.42 17.70
CA TYR D 33 40.88 1.02 17.32
C TYR D 33 42.25 0.73 16.74
N MET D 34 42.90 -0.31 17.25
CA MET D 34 44.21 -0.71 16.79
C MET D 34 44.13 -2.10 16.17
N GLY D 35 45.11 -2.42 15.35
CA GLY D 35 45.06 -3.71 14.68
C GLY D 35 46.42 -4.13 14.16
N TRP D 36 46.47 -5.38 13.69
CA TRP D 36 47.65 -5.95 13.08
C TRP D 36 47.36 -6.29 11.63
N VAL D 37 48.33 -6.02 10.77
CA VAL D 37 48.28 -6.36 9.35
C VAL D 37 49.61 -7.01 9.01
N ARG D 38 49.61 -7.86 7.98
CA ARG D 38 50.82 -8.56 7.58
C ARG D 38 50.93 -8.60 6.06
N GLN D 39 52.16 -8.65 5.58
CA GLN D 39 52.44 -8.71 4.15
C GLN D 39 53.55 -9.72 3.91
N ALA D 40 53.23 -10.78 3.15
CA ALA D 40 54.21 -11.75 2.69
C ALA D 40 54.73 -11.35 1.31
N PRO D 41 55.94 -11.77 0.93
CA PRO D 41 56.47 -11.39 -0.37
C PRO D 41 55.63 -11.97 -1.50
N ASP D 42 55.51 -11.20 -2.59
CA ASP D 42 54.67 -11.55 -3.74
C ASP D 42 53.22 -11.77 -3.34
N LYS D 43 52.76 -11.10 -2.28
CA LYS D 43 51.39 -11.20 -1.80
C LYS D 43 50.97 -9.85 -1.23
N GLY D 44 49.69 -9.53 -1.38
CA GLY D 44 49.17 -8.27 -0.94
C GLY D 44 48.98 -8.19 0.57
N LEU D 45 48.57 -7.01 1.03
CA LEU D 45 48.32 -6.81 2.45
C LEU D 45 47.17 -7.68 2.91
N GLU D 46 47.30 -8.21 4.13
CA GLU D 46 46.29 -9.10 4.71
C GLU D 46 45.96 -8.61 6.11
N TRP D 47 44.69 -8.23 6.31
CA TRP D 47 44.24 -7.88 7.65
C TRP D 47 44.31 -9.10 8.56
N VAL D 48 44.76 -8.90 9.79
CA VAL D 48 44.96 -9.98 10.76
C VAL D 48 43.97 -9.89 11.92
N ALA D 49 43.99 -8.79 12.66
CA ALA D 49 43.15 -8.66 13.84
C ALA D 49 42.98 -7.18 14.18
N THR D 50 41.87 -6.88 14.84
CA THR D 50 41.55 -5.53 15.29
C THR D 50 40.91 -5.59 16.66
N ILE D 51 41.21 -4.60 17.51
CA ILE D 51 40.64 -4.50 18.84
C ILE D 51 40.13 -3.09 19.05
N ASN D 52 39.03 -2.96 19.79
CA ASN D 52 38.42 -1.66 20.03
C ASN D 52 39.24 -0.86 21.04
N SER D 53 38.79 0.38 21.27
CA SER D 53 39.47 1.25 22.23
C SER D 53 39.45 0.65 23.63
N GLY D 54 38.27 0.22 24.09
CA GLY D 54 38.15 -0.34 25.43
C GLY D 54 38.77 -1.71 25.58
N GLY D 55 38.90 -2.46 24.49
CA GLY D 55 39.58 -3.74 24.51
C GLY D 55 38.72 -4.96 24.73
N GLU D 56 37.40 -4.79 24.91
CA GLU D 56 36.53 -5.91 25.26
C GLU D 56 36.05 -6.71 24.06
N ILE D 57 36.30 -6.26 22.84
CA ILE D 57 35.91 -6.99 21.65
C ILE D 57 37.08 -7.06 20.68
N GLN D 58 37.18 -8.17 19.96
CA GLN D 58 38.24 -8.39 18.98
C GLN D 58 37.67 -9.09 17.76
N SER D 59 38.28 -8.83 16.62
CA SER D 59 37.92 -9.47 15.36
C SER D 59 39.17 -10.01 14.70
N TYR D 60 39.06 -11.19 14.09
CA TYR D 60 40.21 -11.88 13.51
C TYR D 60 39.91 -12.32 12.09
N ALA D 61 40.96 -12.40 11.28
CA ALA D 61 40.82 -12.97 9.94
C ALA D 61 40.63 -14.48 10.02
N ASP D 62 40.03 -15.03 8.97
CA ASP D 62 39.79 -16.47 8.94
C ASP D 62 41.08 -17.27 9.01
N SER D 63 42.16 -16.76 8.44
CA SER D 63 43.41 -17.53 8.38
C SER D 63 44.07 -17.66 9.75
N VAL D 64 43.76 -16.78 10.70
CA VAL D 64 44.36 -16.80 12.02
C VAL D 64 43.34 -17.06 13.12
N LYS D 65 42.10 -17.36 12.74
CA LYS D 65 41.02 -17.53 13.73
C LYS D 65 41.30 -18.73 14.62
N GLY D 66 41.21 -18.52 15.94
CA GLY D 66 41.46 -19.56 16.90
C GLY D 66 42.90 -19.76 17.28
N ARG D 67 43.84 -19.16 16.55
CA ARG D 67 45.26 -19.29 16.85
C ARG D 67 45.89 -18.02 17.37
N PHE D 68 45.45 -16.85 16.89
CA PHE D 68 46.01 -15.59 17.34
C PHE D 68 45.10 -14.92 18.35
N THR D 69 45.69 -14.03 19.16
CA THR D 69 44.96 -13.30 20.18
C THR D 69 45.54 -11.89 20.27
N ILE D 70 44.72 -10.89 19.94
CA ILE D 70 45.14 -9.50 20.00
C ILE D 70 44.69 -8.91 21.33
N SER D 71 45.53 -8.09 21.93
CA SER D 71 45.23 -7.44 23.20
C SER D 71 45.95 -6.12 23.27
N ARG D 72 45.58 -5.30 24.26
CA ARG D 72 46.15 -3.97 24.40
C ARG D 72 46.23 -3.60 25.87
N ASP D 73 47.23 -2.78 26.19
CA ASP D 73 47.40 -2.19 27.51
C ASP D 73 47.41 -0.68 27.32
N ASN D 74 46.27 -0.03 27.55
CA ASN D 74 46.17 1.40 27.31
C ASN D 74 47.05 2.20 28.24
N ALA D 75 47.35 1.67 29.43
CA ALA D 75 48.22 2.38 30.36
C ALA D 75 49.66 2.40 29.85
N LYS D 76 50.10 1.31 29.24
CA LYS D 76 51.46 1.21 28.71
C LYS D 76 51.55 1.57 27.23
N ASN D 77 50.42 1.91 26.60
CA ASN D 77 50.38 2.30 25.19
C ASN D 77 51.02 1.24 24.30
N THR D 78 50.73 -0.02 24.57
CA THR D 78 51.27 -1.13 23.80
C THR D 78 50.14 -2.00 23.26
N LEU D 79 50.37 -2.56 22.08
CA LEU D 79 49.46 -3.50 21.43
C LEU D 79 50.19 -4.84 21.30
N TYR D 80 49.45 -5.92 21.53
CA TYR D 80 50.02 -7.26 21.55
C TYR D 80 49.34 -8.15 20.51
N LEU D 81 50.08 -9.16 20.05
CA LEU D 81 49.55 -10.17 19.15
C LEU D 81 50.15 -11.51 19.58
N GLN D 82 49.38 -12.29 20.34
CA GLN D 82 49.79 -13.63 20.70
C GLN D 82 49.50 -14.57 19.54
N MET D 83 50.53 -15.28 19.09
CA MET D 83 50.44 -16.16 17.94
C MET D 83 50.78 -17.58 18.37
N ASN D 84 49.80 -18.48 18.28
CA ASN D 84 49.96 -19.88 18.66
C ASN D 84 49.77 -20.77 17.45
N ASN D 85 50.38 -21.96 17.50
CA ASN D 85 50.36 -22.94 16.42
C ASN D 85 50.69 -22.27 15.08
N LEU D 86 51.88 -21.67 15.04
CA LEU D 86 52.30 -20.96 13.84
C LEU D 86 52.58 -21.95 12.71
N ARG D 87 52.05 -21.65 11.54
CA ARG D 87 52.23 -22.43 10.32
C ARG D 87 53.16 -21.70 9.37
N PRO D 88 53.75 -22.41 8.41
CA PRO D 88 54.63 -21.73 7.43
C PRO D 88 53.94 -20.62 6.67
N GLU D 89 52.62 -20.71 6.45
CA GLU D 89 51.91 -19.66 5.73
C GLU D 89 51.72 -18.39 6.56
N ASP D 90 52.07 -18.42 7.86
CA ASP D 90 52.03 -17.22 8.67
C ASP D 90 53.26 -16.34 8.50
N THR D 91 54.26 -16.80 7.75
CA THR D 91 55.46 -16.01 7.52
C THR D 91 55.12 -14.76 6.72
N ALA D 92 55.48 -13.60 7.27
CA ALA D 92 55.23 -12.30 6.68
C ALA D 92 55.84 -11.24 7.60
N VAL D 93 55.90 -10.01 7.11
CA VAL D 93 56.20 -8.88 7.97
C VAL D 93 54.90 -8.42 8.62
N TYR D 94 54.94 -8.21 9.94
CA TYR D 94 53.75 -7.88 10.71
C TYR D 94 53.80 -6.41 11.11
N TYR D 95 52.70 -5.74 10.90
CA TYR D 95 52.68 -4.29 11.15
C TYR D 95 51.55 -3.88 12.09
N CYS D 96 51.89 -3.06 13.07
CA CYS D 96 50.88 -2.46 13.96
C CYS D 96 50.20 -1.35 13.17
N SER D 97 48.90 -1.23 13.25
CA SER D 97 48.16 -0.25 12.42
C SER D 97 47.09 0.48 13.23
N LYS D 98 46.92 1.78 12.98
CA LYS D 98 45.82 2.54 13.61
C LYS D 98 44.64 2.28 12.69
N GLN D 99 43.65 1.53 13.16
CA GLN D 99 42.57 1.07 12.30
C GLN D 99 41.42 2.07 12.16
N SER D 100 41.54 3.27 12.73
CA SER D 100 40.46 4.25 12.62
C SER D 100 41.03 5.65 12.45
N SER D 101 40.31 6.47 11.69
CA SER D 101 40.61 7.90 11.49
C SER D 101 41.95 8.02 10.77
N THR D 102 42.79 8.98 11.15
CA THR D 102 44.06 9.20 10.48
C THR D 102 44.91 7.94 10.50
N PRO D 103 45.40 7.48 9.36
CA PRO D 103 46.10 6.19 9.31
C PRO D 103 47.50 6.28 9.90
N ALA D 104 47.94 5.16 10.47
CA ALA D 104 49.29 5.06 11.01
C ALA D 104 49.72 3.60 10.94
N LYS D 105 51.00 3.41 10.59
CA LYS D 105 51.58 2.07 10.53
C LYS D 105 53.04 2.15 10.93
N GLY D 106 53.52 1.16 11.65
CA GLY D 106 54.90 1.11 12.07
C GLY D 106 55.79 0.63 10.95
N GLN D 107 57.01 0.26 11.33
CA GLN D 107 57.99 -0.21 10.35
C GLN D 107 57.89 -1.71 10.09
N GLY D 108 57.43 -2.48 11.06
CA GLY D 108 57.18 -3.89 10.86
C GLY D 108 58.23 -4.75 11.54
N THR D 109 57.80 -5.93 11.98
CA THR D 109 58.69 -6.94 12.52
C THR D 109 58.51 -8.25 11.75
N GLN D 110 59.61 -8.91 11.45
CA GLN D 110 59.60 -10.09 10.59
C GLN D 110 59.34 -11.35 11.41
N VAL D 111 58.30 -12.09 11.04
CA VAL D 111 58.01 -13.40 11.64
C VAL D 111 58.23 -14.44 10.56
N THR D 112 59.08 -15.42 10.84
CA THR D 112 59.42 -16.47 9.88
C THR D 112 59.17 -17.82 10.54
N VAL D 113 58.32 -18.63 9.90
CA VAL D 113 58.01 -19.98 10.36
C VAL D 113 58.57 -20.97 9.35
N SER D 114 59.50 -21.82 9.80
CA SER D 114 60.16 -22.76 8.91
C SER D 114 59.40 -24.07 8.81
N ALA E 51 -9.31 0.72 14.09
CA ALA E 51 -10.70 1.11 14.08
C ALA E 51 -11.56 0.08 14.78
N LYS E 52 -12.17 0.48 15.90
CA LYS E 52 -13.06 -0.44 16.62
C LYS E 52 -14.45 -0.47 16.00
N ASP E 53 -14.67 0.19 14.87
CA ASP E 53 -15.91 -0.05 14.15
C ASP E 53 -15.58 -1.10 13.10
N GLY E 54 -16.23 -1.04 11.94
CA GLY E 54 -15.92 -2.01 10.91
C GLY E 54 -14.74 -1.63 10.05
N ILE E 55 -14.96 -1.62 8.74
CA ILE E 55 -13.91 -1.36 7.78
C ILE E 55 -13.63 0.13 7.76
N ASN E 56 -12.35 0.48 7.61
CA ASN E 56 -11.91 1.87 7.66
C ASN E 56 -12.74 2.75 6.72
N ARG E 57 -13.29 3.82 7.29
CA ARG E 57 -14.13 4.73 6.50
C ARG E 57 -13.34 5.46 5.44
N THR E 58 -12.05 5.72 5.68
CA THR E 58 -11.23 6.36 4.65
C THR E 58 -11.10 5.46 3.43
N ALA E 59 -10.91 4.16 3.64
CA ALA E 59 -10.86 3.22 2.54
C ALA E 59 -12.21 3.12 1.83
N LEU E 60 -13.31 3.25 2.57
CA LEU E 60 -14.62 3.25 1.94
C LEU E 60 -14.83 4.47 1.05
N ARG E 61 -14.29 5.62 1.44
CA ARG E 61 -14.37 6.81 0.59
C ARG E 61 -13.68 6.57 -0.75
N GLU E 62 -12.48 5.99 -0.72
CA GLU E 62 -11.76 5.74 -1.96
C GLU E 62 -12.50 4.75 -2.84
N ILE E 63 -13.06 3.70 -2.24
CA ILE E 63 -13.80 2.70 -3.01
C ILE E 63 -15.05 3.32 -3.63
N LYS E 64 -15.91 3.90 -2.79
CA LYS E 64 -17.22 4.34 -3.27
C LYS E 64 -17.11 5.42 -4.34
N LEU E 65 -16.08 6.26 -4.28
CA LEU E 65 -15.96 7.35 -5.25
C LEU E 65 -15.24 6.89 -6.51
N LEU E 66 -14.04 6.33 -6.37
CA LEU E 66 -13.27 5.93 -7.55
C LEU E 66 -13.94 4.83 -8.35
N GLN E 67 -14.89 4.10 -7.75
CA GLN E 67 -15.65 3.10 -8.48
C GLN E 67 -16.64 3.74 -9.44
N GLU E 68 -16.88 5.05 -9.34
CA GLU E 68 -17.83 5.74 -10.19
C GLU E 68 -17.17 6.68 -11.19
N LEU E 69 -15.84 6.77 -11.18
CA LEU E 69 -15.11 7.75 -11.98
C LEU E 69 -14.14 7.03 -12.91
N SER E 70 -13.98 7.58 -14.11
CA SER E 70 -13.03 7.06 -15.09
C SER E 70 -12.55 8.22 -15.95
N HIS E 71 -11.28 8.61 -15.77
CA HIS E 71 -10.72 9.72 -16.51
C HIS E 71 -9.21 9.59 -16.52
N PRO E 72 -8.53 9.92 -17.62
CA PRO E 72 -7.08 9.73 -17.68
C PRO E 72 -6.30 10.46 -16.59
N ASN E 73 -6.81 11.59 -16.09
CA ASN E 73 -6.11 12.37 -15.10
C ASN E 73 -6.66 12.16 -13.69
N ILE E 74 -7.32 11.03 -13.45
CA ILE E 74 -7.78 10.64 -12.13
C ILE E 74 -7.36 9.19 -11.90
N ILE E 75 -6.76 8.93 -10.73
CA ILE E 75 -6.24 7.59 -10.46
C ILE E 75 -7.36 6.57 -10.59
N GLY E 76 -7.02 5.40 -11.14
CA GLY E 76 -7.99 4.35 -11.34
C GLY E 76 -7.88 3.28 -10.26
N LEU E 77 -9.03 2.78 -9.82
CA LEU E 77 -9.08 1.68 -8.87
C LEU E 77 -9.09 0.38 -9.66
N LEU E 78 -8.01 -0.39 -9.57
CA LEU E 78 -7.89 -1.61 -10.34
C LEU E 78 -8.47 -2.82 -9.63
N ASP E 79 -8.39 -2.86 -8.30
CA ASP E 79 -8.90 -3.99 -7.55
C ASP E 79 -9.11 -3.57 -6.11
N ALA E 80 -10.06 -4.21 -5.45
CA ALA E 80 -10.30 -4.03 -4.03
C ALA E 80 -10.73 -5.37 -3.44
N PHE E 81 -10.16 -5.72 -2.29
CA PHE E 81 -10.45 -7.00 -1.67
C PHE E 81 -10.15 -6.89 -0.18
N GLY E 82 -10.68 -7.85 0.57
CA GLY E 82 -10.55 -7.80 2.02
C GLY E 82 -10.51 -9.18 2.63
N HIS E 83 -10.33 -9.20 3.95
CA HIS E 83 -10.31 -10.42 4.74
C HIS E 83 -10.52 -10.00 6.19
N LYS E 84 -11.57 -10.52 6.83
CA LYS E 84 -11.98 -10.12 8.18
C LYS E 84 -12.36 -8.65 8.12
N SER E 85 -11.72 -7.76 8.88
CA SER E 85 -12.00 -6.33 8.83
C SER E 85 -10.89 -5.55 8.14
N ASN E 86 -9.94 -6.24 7.51
CA ASN E 86 -8.90 -5.60 6.72
C ASN E 86 -9.32 -5.48 5.27
N ILE E 87 -8.82 -4.43 4.61
CA ILE E 87 -9.20 -4.11 3.24
C ILE E 87 -7.95 -3.64 2.51
N SER E 88 -7.90 -3.92 1.21
CA SER E 88 -6.74 -3.58 0.40
C SER E 88 -7.19 -3.01 -0.94
N LEU E 89 -6.59 -1.90 -1.35
CA LEU E 89 -6.93 -1.23 -2.59
C LEU E 89 -5.74 -1.28 -3.54
N VAL E 90 -6.02 -1.45 -4.83
CA VAL E 90 -4.99 -1.50 -5.86
C VAL E 90 -5.32 -0.46 -6.92
N PHE E 91 -4.34 0.36 -7.27
CA PHE E 91 -4.51 1.44 -8.22
C PHE E 91 -3.56 1.27 -9.40
N ASP E 92 -3.71 2.17 -10.38
CA ASP E 92 -2.74 2.26 -11.47
C ASP E 92 -1.33 2.39 -10.91
N PHE E 93 -0.38 1.72 -11.55
CA PHE E 93 1.00 1.83 -11.12
C PHE E 93 1.57 3.16 -11.60
N MET E 94 1.98 3.99 -10.66
CA MET E 94 2.55 5.30 -10.96
C MET E 94 4.04 5.29 -10.62
N GLU E 95 4.81 6.09 -11.34
CA GLU E 95 6.25 6.11 -11.16
C GLU E 95 6.68 7.13 -10.11
N THR E 96 6.15 8.35 -10.19
CA THR E 96 6.57 9.42 -9.30
C THR E 96 5.39 10.35 -9.05
N ASP E 97 5.59 11.32 -8.16
CA ASP E 97 4.61 12.36 -7.90
C ASP E 97 5.23 13.74 -8.10
N LEU E 98 4.38 14.77 -8.03
CA LEU E 98 4.82 16.12 -8.33
C LEU E 98 5.72 16.71 -7.26
N GLU E 99 5.68 16.19 -6.04
CA GLU E 99 6.47 16.78 -4.96
C GLU E 99 7.96 16.51 -5.12
N VAL E 100 8.33 15.27 -5.45
CA VAL E 100 9.74 14.96 -5.67
C VAL E 100 10.25 15.69 -6.91
N ILE E 101 9.39 15.89 -7.92
CA ILE E 101 9.77 16.69 -9.08
C ILE E 101 10.07 18.11 -8.65
N ILE E 102 9.26 18.67 -7.75
CA ILE E 102 9.51 20.02 -7.24
C ILE E 102 10.79 20.04 -6.41
N LYS E 103 11.02 18.99 -5.62
CA LYS E 103 12.17 18.94 -4.73
C LYS E 103 13.46 18.51 -5.41
N ASP E 104 13.41 18.07 -6.66
CA ASP E 104 14.60 17.61 -7.37
C ASP E 104 15.39 18.84 -7.84
N ASN E 105 16.49 19.14 -7.14
CA ASN E 105 17.30 20.30 -7.50
C ASN E 105 17.93 20.16 -8.88
N SER E 106 18.16 18.94 -9.33
CA SER E 106 18.72 18.72 -10.66
C SER E 106 17.69 18.91 -11.77
N LEU E 107 16.41 18.90 -11.44
CA LEU E 107 15.34 18.99 -12.43
C LEU E 107 15.02 20.45 -12.73
N VAL E 108 15.02 20.79 -14.02
CA VAL E 108 14.71 22.14 -14.47
C VAL E 108 13.28 22.18 -14.98
N LEU E 109 12.48 23.07 -14.41
CA LEU E 109 11.06 23.18 -14.76
C LEU E 109 10.90 24.35 -15.73
N THR E 110 10.75 24.03 -17.01
CA THR E 110 10.53 25.02 -18.04
C THR E 110 9.07 25.47 -18.04
N PRO E 111 8.77 26.63 -18.63
CA PRO E 111 7.36 27.02 -18.78
C PRO E 111 6.48 25.96 -19.40
N SER E 112 7.02 25.15 -20.32
CA SER E 112 6.22 24.08 -20.91
C SER E 112 5.98 22.95 -19.91
N HIS E 113 6.96 22.66 -19.06
CA HIS E 113 6.77 21.65 -18.03
C HIS E 113 5.65 22.05 -17.07
N ILE E 114 5.70 23.28 -16.55
CA ILE E 114 4.70 23.73 -15.58
C ILE E 114 3.33 23.79 -16.22
N LYS E 115 3.26 24.24 -17.48
CA LYS E 115 1.96 24.32 -18.15
C LYS E 115 1.34 22.95 -18.36
N ALA E 116 2.15 21.92 -18.60
CA ALA E 116 1.63 20.58 -18.82
C ALA E 116 1.07 19.98 -17.53
N TYR E 117 1.78 20.16 -16.42
CA TYR E 117 1.29 19.66 -15.14
C TYR E 117 -0.02 20.35 -14.75
N MET E 118 -0.11 21.66 -14.97
CA MET E 118 -1.33 22.39 -14.64
C MET E 118 -2.48 22.00 -15.56
N LEU E 119 -2.19 21.72 -16.83
CA LEU E 119 -3.23 21.32 -17.76
C LEU E 119 -3.84 19.99 -17.35
N MET E 120 -3.00 19.01 -17.02
CA MET E 120 -3.51 17.69 -16.65
C MET E 120 -4.23 17.71 -15.31
N THR E 121 -3.75 18.51 -14.37
CA THR E 121 -4.41 18.63 -13.08
C THR E 121 -5.81 19.22 -13.23
N LEU E 122 -5.93 20.31 -13.97
CA LEU E 122 -7.23 20.97 -14.14
C LEU E 122 -8.18 20.13 -14.97
N GLN E 123 -7.66 19.33 -15.91
CA GLN E 123 -8.53 18.47 -16.70
C GLN E 123 -9.14 17.37 -15.83
N GLY E 124 -8.36 16.78 -14.94
CA GLY E 124 -8.92 15.81 -14.00
C GLY E 124 -9.86 16.46 -13.00
N LEU E 125 -9.54 17.68 -12.58
CA LEU E 125 -10.40 18.38 -11.62
C LEU E 125 -11.71 18.81 -12.26
N GLU E 126 -11.67 19.24 -13.53
CA GLU E 126 -12.89 19.58 -14.24
C GLU E 126 -13.84 18.38 -14.32
N TYR E 127 -13.30 17.19 -14.62
CA TYR E 127 -14.12 15.98 -14.62
C TYR E 127 -14.68 15.71 -13.24
N LEU E 128 -13.86 15.87 -12.20
CA LEU E 128 -14.31 15.63 -10.84
C LEU E 128 -15.48 16.54 -10.49
N HIS E 129 -15.34 17.83 -10.76
CA HIS E 129 -16.36 18.80 -10.34
C HIS E 129 -17.63 18.69 -11.18
N GLN E 130 -17.52 18.23 -12.43
CA GLN E 130 -18.73 17.96 -13.20
C GLN E 130 -19.53 16.79 -12.64
N HIS E 131 -18.88 15.90 -11.89
CA HIS E 131 -19.57 14.83 -11.20
C HIS E 131 -19.86 15.17 -9.74
N TRP E 132 -19.78 16.46 -9.38
CA TRP E 132 -20.18 16.96 -8.07
C TRP E 132 -19.39 16.29 -6.94
N ILE E 133 -18.07 16.21 -7.13
CA ILE E 133 -17.18 15.66 -6.12
C ILE E 133 -16.07 16.65 -5.87
N LEU E 134 -15.82 16.97 -4.60
CA LEU E 134 -14.68 17.76 -4.18
C LEU E 134 -13.56 16.83 -3.75
N HIS E 135 -12.33 17.15 -4.17
CA HIS E 135 -11.19 16.32 -3.77
C HIS E 135 -10.77 16.61 -2.33
N ARG E 136 -10.64 17.89 -1.98
CA ARG E 136 -10.41 18.36 -0.62
C ARG E 136 -9.07 17.92 -0.04
N ASP E 137 -8.11 17.55 -0.87
CA ASP E 137 -6.76 17.30 -0.39
C ASP E 137 -5.74 17.44 -1.50
N LEU E 138 -5.88 18.49 -2.32
CA LEU E 138 -4.94 18.70 -3.42
C LEU E 138 -3.59 19.18 -2.89
N LYS E 139 -2.53 18.54 -3.35
CA LYS E 139 -1.15 18.92 -3.03
C LYS E 139 -0.23 18.12 -3.95
N PRO E 140 1.01 18.57 -4.13
CA PRO E 140 1.93 17.84 -5.03
C PRO E 140 2.11 16.38 -4.66
N ASN E 141 2.02 16.04 -3.37
CA ASN E 141 2.11 14.64 -2.95
C ASN E 141 1.04 13.79 -3.63
N ASN E 142 -0.14 14.35 -3.86
CA ASN E 142 -1.28 13.59 -4.38
C ASN E 142 -1.47 13.76 -5.88
N LEU E 143 -0.48 14.28 -6.59
CA LEU E 143 -0.49 14.35 -8.05
C LEU E 143 0.60 13.43 -8.56
N LEU E 144 0.21 12.23 -8.99
CA LEU E 144 1.14 11.19 -9.42
C LEU E 144 1.31 11.21 -10.93
N LEU E 145 2.47 10.74 -11.38
CA LEU E 145 2.78 10.65 -12.80
C LEU E 145 3.23 9.23 -13.13
N ASP E 146 2.69 8.68 -14.21
CA ASP E 146 3.09 7.34 -14.66
C ASP E 146 4.37 7.46 -15.49
N GLU E 147 4.75 6.35 -16.13
CA GLU E 147 5.95 6.33 -16.95
C GLU E 147 5.80 7.08 -18.26
N ASN E 148 4.57 7.49 -18.61
CA ASN E 148 4.31 8.21 -19.85
C ASN E 148 4.03 9.68 -19.62
N GLY E 149 4.34 10.19 -18.43
CA GLY E 149 4.07 11.59 -18.14
C GLY E 149 2.60 11.93 -18.04
N VAL E 150 1.78 10.99 -17.60
CA VAL E 150 0.35 11.23 -17.41
C VAL E 150 0.11 11.48 -15.93
N LEU E 151 -0.33 12.71 -15.62
CA LEU E 151 -0.61 13.09 -14.24
C LEU E 151 -2.02 12.66 -13.87
N LYS E 152 -2.15 12.12 -12.65
CA LYS E 152 -3.43 11.63 -12.15
C LYS E 152 -3.64 12.14 -10.74
N LEU E 153 -4.83 12.64 -10.45
CA LEU E 153 -5.18 13.01 -9.09
C LEU E 153 -5.33 11.76 -8.23
N ALA E 154 -4.74 11.79 -7.04
CA ALA E 154 -4.65 10.61 -6.19
C ALA E 154 -5.12 10.94 -4.78
N ASP E 155 -4.88 10.02 -3.84
CA ASP E 155 -5.39 10.04 -2.47
C ASP E 155 -6.75 10.71 -2.35
N PHE E 156 -7.81 9.90 -2.38
CA PHE E 156 -9.18 10.37 -2.25
C PHE E 156 -9.74 10.16 -0.85
N GLY E 157 -8.88 10.10 0.16
CA GLY E 157 -9.33 9.85 1.53
C GLY E 157 -10.13 10.99 2.13
N LEU E 158 -10.07 12.18 1.52
CA LEU E 158 -10.86 13.31 1.98
C LEU E 158 -11.91 13.75 0.97
N ALA E 159 -12.02 13.08 -0.17
CA ALA E 159 -12.97 13.46 -1.19
C ALA E 159 -14.40 13.21 -0.74
N LYS E 160 -15.32 14.01 -1.26
CA LYS E 160 -16.71 13.96 -0.85
C LYS E 160 -17.56 14.66 -1.89
N SER E 161 -18.76 14.15 -2.12
CA SER E 161 -19.70 14.80 -3.03
C SER E 161 -20.29 16.04 -2.37
N PHE E 162 -20.67 17.01 -3.21
CA PHE E 162 -21.17 18.29 -2.71
C PHE E 162 -22.34 18.75 -3.57
N GLY E 163 -22.99 19.82 -3.12
CA GLY E 163 -24.11 20.40 -3.84
C GLY E 163 -25.46 20.24 -3.17
N PRO E 165 -28.03 21.00 -0.08
CA PRO E 165 -28.28 22.05 0.93
C PRO E 165 -28.51 21.48 2.33
N ASN E 166 -28.83 20.19 2.39
CA ASN E 166 -29.17 19.53 3.64
C ASN E 166 -27.98 18.84 4.29
N ARG E 167 -26.79 18.98 3.71
CA ARG E 167 -25.60 18.30 4.20
C ARG E 167 -24.65 19.32 4.80
N ALA E 168 -24.13 19.02 5.99
CA ALA E 168 -23.07 19.82 6.58
C ALA E 168 -21.73 19.19 6.25
N TYR E 169 -20.73 20.02 6.02
CA TYR E 169 -19.40 19.56 5.61
C TYR E 169 -18.32 19.97 6.60
N HIS E 171 -14.96 21.51 7.94
CA HIS E 171 -14.15 22.65 7.52
C HIS E 171 -12.65 22.36 7.67
N GLN E 172 -12.33 21.34 8.46
CA GLN E 172 -10.93 20.93 8.66
C GLN E 172 -10.52 19.91 7.61
N VAL E 173 -10.57 20.35 6.35
CA VAL E 173 -10.17 19.55 5.21
C VAL E 173 -9.06 20.29 4.46
N VAL E 174 -8.38 19.56 3.57
CA VAL E 174 -7.23 20.03 2.79
C VAL E 174 -6.05 20.27 3.71
N THR E 175 -4.88 19.75 3.34
CA THR E 175 -3.66 20.01 4.09
C THR E 175 -3.46 21.51 4.27
N ARG E 176 -3.10 21.90 5.50
CA ARG E 176 -3.17 23.30 5.90
C ARG E 176 -2.52 24.25 4.91
N TRP E 177 -1.32 23.91 4.41
CA TRP E 177 -0.59 24.79 3.52
C TRP E 177 -1.38 25.12 2.26
N TYR E 178 -2.33 24.29 1.87
CA TYR E 178 -3.10 24.47 0.65
C TYR E 178 -4.57 24.76 0.92
N ARG E 179 -4.93 25.06 2.17
CA ARG E 179 -6.32 25.20 2.58
C ARG E 179 -6.83 26.60 2.28
N ALA E 180 -8.02 26.68 1.70
CA ALA E 180 -8.61 27.96 1.37
C ALA E 180 -8.96 28.74 2.63
N PRO E 181 -8.96 30.08 2.55
CA PRO E 181 -9.25 30.87 3.77
C PRO E 181 -10.65 30.67 4.33
N GLU E 182 -11.64 30.39 3.48
CA GLU E 182 -13.00 30.16 3.99
C GLU E 182 -13.05 28.90 4.86
N LEU E 183 -12.20 27.91 4.57
CA LEU E 183 -12.13 26.73 5.43
C LEU E 183 -11.46 27.06 6.76
N LEU E 184 -10.40 27.87 6.72
CA LEU E 184 -9.75 28.29 7.95
C LEU E 184 -10.68 29.14 8.82
N PHE E 185 -11.65 29.81 8.21
CA PHE E 185 -12.66 30.56 8.95
C PHE E 185 -13.86 29.69 9.33
N GLY E 186 -13.77 28.37 9.14
CA GLY E 186 -14.78 27.47 9.65
C GLY E 186 -16.02 27.29 8.81
N ALA E 187 -15.92 27.44 7.49
CA ALA E 187 -17.08 27.28 6.63
C ALA E 187 -17.56 25.83 6.64
N ARG E 188 -18.85 25.64 6.89
CA ARG E 188 -19.46 24.32 6.86
C ARG E 188 -20.26 24.07 5.59
N MET E 189 -20.28 25.02 4.67
CA MET E 189 -20.93 24.87 3.37
C MET E 189 -20.05 25.59 2.35
N TYR E 190 -19.53 24.86 1.37
CA TYR E 190 -18.59 25.44 0.42
C TYR E 190 -18.70 24.72 -0.92
N GLY E 191 -17.84 25.13 -1.86
CA GLY E 191 -17.85 24.59 -3.19
C GLY E 191 -16.47 24.34 -3.76
N VAL E 192 -16.32 24.46 -5.08
CA VAL E 192 -15.08 24.11 -5.76
C VAL E 192 -13.90 24.99 -5.37
N GLY E 193 -14.15 26.12 -4.70
CA GLY E 193 -13.06 26.99 -4.29
C GLY E 193 -12.05 26.31 -3.37
N VAL E 194 -12.50 25.32 -2.59
CA VAL E 194 -11.59 24.63 -1.70
C VAL E 194 -10.56 23.82 -2.47
N ASP E 195 -10.89 23.42 -3.71
CA ASP E 195 -9.91 22.78 -4.57
C ASP E 195 -9.13 23.77 -5.41
N MET E 196 -9.79 24.82 -5.89
CA MET E 196 -9.12 25.77 -6.78
C MET E 196 -8.05 26.56 -6.04
N TRP E 197 -8.32 26.93 -4.79
CA TRP E 197 -7.30 27.61 -3.99
C TRP E 197 -6.07 26.73 -3.84
N ALA E 198 -6.27 25.43 -3.62
CA ALA E 198 -5.14 24.50 -3.53
C ALA E 198 -4.39 24.42 -4.84
N VAL E 199 -5.10 24.53 -5.96
CA VAL E 199 -4.43 24.53 -7.27
C VAL E 199 -3.52 25.74 -7.39
N GLY E 200 -3.96 26.89 -6.88
CA GLY E 200 -3.09 28.05 -6.86
C GLY E 200 -1.85 27.85 -6.01
N CYS E 201 -2.01 27.18 -4.86
CA CYS E 201 -0.86 26.92 -4.00
C CYS E 201 0.10 25.90 -4.63
N ILE E 202 -0.42 24.97 -5.42
CA ILE E 202 0.44 24.02 -6.11
C ILE E 202 1.20 24.70 -7.24
N LEU E 203 0.51 25.55 -8.00
CA LEU E 203 1.18 26.32 -9.05
C LEU E 203 2.26 27.23 -8.46
N ALA E 204 1.99 27.82 -7.31
CA ALA E 204 2.99 28.67 -6.65
C ALA E 204 4.19 27.84 -6.21
N GLU E 205 3.96 26.60 -5.77
CA GLU E 205 5.07 25.73 -5.42
C GLU E 205 5.79 25.22 -6.66
N LEU E 206 5.09 25.14 -7.78
CA LEU E 206 5.73 24.82 -9.06
C LEU E 206 6.69 25.94 -9.47
N LEU E 207 6.28 27.20 -9.30
CA LEU E 207 7.10 28.32 -9.72
C LEU E 207 8.23 28.61 -8.75
N LEU E 208 7.99 28.46 -7.44
CA LEU E 208 8.97 28.82 -6.43
C LEU E 208 9.83 27.64 -5.99
N ARG E 209 9.47 26.41 -6.37
CA ARG E 209 10.18 25.20 -5.95
C ARG E 209 10.21 25.07 -4.42
N VAL E 210 9.25 25.67 -3.75
CA VAL E 210 9.21 25.71 -2.29
C VAL E 210 7.77 25.89 -1.83
N PRO E 211 7.39 25.37 -0.66
CA PRO E 211 6.00 25.58 -0.18
C PRO E 211 5.67 27.06 -0.08
N PHE E 212 4.58 27.45 -0.76
CA PHE E 212 4.24 28.86 -0.90
C PHE E 212 3.88 29.49 0.45
N LEU E 213 2.97 28.88 1.18
CA LEU E 213 2.46 29.42 2.45
C LEU E 213 2.58 28.35 3.52
N PRO E 214 3.76 28.22 4.14
CA PRO E 214 4.00 27.16 5.15
C PRO E 214 3.59 27.58 6.56
N GLY E 215 2.30 27.48 6.85
CA GLY E 215 1.79 27.89 8.14
C GLY E 215 2.06 26.87 9.22
N ASP E 216 2.33 27.38 10.43
CA ASP E 216 2.55 26.50 11.58
C ASP E 216 1.24 26.04 12.20
N SER E 217 0.18 26.85 12.08
CA SER E 217 -1.12 26.55 12.65
C SER E 217 -2.18 27.14 11.75
N ASP E 218 -3.45 26.91 12.11
CA ASP E 218 -4.55 27.46 11.32
C ASP E 218 -4.53 28.99 11.35
N LEU E 219 -4.18 29.57 12.50
CA LEU E 219 -4.08 31.03 12.57
C LEU E 219 -2.84 31.52 11.85
N ASP E 220 -1.72 30.80 11.97
CA ASP E 220 -0.51 31.17 11.25
C ASP E 220 -0.68 31.05 9.75
N GLN E 221 -1.45 30.05 9.30
CA GLN E 221 -1.76 29.93 7.88
C GLN E 221 -2.57 31.14 7.40
N LEU E 222 -3.49 31.63 8.23
CA LEU E 222 -4.30 32.78 7.86
C LEU E 222 -3.46 34.05 7.78
N THR E 223 -2.54 34.26 8.74
CA THR E 223 -1.68 35.43 8.67
C THR E 223 -0.83 35.42 7.40
N ARG E 224 -0.27 34.25 7.06
CA ARG E 224 0.57 34.14 5.87
C ARG E 224 -0.23 34.43 4.61
N ILE E 225 -1.47 33.94 4.54
CA ILE E 225 -2.34 34.25 3.40
C ILE E 225 -2.55 35.75 3.30
N PHE E 226 -2.81 36.39 4.45
CA PHE E 226 -3.18 37.81 4.45
C PHE E 226 -1.97 38.72 4.33
N GLU E 227 -0.85 38.35 4.94
CA GLU E 227 0.34 39.19 4.80
C GLU E 227 1.01 39.04 3.44
N THR E 228 0.68 37.98 2.69
CA THR E 228 1.23 37.80 1.35
C THR E 228 0.31 38.33 0.26
N LEU E 229 -1.00 38.08 0.37
CA LEU E 229 -1.96 38.47 -0.64
C LEU E 229 -2.80 39.68 -0.24
N GLY E 230 -2.59 40.22 0.95
CA GLY E 230 -3.42 41.30 1.46
C GLY E 230 -4.62 40.77 2.23
N THR E 231 -5.12 41.62 3.14
CA THR E 231 -6.33 41.20 3.85
C THR E 231 -7.57 41.66 3.08
N PRO E 232 -8.52 40.77 2.83
CA PRO E 232 -9.67 41.17 2.02
C PRO E 232 -10.56 42.17 2.76
N THR E 233 -11.08 43.13 2.00
CA THR E 233 -12.09 44.04 2.50
C THR E 233 -13.48 43.47 2.20
N GLU E 234 -14.51 44.16 2.69
CA GLU E 234 -15.88 43.68 2.47
C GLU E 234 -16.25 43.70 0.99
N GLU E 235 -15.70 44.63 0.21
CA GLU E 235 -16.01 44.69 -1.21
C GLU E 235 -15.38 43.53 -1.98
N GLN E 236 -14.28 42.97 -1.45
CA GLN E 236 -13.62 41.85 -2.10
C GLN E 236 -14.09 40.50 -1.56
N TRP E 237 -14.78 40.49 -0.42
CA TRP E 237 -15.31 39.25 0.15
C TRP E 237 -16.49 39.58 1.04
N PRO E 238 -17.64 39.91 0.46
CA PRO E 238 -18.81 40.22 1.27
C PRO E 238 -19.26 38.99 2.05
N ASP E 239 -19.90 39.23 3.19
CA ASP E 239 -20.33 38.21 4.15
C ASP E 239 -19.16 37.45 4.77
N MET E 240 -17.92 37.91 4.58
CA MET E 240 -16.76 37.20 5.13
C MET E 240 -16.85 37.08 6.65
N CYS E 241 -17.40 38.10 7.31
CA CYS E 241 -17.51 38.10 8.76
C CYS E 241 -18.54 37.10 9.27
N SER E 242 -19.43 36.63 8.40
CA SER E 242 -20.48 35.71 8.82
C SER E 242 -19.99 34.29 9.00
N LEU E 243 -18.73 34.00 8.69
CA LEU E 243 -18.23 32.64 8.79
C LEU E 243 -18.12 32.22 10.25
N PRO E 244 -18.39 30.95 10.57
CA PRO E 244 -18.49 30.54 11.97
C PRO E 244 -17.24 30.83 12.80
N ASP E 245 -16.05 30.61 12.25
CA ASP E 245 -14.80 30.82 12.98
C ASP E 245 -14.06 32.06 12.50
N TYR E 246 -14.81 33.09 12.07
CA TYR E 246 -14.18 34.31 11.59
C TYR E 246 -13.50 35.05 12.74
N VAL E 247 -12.27 35.50 12.50
CA VAL E 247 -11.50 36.29 13.44
C VAL E 247 -10.87 37.45 12.68
N THR E 248 -10.87 38.63 13.28
CA THR E 248 -10.42 39.83 12.60
C THR E 248 -8.89 39.91 12.62
N PHE E 249 -8.32 40.24 11.46
CA PHE E 249 -6.88 40.33 11.29
C PHE E 249 -6.46 41.77 11.02
N LYS E 250 -5.21 42.07 11.34
CA LYS E 250 -4.64 43.37 11.00
C LYS E 250 -4.59 43.52 9.48
N SER E 251 -4.85 44.74 9.01
CA SER E 251 -4.96 44.99 7.58
C SER E 251 -3.57 45.07 6.95
N PHE E 252 -3.20 44.03 6.20
CA PHE E 252 -1.97 43.90 5.43
C PHE E 252 -2.20 44.28 3.97
N PRO E 253 -1.24 44.96 3.34
CA PRO E 253 -1.41 45.36 1.94
C PRO E 253 -1.13 44.22 0.97
N GLY E 254 -0.28 43.28 1.36
CA GLY E 254 0.13 42.20 0.50
C GLY E 254 1.32 42.56 -0.36
N ILE E 255 1.82 41.55 -1.08
CA ILE E 255 2.94 41.73 -2.00
C ILE E 255 2.41 41.66 -3.43
N PRO E 256 2.85 42.55 -4.33
CA PRO E 256 2.39 42.46 -5.72
C PRO E 256 2.73 41.11 -6.33
N LEU E 257 1.81 40.60 -7.16
CA LEU E 257 1.99 39.26 -7.72
C LEU E 257 3.26 39.17 -8.57
N HIS E 258 3.54 40.18 -9.38
CA HIS E 258 4.72 40.13 -10.23
C HIS E 258 6.01 40.18 -9.43
N HIS E 259 5.97 40.68 -8.20
CA HIS E 259 7.13 40.59 -7.31
C HIS E 259 7.23 39.22 -6.67
N ILE E 260 6.09 38.64 -6.27
CA ILE E 260 6.09 37.28 -5.73
C ILE E 260 6.55 36.30 -6.78
N PHE E 261 6.06 36.43 -8.01
CA PHE E 261 6.32 35.48 -9.08
C PHE E 261 7.04 36.17 -10.23
N SER E 262 8.34 36.37 -10.07
CA SER E 262 9.16 36.83 -11.18
C SER E 262 9.23 35.73 -12.24
N ALA E 263 9.73 36.10 -13.43
CA ALA E 263 9.82 35.20 -14.56
C ALA E 263 8.46 34.74 -15.08
N ALA E 264 7.38 35.27 -14.52
CA ALA E 264 6.03 34.89 -14.94
C ALA E 264 5.45 36.01 -15.81
N GLY E 265 4.85 35.62 -16.93
CA GLY E 265 4.23 36.58 -17.82
C GLY E 265 2.86 37.02 -17.35
N ASP E 266 2.26 37.91 -18.14
CA ASP E 266 0.95 38.44 -17.80
C ASP E 266 -0.13 37.36 -17.84
N ASP E 267 -0.01 36.40 -18.75
CA ASP E 267 -1.01 35.34 -18.85
C ASP E 267 -0.94 34.41 -17.62
N LEU E 268 0.27 34.10 -17.17
CA LEU E 268 0.41 33.27 -15.97
C LEU E 268 -0.02 34.03 -14.72
N LEU E 269 0.31 35.32 -14.65
CA LEU E 269 -0.14 36.15 -13.53
C LEU E 269 -1.66 36.26 -13.51
N ASP E 270 -2.29 36.32 -14.68
CA ASP E 270 -3.74 36.36 -14.75
C ASP E 270 -4.36 35.09 -14.17
N LEU E 271 -3.75 33.95 -14.47
CA LEU E 271 -4.25 32.68 -13.94
C LEU E 271 -4.09 32.60 -12.43
N ILE E 272 -2.88 32.91 -11.93
CA ILE E 272 -2.62 32.86 -10.50
C ILE E 272 -3.59 33.75 -9.73
N GLN E 273 -3.83 34.96 -10.25
CA GLN E 273 -4.73 35.89 -9.59
C GLN E 273 -6.15 35.33 -9.49
N GLY E 274 -6.60 34.62 -10.53
CA GLY E 274 -7.94 34.07 -10.50
C GLY E 274 -8.10 32.92 -9.51
N LEU E 275 -7.02 32.15 -9.30
CA LEU E 275 -7.07 31.06 -8.35
C LEU E 275 -7.04 31.54 -6.90
N PHE E 276 -6.54 32.75 -6.66
CA PHE E 276 -6.38 33.26 -5.30
C PHE E 276 -7.36 34.37 -4.96
N LEU E 277 -8.42 34.53 -5.74
CA LEU E 277 -9.48 35.46 -5.38
C LEU E 277 -10.08 35.05 -4.04
N PHE E 278 -10.30 36.04 -3.17
CA PHE E 278 -10.78 35.73 -1.83
C PHE E 278 -12.25 35.33 -1.85
N ASN E 279 -13.06 36.01 -2.66
CA ASN E 279 -14.47 35.68 -2.83
C ASN E 279 -14.61 34.28 -3.40
N PRO E 280 -15.08 33.30 -2.62
CA PRO E 280 -15.15 31.92 -3.13
C PRO E 280 -16.15 31.73 -4.24
N CYS E 281 -17.11 32.64 -4.40
CA CYS E 281 -18.04 32.55 -5.52
C CYS E 281 -17.47 33.16 -6.79
N ALA E 282 -16.53 34.11 -6.66
CA ALA E 282 -15.88 34.72 -7.82
C ALA E 282 -14.60 34.02 -8.22
N ARG E 283 -13.96 33.30 -7.28
CA ARG E 283 -12.75 32.55 -7.59
C ARG E 283 -12.99 31.63 -8.78
N ILE E 284 -12.01 31.58 -9.69
CA ILE E 284 -12.23 30.92 -10.96
C ILE E 284 -12.42 29.42 -10.77
N THR E 285 -13.20 28.82 -11.65
CA THR E 285 -13.44 27.39 -11.65
C THR E 285 -12.40 26.68 -12.50
N ALA E 286 -12.39 25.35 -12.43
CA ALA E 286 -11.46 24.57 -13.23
C ALA E 286 -11.71 24.78 -14.71
N THR E 287 -12.98 24.85 -15.11
CA THR E 287 -13.31 25.11 -16.51
C THR E 287 -12.85 26.49 -16.94
N GLN E 288 -13.09 27.51 -16.11
CA GLN E 288 -12.65 28.87 -16.44
C GLN E 288 -11.14 28.94 -16.55
N ALA E 289 -10.43 28.22 -15.68
CA ALA E 289 -8.97 28.22 -15.74
C ALA E 289 -8.48 27.62 -17.06
N LEU E 290 -9.14 26.55 -17.52
CA LEU E 290 -8.74 25.92 -18.78
C LEU E 290 -9.05 26.78 -19.99
N LYS E 291 -9.96 27.75 -19.87
CA LYS E 291 -10.32 28.63 -20.98
C LYS E 291 -9.49 29.90 -21.01
N MET E 292 -8.48 30.03 -20.15
CA MET E 292 -7.67 31.23 -20.09
C MET E 292 -6.55 31.17 -21.10
N LYS E 293 -6.07 32.34 -21.52
CA LYS E 293 -5.09 32.43 -22.60
C LYS E 293 -3.76 31.77 -22.25
N TYR E 294 -3.44 31.65 -20.96
CA TYR E 294 -2.17 31.04 -20.57
C TYR E 294 -1.98 29.66 -21.20
N PHE E 295 -3.03 28.84 -21.20
CA PHE E 295 -2.89 27.46 -21.67
C PHE E 295 -2.89 27.37 -23.19
N SER E 296 -3.46 28.33 -23.89
CA SER E 296 -3.46 28.35 -25.35
C SER E 296 -2.37 29.24 -25.94
N ASN E 297 -1.54 29.86 -25.10
CA ASN E 297 -0.50 30.75 -25.56
C ASN E 297 0.67 29.97 -26.15
N ARG E 298 1.60 30.71 -26.77
CA ARG E 298 2.56 30.09 -27.68
C ARG E 298 3.37 28.99 -27.02
N PRO E 299 4.09 29.22 -25.87
CA PRO E 299 4.77 28.11 -25.21
C PRO E 299 3.86 26.92 -24.95
N GLY E 300 3.80 25.98 -25.88
CA GLY E 300 2.96 24.81 -25.73
C GLY E 300 3.33 23.95 -24.53
N PRO E 301 2.45 23.02 -24.17
CA PRO E 301 2.74 22.15 -23.03
C PRO E 301 3.60 20.97 -23.45
N THR E 302 4.49 20.56 -22.55
CA THR E 302 5.36 19.41 -22.81
C THR E 302 4.50 18.18 -23.08
N PRO E 303 4.80 17.40 -24.12
CA PRO E 303 3.91 16.28 -24.48
C PRO E 303 3.68 15.24 -23.39
N GLY E 304 4.58 15.10 -22.43
CA GLY E 304 4.39 14.10 -21.40
C GLY E 304 5.44 13.01 -21.48
N CYS E 305 5.64 12.47 -22.69
CA CYS E 305 6.76 11.56 -22.91
C CYS E 305 8.09 12.29 -22.77
N GLN E 306 8.07 13.62 -22.78
CA GLN E 306 9.25 14.45 -22.66
C GLN E 306 9.33 15.15 -21.31
N LEU E 307 8.41 14.87 -20.40
CA LEU E 307 8.44 15.50 -19.08
C LEU E 307 9.63 14.97 -18.27
N PRO E 308 10.21 15.80 -17.42
CA PRO E 308 11.42 15.40 -16.70
C PRO E 308 11.14 14.29 -15.69
N ARG E 309 12.11 13.39 -15.57
CA ARG E 309 12.01 12.25 -14.66
C ARG E 309 13.03 12.39 -13.55
N PRO E 310 12.62 12.49 -12.27
CA PRO E 310 13.55 12.75 -11.17
C PRO E 310 14.58 11.63 -10.97
N MET F 1 -22.83 10.60 -10.60
CA MET F 1 -23.94 10.73 -11.54
C MET F 1 -24.43 9.37 -12.03
N TYR F 2 -25.74 9.26 -12.26
CA TYR F 2 -26.31 7.96 -12.59
C TYR F 2 -25.92 7.50 -13.99
N HIS F 3 -25.91 8.42 -14.95
CA HIS F 3 -25.68 8.03 -16.35
C HIS F 3 -24.33 7.36 -16.58
N ASN F 4 -23.40 7.44 -15.63
CA ASN F 4 -22.15 6.69 -15.73
C ASN F 4 -21.92 5.84 -14.48
N SER F 5 -22.98 5.54 -13.74
CA SER F 5 -22.85 4.92 -12.43
C SER F 5 -22.63 3.41 -12.54
N SER F 6 -22.08 2.85 -11.46
CA SER F 6 -22.03 1.40 -11.34
C SER F 6 -23.43 0.81 -11.15
N GLN F 7 -24.35 1.58 -10.57
CA GLN F 7 -25.73 1.13 -10.45
C GLN F 7 -26.36 0.92 -11.82
N LYS F 8 -26.15 1.86 -12.73
CA LYS F 8 -26.69 1.72 -14.08
C LYS F 8 -25.95 0.64 -14.86
N ARG F 9 -24.64 0.51 -14.64
CA ARG F 9 -23.83 -0.39 -15.46
C ARG F 9 -23.97 -1.85 -15.02
N HIS F 10 -24.15 -2.11 -13.73
CA HIS F 10 -24.13 -3.48 -13.22
C HIS F 10 -25.36 -3.87 -12.40
N TRP F 11 -26.17 -2.92 -11.92
CA TRP F 11 -27.24 -3.24 -10.98
C TRP F 11 -28.59 -2.73 -11.44
N THR F 12 -28.76 -2.57 -12.75
CA THR F 12 -30.06 -2.25 -13.35
C THR F 12 -30.36 -3.32 -14.37
N PHE F 13 -31.37 -4.14 -14.09
CA PHE F 13 -31.64 -5.35 -14.86
C PHE F 13 -32.83 -5.15 -15.79
N SER F 14 -32.94 -6.06 -16.76
CA SER F 14 -33.88 -5.87 -17.87
C SER F 14 -35.27 -6.43 -17.61
N SER F 15 -35.42 -7.38 -16.68
CA SER F 15 -36.71 -8.01 -16.50
C SER F 15 -36.84 -8.56 -15.08
N GLU F 16 -38.09 -8.74 -14.66
CA GLU F 16 -38.36 -9.45 -13.41
C GLU F 16 -37.87 -10.90 -13.49
N GLU F 17 -38.02 -11.51 -14.67
CA GLU F 17 -37.58 -12.90 -14.86
C GLU F 17 -36.09 -13.03 -14.60
N GLN F 18 -35.31 -12.03 -15.01
CA GLN F 18 -33.87 -12.04 -14.74
C GLN F 18 -33.60 -12.04 -13.24
N LEU F 19 -34.38 -11.26 -12.49
CA LEU F 19 -34.25 -11.24 -11.03
C LEU F 19 -34.64 -12.59 -10.44
N ALA F 20 -35.71 -13.20 -10.94
CA ALA F 20 -36.17 -14.48 -10.42
C ALA F 20 -35.14 -15.58 -10.68
N ARG F 21 -34.46 -15.53 -11.83
CA ARG F 21 -33.47 -16.56 -12.14
C ARG F 21 -32.26 -16.43 -11.22
N LEU F 22 -31.81 -15.21 -10.95
CA LEU F 22 -30.68 -15.02 -10.03
C LEU F 22 -31.04 -15.50 -8.63
N ARG F 23 -32.27 -15.24 -8.19
CA ARG F 23 -32.69 -15.67 -6.86
C ARG F 23 -32.85 -17.18 -6.78
N ALA F 24 -33.50 -17.77 -7.78
CA ALA F 24 -33.57 -19.23 -7.85
C ALA F 24 -32.18 -19.84 -7.96
N ASP F 25 -31.26 -19.16 -8.64
CA ASP F 25 -29.89 -19.66 -8.75
C ASP F 25 -29.19 -19.61 -7.40
N ALA F 26 -29.40 -18.53 -6.64
CA ALA F 26 -28.78 -18.42 -5.32
C ALA F 26 -29.32 -19.49 -4.37
N ASN F 27 -30.62 -19.78 -4.46
CA ASN F 27 -31.21 -20.83 -3.63
C ASN F 27 -30.60 -22.19 -3.96
N ARG F 28 -30.47 -22.50 -5.25
CA ARG F 28 -29.89 -23.78 -5.66
C ARG F 28 -28.46 -23.92 -5.18
N LYS F 29 -27.71 -22.81 -5.11
CA LYS F 29 -26.32 -22.85 -4.70
C LYS F 29 -26.16 -23.38 -3.27
N PHE F 30 -26.98 -22.88 -2.34
CA PHE F 30 -26.88 -23.31 -0.95
C PHE F 30 -27.25 -24.78 -0.80
N ARG F 31 -28.32 -25.22 -1.47
CA ARG F 31 -28.72 -26.62 -1.39
C ARG F 31 -27.57 -27.53 -1.81
N CYS F 32 -26.94 -27.23 -2.94
CA CYS F 32 -25.79 -28.01 -3.40
C CYS F 32 -24.65 -27.97 -2.37
N LYS F 33 -24.38 -26.79 -1.82
CA LYS F 33 -23.30 -26.66 -0.83
C LYS F 33 -23.59 -27.50 0.41
N ALA F 34 -24.85 -27.52 0.85
CA ALA F 34 -25.22 -28.30 2.01
C ALA F 34 -25.09 -29.80 1.73
N VAL F 35 -25.56 -30.24 0.55
CA VAL F 35 -25.46 -31.65 0.19
C VAL F 35 -24.00 -32.09 0.15
N ALA F 36 -23.12 -31.22 -0.36
CA ALA F 36 -21.70 -31.57 -0.44
C ALA F 36 -21.09 -31.81 0.94
N ASN F 37 -21.58 -31.11 1.97
CA ASN F 37 -21.08 -31.29 3.33
C ASN F 37 -21.61 -32.54 4.01
N GLY F 38 -22.50 -33.29 3.35
CA GLY F 38 -22.90 -34.59 3.84
C GLY F 38 -23.72 -34.60 5.12
N LYS F 39 -24.47 -33.54 5.40
CA LYS F 39 -25.42 -33.56 6.50
C LYS F 39 -26.85 -33.76 6.04
N VAL F 40 -27.16 -33.38 4.80
CA VAL F 40 -28.52 -33.39 4.27
C VAL F 40 -28.48 -33.94 2.85
N LEU F 41 -29.62 -34.53 2.43
CA LEU F 41 -29.82 -35.07 1.08
C LEU F 41 -30.57 -34.07 0.22
N PRO F 42 -30.48 -34.18 -1.12
CA PRO F 42 -30.98 -33.12 -2.01
C PRO F 42 -32.38 -32.56 -1.74
N ASN F 43 -33.28 -33.29 -1.08
CA ASN F 43 -34.64 -32.77 -0.90
C ASN F 43 -35.12 -32.88 0.54
N ASP F 44 -34.22 -32.67 1.50
CA ASP F 44 -34.65 -32.54 2.88
C ASP F 44 -35.57 -31.32 2.99
N PRO F 45 -36.73 -31.43 3.66
CA PRO F 45 -37.65 -30.30 3.75
C PRO F 45 -37.13 -29.14 4.58
N VAL F 46 -35.89 -29.20 5.07
CA VAL F 46 -35.29 -28.09 5.78
C VAL F 46 -34.99 -26.92 4.83
N PHE F 47 -34.87 -27.21 3.53
CA PHE F 47 -34.58 -26.17 2.56
C PHE F 47 -35.81 -25.29 2.31
N LEU F 48 -35.57 -23.99 2.17
CA LEU F 48 -36.62 -23.05 1.80
C LEU F 48 -36.70 -22.91 0.28
N GLU F 49 -37.92 -22.70 -0.21
CA GLU F 49 -38.15 -22.46 -1.63
C GLU F 49 -37.83 -21.01 -1.98
N PRO F 50 -37.50 -20.74 -3.24
CA PRO F 50 -37.25 -19.33 -3.64
C PRO F 50 -38.40 -18.39 -3.28
N HIS F 51 -39.65 -18.82 -3.43
CA HIS F 51 -40.76 -17.98 -3.03
C HIS F 51 -40.86 -17.83 -1.52
N GLU F 52 -40.26 -18.75 -0.76
CA GLU F 52 -40.23 -18.61 0.69
C GLU F 52 -39.13 -17.67 1.15
N GLU F 53 -38.00 -17.66 0.45
CA GLU F 53 -36.98 -16.64 0.71
C GLU F 53 -37.52 -15.26 0.39
N MET F 54 -38.35 -15.13 -0.64
CA MET F 54 -38.89 -13.84 -1.03
C MET F 54 -39.81 -13.28 0.05
N THR F 55 -40.69 -14.12 0.59
CA THR F 55 -41.60 -13.67 1.64
C THR F 55 -40.84 -13.15 2.85
N LEU F 56 -39.77 -13.85 3.25
CA LEU F 56 -38.95 -13.39 4.37
C LEU F 56 -38.18 -12.13 4.01
N CYS F 57 -37.81 -11.96 2.74
CA CYS F 57 -37.10 -10.75 2.34
C CYS F 57 -38.02 -9.53 2.33
N LYS F 58 -39.27 -9.72 1.90
CA LYS F 58 -40.25 -8.65 2.03
C LYS F 58 -40.44 -8.26 3.48
N TYR F 59 -40.46 -9.25 4.38
CA TYR F 59 -40.70 -8.98 5.80
C TYR F 59 -39.53 -8.22 6.42
N TYR F 60 -38.31 -8.73 6.26
CA TYR F 60 -37.15 -8.07 6.85
C TYR F 60 -36.82 -6.75 6.18
N GLU F 61 -37.32 -6.51 4.97
CA GLU F 61 -37.17 -5.19 4.36
C GLU F 61 -38.08 -4.19 5.06
N LYS F 62 -39.32 -4.59 5.36
CA LYS F 62 -40.19 -3.73 6.16
C LYS F 62 -39.64 -3.51 7.56
N ARG F 63 -39.04 -4.55 8.14
CA ARG F 63 -38.38 -4.40 9.43
C ARG F 63 -37.22 -3.42 9.36
N LEU F 64 -36.55 -3.35 8.21
CA LEU F 64 -35.49 -2.37 8.02
C LEU F 64 -36.05 -0.96 7.92
N LEU F 65 -37.16 -0.79 7.21
CA LEU F 65 -37.83 0.51 7.16
C LEU F 65 -38.25 0.96 8.56
N GLU F 66 -38.81 0.05 9.35
CA GLU F 66 -39.27 0.42 10.69
C GLU F 66 -38.10 0.74 11.60
N PHE F 67 -36.98 0.02 11.46
CA PHE F 67 -35.80 0.32 12.26
C PHE F 67 -35.27 1.72 11.95
N CYS F 68 -35.28 2.11 10.67
CA CYS F 68 -34.74 3.42 10.30
C CYS F 68 -35.67 4.55 10.74
N SER F 69 -36.98 4.32 10.69
CA SER F 69 -37.93 5.37 11.05
C SER F 69 -37.90 5.72 12.53
N VAL F 70 -37.36 4.83 13.37
CA VAL F 70 -37.24 5.09 14.80
C VAL F 70 -35.79 5.33 15.23
N PHE F 71 -34.86 5.35 14.28
CA PHE F 71 -33.46 5.60 14.61
C PHE F 71 -33.35 6.93 15.34
N LYS F 72 -32.86 6.90 16.59
CA LYS F 72 -32.91 8.08 17.45
C LYS F 72 -32.22 9.28 16.82
N PRO F 73 -30.95 9.20 16.41
CA PRO F 73 -30.42 10.29 15.57
C PRO F 73 -31.14 10.27 14.23
N ALA F 74 -31.96 11.30 13.98
CA ALA F 74 -32.86 11.32 12.82
C ALA F 74 -32.10 10.98 11.54
N MET F 75 -32.49 9.86 10.92
CA MET F 75 -31.76 9.28 9.80
C MET F 75 -32.19 9.92 8.49
N PRO F 76 -31.25 10.40 7.68
CA PRO F 76 -31.62 10.97 6.38
C PRO F 76 -32.26 9.92 5.49
N ARG F 77 -33.19 10.38 4.65
CA ARG F 77 -33.90 9.47 3.75
C ARG F 77 -32.93 8.78 2.79
N SER F 78 -31.84 9.47 2.43
CA SER F 78 -30.87 8.88 1.50
C SER F 78 -30.13 7.70 2.12
N VAL F 79 -29.96 7.70 3.44
CA VAL F 79 -29.36 6.54 4.11
C VAL F 79 -30.30 5.34 4.03
N VAL F 80 -31.60 5.57 4.16
CA VAL F 80 -32.57 4.48 4.16
C VAL F 80 -32.65 3.83 2.79
N GLY F 81 -32.76 4.64 1.73
CA GLY F 81 -32.82 4.10 0.39
C GLY F 81 -31.57 3.33 0.00
N THR F 82 -30.40 3.79 0.48
CA THR F 82 -29.16 3.07 0.23
C THR F 82 -29.17 1.70 0.93
N ALA F 83 -29.64 1.66 2.18
CA ALA F 83 -29.67 0.40 2.91
C ALA F 83 -30.61 -0.60 2.26
N CYS F 84 -31.79 -0.13 1.82
CA CYS F 84 -32.72 -1.03 1.14
C CYS F 84 -32.16 -1.51 -0.20
N MET F 85 -31.42 -0.64 -0.89
CA MET F 85 -30.77 -1.06 -2.13
C MET F 85 -29.75 -2.16 -1.86
N TYR F 86 -28.91 -1.97 -0.83
CA TYR F 86 -27.98 -3.02 -0.42
C TYR F 86 -28.71 -4.31 -0.13
N PHE F 87 -29.85 -4.22 0.57
CA PHE F 87 -30.59 -5.42 0.95
C PHE F 87 -31.10 -6.17 -0.27
N LYS F 88 -31.67 -5.46 -1.24
CA LYS F 88 -32.14 -6.10 -2.45
C LYS F 88 -30.99 -6.75 -3.22
N ARG F 89 -29.87 -6.05 -3.36
CA ARG F 89 -28.76 -6.57 -4.14
C ARG F 89 -28.13 -7.80 -3.51
N PHE F 90 -28.11 -7.87 -2.18
CA PHE F 90 -27.43 -8.99 -1.52
C PHE F 90 -28.14 -10.31 -1.80
N TYR F 91 -29.46 -10.34 -1.62
CA TYR F 91 -30.21 -11.57 -1.81
C TYR F 91 -30.62 -11.80 -3.25
N LEU F 92 -30.12 -10.99 -4.18
CA LEU F 92 -30.19 -11.34 -5.59
C LEU F 92 -29.27 -12.53 -5.89
N ASN F 93 -28.12 -12.60 -5.22
CA ASN F 93 -27.14 -13.65 -5.45
C ASN F 93 -26.76 -14.40 -4.18
N ASN F 94 -27.57 -14.30 -3.13
CA ASN F 94 -27.32 -15.02 -1.90
C ASN F 94 -28.64 -15.54 -1.33
N SER F 95 -28.54 -16.60 -0.54
CA SER F 95 -29.69 -17.26 0.05
C SER F 95 -29.85 -16.86 1.50
N VAL F 96 -31.11 -16.63 1.92
CA VAL F 96 -31.38 -16.36 3.32
C VAL F 96 -31.03 -17.53 4.21
N MET F 97 -30.90 -18.73 3.63
CA MET F 97 -30.53 -19.91 4.42
C MET F 97 -29.06 -19.90 4.82
N GLU F 98 -28.22 -19.14 4.11
CA GLU F 98 -26.79 -19.08 4.40
C GLU F 98 -26.42 -17.86 5.22
N TYR F 99 -27.00 -16.71 4.94
CA TYR F 99 -26.77 -15.49 5.70
C TYR F 99 -28.11 -14.94 6.16
N HIS F 100 -28.31 -14.87 7.47
CA HIS F 100 -29.62 -14.57 8.03
C HIS F 100 -30.06 -13.15 7.68
N PRO F 101 -31.30 -12.95 7.22
CA PRO F 101 -31.73 -11.60 6.84
C PRO F 101 -31.71 -10.60 7.98
N ARG F 102 -31.86 -11.05 9.23
CA ARG F 102 -31.83 -10.13 10.36
C ARG F 102 -30.48 -9.45 10.47
N ILE F 103 -29.40 -10.22 10.37
CA ILE F 103 -28.05 -9.65 10.50
C ILE F 103 -27.69 -8.84 9.27
N ILE F 104 -28.12 -9.28 8.09
CA ILE F 104 -27.74 -8.58 6.86
C ILE F 104 -28.44 -7.23 6.76
N MET F 105 -29.72 -7.17 7.14
CA MET F 105 -30.44 -5.90 7.05
C MET F 105 -29.86 -4.86 8.01
N LEU F 106 -29.31 -5.31 9.14
CA LEU F 106 -28.63 -4.38 10.04
C LEU F 106 -27.27 -3.97 9.49
N THR F 107 -26.57 -4.91 8.85
CA THR F 107 -25.30 -4.58 8.21
C THR F 107 -25.50 -3.64 7.03
N CYS F 108 -26.61 -3.78 6.31
CA CYS F 108 -26.91 -2.85 5.22
C CYS F 108 -27.09 -1.43 5.75
N ALA F 109 -27.87 -1.28 6.82
CA ALA F 109 -28.04 0.04 7.42
C ALA F 109 -26.73 0.53 8.03
N PHE F 110 -25.94 -0.38 8.60
CA PHE F 110 -24.64 0.00 9.16
C PHE F 110 -23.70 0.49 8.07
N LEU F 111 -23.65 -0.22 6.94
CA LEU F 111 -22.78 0.20 5.85
C LEU F 111 -23.28 1.49 5.20
N ALA F 112 -24.60 1.64 5.08
CA ALA F 112 -25.14 2.86 4.48
C ALA F 112 -24.80 4.09 5.31
N CYS F 113 -24.70 3.93 6.63
CA CYS F 113 -24.32 5.06 7.48
C CYS F 113 -22.88 5.51 7.21
N LYS F 114 -22.02 4.58 6.80
CA LYS F 114 -20.65 4.96 6.46
C LYS F 114 -20.56 5.52 5.05
N VAL F 115 -21.22 4.86 4.09
CA VAL F 115 -21.13 5.28 2.70
C VAL F 115 -21.77 6.65 2.51
N ASP F 116 -22.97 6.84 3.07
CA ASP F 116 -23.65 8.13 2.93
C ASP F 116 -23.13 9.18 3.89
N GLU F 117 -22.19 8.82 4.78
CA GLU F 117 -21.56 9.75 5.71
C GLU F 117 -22.58 10.29 6.72
N PHE F 118 -23.46 9.42 7.20
CA PHE F 118 -24.30 9.72 8.36
C PHE F 118 -23.52 9.18 9.57
N ASN F 119 -22.73 10.06 10.17
CA ASN F 119 -21.70 9.63 11.12
C ASN F 119 -22.33 9.46 12.50
N VAL F 120 -22.65 8.22 12.84
CA VAL F 120 -23.04 7.84 14.19
C VAL F 120 -22.05 6.79 14.66
N SER F 121 -21.74 6.81 15.95
CA SER F 121 -20.82 5.82 16.49
C SER F 121 -21.48 4.45 16.53
N SER F 122 -20.66 3.41 16.63
CA SER F 122 -21.18 2.05 16.75
C SER F 122 -22.13 1.89 17.94
N PRO F 123 -21.80 2.32 19.16
CA PRO F 123 -22.79 2.22 20.24
C PRO F 123 -24.02 3.07 20.01
N GLN F 124 -23.89 4.19 19.30
CA GLN F 124 -25.06 4.98 18.94
C GLN F 124 -25.95 4.22 17.96
N PHE F 125 -25.35 3.39 17.11
CA PHE F 125 -26.12 2.63 16.13
C PHE F 125 -26.87 1.47 16.81
N VAL F 126 -26.13 0.60 17.49
CA VAL F 126 -26.74 -0.54 18.16
C VAL F 126 -27.58 -0.11 19.36
N GLY F 127 -27.38 1.12 19.86
CA GLY F 127 -28.23 1.63 20.92
C GLY F 127 -29.67 1.80 20.51
N ASN F 128 -29.94 1.86 19.21
CA ASN F 128 -31.31 1.93 18.70
C ASN F 128 -32.02 0.59 18.70
N LEU F 129 -31.30 -0.51 18.92
CA LEU F 129 -31.91 -1.83 19.00
C LEU F 129 -32.56 -1.99 20.37
N ARG F 130 -33.84 -2.30 20.38
CA ARG F 130 -34.57 -2.51 21.63
C ARG F 130 -34.20 -3.87 22.21
N GLU F 131 -32.96 -3.94 22.71
CA GLU F 131 -32.44 -5.14 23.33
C GLU F 131 -31.53 -4.74 24.49
N SER F 132 -31.14 -5.73 25.28
CA SER F 132 -30.28 -5.49 26.43
C SER F 132 -28.87 -5.12 25.96
N PRO F 133 -28.11 -4.42 26.80
CA PRO F 133 -26.69 -4.16 26.47
C PRO F 133 -25.89 -5.43 26.22
N LEU F 134 -26.33 -6.55 26.77
CA LEU F 134 -25.71 -7.83 26.42
C LEU F 134 -26.00 -8.20 24.97
N GLY F 135 -27.24 -8.01 24.54
CA GLY F 135 -27.61 -8.34 23.17
C GLY F 135 -27.19 -7.28 22.17
N GLN F 136 -27.20 -6.01 22.57
CA GLN F 136 -26.69 -4.97 21.69
C GLN F 136 -25.22 -5.17 21.39
N GLU F 137 -24.46 -5.72 22.34
CA GLU F 137 -23.07 -6.03 22.11
C GLU F 137 -22.92 -7.21 21.13
N LYS F 138 -23.78 -8.21 21.26
CA LYS F 138 -23.76 -9.34 20.35
C LYS F 138 -24.13 -8.91 18.93
N ALA F 139 -25.08 -8.00 18.78
CA ALA F 139 -25.51 -7.56 17.46
C ALA F 139 -24.39 -6.80 16.75
N LEU F 140 -23.61 -6.00 17.47
CA LEU F 140 -22.50 -5.29 16.86
C LEU F 140 -21.44 -6.28 16.36
N GLU F 141 -21.20 -7.34 17.12
CA GLU F 141 -20.22 -8.34 16.71
C GLU F 141 -20.65 -9.01 15.40
N GLN F 142 -21.93 -9.33 15.26
CA GLN F 142 -22.40 -9.98 14.04
C GLN F 142 -22.38 -9.04 12.85
N ILE F 143 -22.67 -7.75 13.07
CA ILE F 143 -22.64 -6.79 11.97
C ILE F 143 -21.22 -6.64 11.44
N LEU F 144 -20.24 -6.51 12.34
CA LEU F 144 -18.86 -6.41 11.92
C LEU F 144 -18.37 -7.69 11.25
N GLU F 145 -18.99 -8.82 11.55
CA GLU F 145 -18.57 -10.09 10.95
C GLU F 145 -19.05 -10.20 9.51
N TYR F 146 -20.21 -9.62 9.19
CA TYR F 146 -20.79 -9.66 7.86
C TYR F 146 -20.53 -8.41 7.03
N GLU F 147 -19.81 -7.42 7.56
CA GLU F 147 -19.66 -6.17 6.83
C GLU F 147 -18.84 -6.35 5.56
N LEU F 148 -17.66 -6.97 5.68
CA LEU F 148 -16.86 -7.24 4.49
C LEU F 148 -17.61 -8.14 3.51
N LEU F 149 -18.32 -9.13 4.03
CA LEU F 149 -19.10 -10.03 3.18
C LEU F 149 -20.13 -9.25 2.38
N LEU F 150 -20.80 -8.27 3.01
CA LEU F 150 -21.78 -7.46 2.29
C LEU F 150 -21.12 -6.67 1.17
N ILE F 151 -19.97 -6.06 1.44
CA ILE F 151 -19.29 -5.26 0.42
C ILE F 151 -18.86 -6.15 -0.74
N GLN F 152 -18.39 -7.37 -0.44
CA GLN F 152 -18.01 -8.30 -1.49
C GLN F 152 -19.21 -8.69 -2.35
N GLN F 153 -20.34 -8.98 -1.72
CA GLN F 153 -21.53 -9.37 -2.47
C GLN F 153 -22.16 -8.20 -3.22
N LEU F 154 -21.71 -6.97 -2.97
CA LEU F 154 -22.11 -5.82 -3.74
C LEU F 154 -21.13 -5.47 -4.85
N ASN F 155 -20.09 -6.30 -5.03
CA ASN F 155 -19.02 -6.05 -6.00
C ASN F 155 -18.34 -4.71 -5.74
N PHE F 156 -18.30 -4.29 -4.48
CA PHE F 156 -17.67 -3.04 -4.07
C PHE F 156 -18.27 -1.82 -4.78
N HIS F 157 -19.55 -1.93 -5.17
CA HIS F 157 -20.29 -0.81 -5.74
C HIS F 157 -21.18 -0.26 -4.63
N LEU F 158 -20.77 0.88 -4.05
CA LEU F 158 -21.40 1.39 -2.84
C LEU F 158 -22.29 2.60 -3.05
N ILE F 159 -22.05 3.40 -4.09
CA ILE F 159 -22.85 4.60 -4.33
C ILE F 159 -24.20 4.18 -4.90
N VAL F 160 -25.27 4.60 -4.23
CA VAL F 160 -26.64 4.30 -4.64
C VAL F 160 -27.31 5.61 -5.01
N HIS F 161 -27.95 5.64 -6.19
CA HIS F 161 -28.69 6.80 -6.63
C HIS F 161 -30.17 6.59 -6.34
N ASN F 162 -30.72 7.44 -5.47
CA ASN F 162 -32.10 7.37 -5.04
C ASN F 162 -32.95 8.38 -5.81
N PRO F 163 -34.26 8.20 -5.86
CA PRO F 163 -35.12 9.14 -6.58
C PRO F 163 -35.52 10.37 -5.78
N TYR F 164 -34.94 10.61 -4.61
CA TYR F 164 -35.39 11.71 -3.77
C TYR F 164 -34.93 13.06 -4.34
N ARG F 165 -33.64 13.17 -4.67
CA ARG F 165 -33.13 14.43 -5.29
C ARG F 165 -33.73 14.58 -6.69
N PRO F 166 -33.77 13.55 -7.55
CA PRO F 166 -34.49 13.72 -8.82
C PRO F 166 -35.92 14.21 -8.65
N PHE F 167 -36.61 13.75 -7.60
CA PHE F 167 -37.96 14.21 -7.32
C PHE F 167 -37.98 15.73 -7.12
N GLU F 168 -37.02 16.25 -6.34
CA GLU F 168 -36.94 17.69 -6.11
C GLU F 168 -36.60 18.43 -7.40
N GLY F 169 -35.76 17.83 -8.25
CA GLY F 169 -35.38 18.48 -9.49
C GLY F 169 -36.57 18.71 -10.42
N PHE F 170 -37.46 17.73 -10.54
CA PHE F 170 -38.63 17.89 -11.38
C PHE F 170 -39.54 18.98 -10.84
N LEU F 171 -39.71 19.05 -9.52
CA LEU F 171 -40.53 20.10 -8.93
C LEU F 171 -39.99 21.49 -9.28
N ILE F 172 -38.67 21.66 -9.22
CA ILE F 172 -38.07 22.91 -9.67
C ILE F 172 -38.41 23.18 -11.13
N ASP F 173 -38.28 22.15 -11.96
CA ASP F 173 -38.61 22.28 -13.38
C ASP F 173 -40.10 22.51 -13.57
N LEU F 174 -40.94 21.82 -12.80
CA LEU F 174 -42.38 22.04 -12.86
C LEU F 174 -42.74 23.47 -12.45
N LYS F 175 -42.24 23.91 -11.30
CA LYS F 175 -42.53 25.25 -10.81
C LYS F 175 -42.02 26.33 -11.77
N THR F 176 -41.01 26.02 -12.58
CA THR F 176 -40.38 27.01 -13.45
C THR F 176 -41.01 27.04 -14.84
N ARG F 177 -41.25 25.89 -15.45
CA ARG F 177 -41.59 25.83 -16.86
C ARG F 177 -42.99 25.29 -17.18
N TYR F 178 -43.74 24.79 -16.19
CA TYR F 178 -45.04 24.18 -16.45
C TYR F 178 -46.12 24.94 -15.67
N PRO F 179 -46.55 26.10 -16.17
CA PRO F 179 -47.60 26.85 -15.46
C PRO F 179 -48.96 26.21 -15.52
N ILE F 180 -49.18 25.26 -16.44
CA ILE F 180 -50.46 24.52 -16.48
C ILE F 180 -50.76 23.91 -15.11
N LEU F 181 -49.72 23.44 -14.43
CA LEU F 181 -49.81 22.96 -13.06
C LEU F 181 -49.66 24.18 -12.16
N GLU F 182 -50.78 24.63 -11.59
CA GLU F 182 -50.81 25.89 -10.84
C GLU F 182 -49.84 25.89 -9.67
N ASN F 183 -49.88 24.83 -8.85
CA ASN F 183 -49.00 24.72 -7.69
C ASN F 183 -48.49 23.30 -7.60
N PRO F 184 -47.35 23.01 -8.24
CA PRO F 184 -46.84 21.63 -8.23
C PRO F 184 -46.58 21.06 -6.84
N GLU F 185 -46.60 21.88 -5.79
CA GLU F 185 -46.35 21.38 -4.45
C GLU F 185 -47.52 20.57 -3.90
N ILE F 186 -48.70 20.65 -4.50
CA ILE F 186 -49.84 19.87 -4.02
C ILE F 186 -49.58 18.39 -4.22
N LEU F 187 -48.76 18.02 -5.21
CA LEU F 187 -48.51 16.64 -5.54
C LEU F 187 -47.51 15.97 -4.61
N ARG F 188 -46.78 16.74 -3.80
CA ARG F 188 -45.70 16.16 -2.99
C ARG F 188 -46.22 15.11 -2.02
N LYS F 189 -47.35 15.40 -1.37
CA LYS F 189 -47.92 14.46 -0.39
C LYS F 189 -48.21 13.11 -1.04
N THR F 190 -49.02 13.10 -2.09
CA THR F 190 -49.44 11.85 -2.69
C THR F 190 -48.29 11.18 -3.45
N ALA F 191 -47.44 11.98 -4.12
CA ALA F 191 -46.30 11.39 -4.82
C ALA F 191 -45.29 10.79 -3.85
N ASP F 192 -45.19 11.33 -2.63
CA ASP F 192 -44.27 10.76 -1.65
C ASP F 192 -44.78 9.42 -1.13
N ASP F 193 -46.10 9.29 -0.94
CA ASP F 193 -46.67 8.01 -0.56
C ASP F 193 -46.47 6.98 -1.65
N PHE F 194 -46.72 7.36 -2.91
CA PHE F 194 -46.50 6.47 -4.03
C PHE F 194 -45.02 6.10 -4.17
N LEU F 195 -44.13 7.04 -3.85
CA LEU F 195 -42.69 6.76 -3.94
C LEU F 195 -42.27 5.70 -2.93
N ASN F 196 -42.79 5.79 -1.70
CA ASN F 196 -42.44 4.79 -0.69
C ASN F 196 -43.02 3.43 -1.00
N ARG F 197 -44.12 3.38 -1.76
CA ARG F 197 -44.71 2.09 -2.11
C ARG F 197 -43.86 1.36 -3.13
N ILE F 198 -43.38 2.05 -4.17
CA ILE F 198 -42.57 1.39 -5.18
C ILE F 198 -41.24 0.93 -4.60
N ALA F 199 -40.82 1.48 -3.46
CA ALA F 199 -39.58 1.06 -2.83
C ALA F 199 -39.66 -0.37 -2.32
N LEU F 200 -40.86 -0.92 -2.17
CA LEU F 200 -41.03 -2.31 -1.76
C LEU F 200 -41.07 -3.27 -2.94
N THR F 201 -41.25 -2.76 -4.16
CA THR F 201 -41.20 -3.58 -5.35
C THR F 201 -39.74 -3.72 -5.80
N ASP F 202 -39.53 -4.36 -6.95
CA ASP F 202 -38.20 -4.46 -7.55
C ASP F 202 -37.89 -3.32 -8.51
N ALA F 203 -38.67 -2.22 -8.46
CA ALA F 203 -38.47 -1.13 -9.39
C ALA F 203 -37.10 -0.48 -9.25
N TYR F 204 -36.55 -0.46 -8.02
CA TYR F 204 -35.21 0.08 -7.81
C TYR F 204 -34.16 -0.68 -8.60
N LEU F 205 -34.41 -1.95 -8.92
CA LEU F 205 -33.47 -2.78 -9.68
C LEU F 205 -33.80 -2.85 -11.16
N LEU F 206 -34.86 -2.17 -11.60
CA LEU F 206 -35.31 -2.26 -12.98
C LEU F 206 -35.43 -0.92 -13.68
N TYR F 207 -35.42 0.19 -12.95
CA TYR F 207 -35.63 1.50 -13.55
C TYR F 207 -34.64 2.50 -12.95
N THR F 208 -34.41 3.57 -13.71
CA THR F 208 -33.51 4.61 -13.26
C THR F 208 -34.18 5.43 -12.15
N PRO F 209 -33.39 5.99 -11.24
CA PRO F 209 -34.00 6.87 -10.21
C PRO F 209 -34.77 8.03 -10.81
N SER F 210 -34.38 8.49 -12.00
CA SER F 210 -35.12 9.56 -12.67
C SER F 210 -36.51 9.10 -13.09
N GLN F 211 -36.60 7.92 -13.71
CA GLN F 211 -37.90 7.39 -14.12
C GLN F 211 -38.78 7.11 -12.91
N ILE F 212 -38.19 6.56 -11.84
CA ILE F 212 -38.94 6.30 -10.61
C ILE F 212 -39.53 7.59 -10.06
N ALA F 213 -38.74 8.65 -10.01
CA ALA F 213 -39.21 9.90 -9.45
C ALA F 213 -40.30 10.52 -10.33
N LEU F 214 -40.11 10.48 -11.65
CA LEU F 214 -41.11 11.04 -12.55
C LEU F 214 -42.41 10.23 -12.51
N THR F 215 -42.31 8.91 -12.31
CA THR F 215 -43.50 8.09 -12.18
C THR F 215 -44.34 8.52 -10.99
N ALA F 216 -43.69 8.75 -9.84
CA ALA F 216 -44.41 9.16 -8.64
C ALA F 216 -45.12 10.49 -8.85
N ILE F 217 -44.49 11.41 -9.57
CA ILE F 217 -45.07 12.74 -9.78
C ILE F 217 -46.28 12.66 -10.70
N LEU F 218 -46.12 12.01 -11.85
CA LEU F 218 -47.23 11.89 -12.79
C LEU F 218 -48.37 11.05 -12.21
N SER F 219 -48.04 10.05 -11.38
CA SER F 219 -49.06 9.27 -10.71
C SER F 219 -49.87 10.14 -9.75
N SER F 220 -49.19 10.98 -8.97
CA SER F 220 -49.88 11.88 -8.06
C SER F 220 -50.76 12.88 -8.81
N ALA F 221 -50.31 13.32 -9.99
CA ALA F 221 -51.14 14.22 -10.81
C ALA F 221 -52.38 13.51 -11.30
N SER F 222 -52.28 12.22 -11.60
CA SER F 222 -53.45 11.45 -12.01
C SER F 222 -54.46 11.34 -10.87
N ARG F 223 -53.98 11.16 -9.64
CA ARG F 223 -54.87 11.12 -8.48
C ARG F 223 -55.63 12.43 -8.34
N ALA F 224 -54.92 13.56 -8.46
CA ALA F 224 -55.56 14.87 -8.45
C ALA F 224 -56.32 15.16 -9.73
N GLY F 225 -56.41 14.19 -10.64
CA GLY F 225 -57.13 14.37 -11.90
C GLY F 225 -56.49 15.40 -12.81
N ILE F 226 -55.16 15.44 -12.88
CA ILE F 226 -54.43 16.44 -13.64
C ILE F 226 -53.74 15.75 -14.81
N THR F 227 -54.05 16.22 -16.01
CA THR F 227 -53.34 15.75 -17.21
C THR F 227 -52.07 16.57 -17.39
N MET F 228 -50.95 15.89 -17.61
CA MET F 228 -49.71 16.59 -17.87
C MET F 228 -48.82 15.77 -18.80
N GLU F 229 -49.42 15.19 -19.85
CA GLU F 229 -48.61 14.57 -20.90
C GLU F 229 -47.87 15.62 -21.70
N SER F 230 -48.40 16.85 -21.75
CA SER F 230 -47.71 17.93 -22.46
C SER F 230 -46.41 18.32 -21.77
N TYR F 231 -46.25 18.02 -20.49
CA TYR F 231 -44.96 18.23 -19.85
C TYR F 231 -43.90 17.31 -20.45
N LEU F 232 -44.29 16.11 -20.87
CA LEU F 232 -43.35 15.19 -21.50
C LEU F 232 -43.11 15.56 -22.96
N SER F 233 -44.18 15.81 -23.72
CA SER F 233 -44.05 16.06 -25.14
C SER F 233 -43.51 17.46 -25.42
N GLU F 234 -43.98 18.48 -24.70
CA GLU F 234 -43.60 19.85 -24.97
C GLU F 234 -42.40 20.31 -24.13
N SER F 235 -42.49 20.15 -22.81
CA SER F 235 -41.45 20.69 -21.94
C SER F 235 -40.18 19.85 -22.00
N LEU F 236 -40.31 18.53 -21.99
CA LEU F 236 -39.17 17.63 -22.16
C LEU F 236 -38.89 17.35 -23.64
N MET F 237 -39.63 17.97 -24.55
CA MET F 237 -39.39 17.90 -25.98
C MET F 237 -39.46 16.47 -26.52
N LEU F 238 -40.32 15.63 -25.93
CA LEU F 238 -40.59 14.32 -26.49
C LEU F 238 -41.55 14.38 -27.67
N LYS F 239 -41.97 15.58 -28.08
CA LYS F 239 -42.76 15.72 -29.30
C LYS F 239 -42.01 15.22 -30.52
N GLU F 240 -40.67 15.34 -30.53
CA GLU F 240 -39.90 14.88 -31.66
C GLU F 240 -39.66 13.38 -31.61
N ASN F 241 -39.17 12.88 -30.48
CA ASN F 241 -38.91 11.44 -30.32
C ASN F 241 -40.16 10.82 -29.72
N ARG F 242 -41.07 10.40 -30.60
CA ARG F 242 -42.34 9.82 -30.22
C ARG F 242 -42.20 8.39 -29.72
N THR F 243 -41.21 7.66 -30.24
CA THR F 243 -41.00 6.29 -29.79
C THR F 243 -40.44 6.25 -28.36
N CYS F 244 -39.63 7.23 -27.98
CA CYS F 244 -39.13 7.29 -26.62
C CYS F 244 -40.20 7.79 -25.65
N LEU F 245 -41.09 8.66 -26.12
CA LEU F 245 -42.24 9.06 -25.31
C LEU F 245 -43.12 7.87 -24.99
N SER F 246 -43.25 6.93 -25.94
CA SER F 246 -44.07 5.75 -25.70
C SER F 246 -43.42 4.80 -24.70
N GLN F 247 -42.11 4.55 -24.86
CA GLN F 247 -41.40 3.69 -23.94
C GLN F 247 -41.47 4.21 -22.51
N LEU F 248 -41.27 5.52 -22.34
CA LEU F 248 -41.29 6.10 -21.00
C LEU F 248 -42.66 5.97 -20.36
N LEU F 249 -43.73 6.18 -21.15
CA LEU F 249 -45.07 5.98 -20.63
C LEU F 249 -45.31 4.53 -20.24
N ASP F 250 -44.73 3.59 -20.97
CA ASP F 250 -44.85 2.18 -20.61
C ASP F 250 -44.04 1.87 -19.36
N ILE F 251 -42.87 2.49 -19.21
CA ILE F 251 -42.06 2.29 -18.02
C ILE F 251 -42.83 2.73 -16.78
N MET F 252 -43.51 3.88 -16.87
CA MET F 252 -44.31 4.36 -15.75
C MET F 252 -45.54 3.47 -15.55
N LYS F 253 -46.11 2.96 -16.63
CA LYS F 253 -47.21 2.00 -16.51
C LYS F 253 -46.73 0.70 -15.90
N SER F 254 -45.57 0.21 -16.32
CA SER F 254 -45.01 -1.02 -15.76
C SER F 254 -44.71 -0.85 -14.27
N MET F 255 -44.18 0.31 -13.88
CA MET F 255 -43.85 0.54 -12.49
C MET F 255 -45.12 0.55 -11.63
N ARG F 256 -46.17 1.23 -12.10
CA ARG F 256 -47.44 1.21 -11.37
C ARG F 256 -48.02 -0.19 -11.30
N ASN F 257 -47.75 -1.02 -12.30
CA ASN F 257 -48.19 -2.41 -12.24
C ASN F 257 -47.42 -3.20 -11.19
N LEU F 258 -46.13 -2.87 -10.98
CA LEU F 258 -45.36 -3.52 -9.93
C LEU F 258 -45.98 -3.30 -8.57
N VAL F 259 -46.49 -2.09 -8.32
CA VAL F 259 -47.10 -1.78 -7.03
C VAL F 259 -48.48 -2.41 -6.91
N LYS F 260 -49.23 -2.50 -8.00
CA LYS F 260 -50.57 -3.07 -7.94
C LYS F 260 -50.54 -4.54 -7.56
N LYS F 261 -49.55 -5.30 -8.08
CA LYS F 261 -49.47 -6.72 -7.82
C LYS F 261 -48.46 -7.06 -6.72
N TYR F 262 -48.09 -6.08 -5.89
CA TYR F 262 -47.22 -6.36 -4.76
C TYR F 262 -48.00 -7.07 -3.66
N GLU F 263 -47.46 -8.16 -3.16
CA GLU F 263 -48.10 -8.94 -2.11
C GLU F 263 -47.38 -8.71 -0.80
N PRO F 264 -47.98 -8.04 0.19
CA PRO F 264 -47.33 -7.90 1.48
C PRO F 264 -47.24 -9.23 2.18
N PRO F 265 -46.18 -9.47 2.95
CA PRO F 265 -46.01 -10.78 3.59
C PRO F 265 -47.03 -10.99 4.71
N ARG F 266 -47.70 -12.13 4.67
CA ARG F 266 -48.69 -12.46 5.70
C ARG F 266 -47.96 -12.76 7.00
N SER F 267 -48.56 -12.33 8.12
CA SER F 267 -47.92 -12.54 9.41
C SER F 267 -47.84 -14.02 9.74
N GLU F 268 -48.85 -14.80 9.35
CA GLU F 268 -48.86 -16.23 9.64
C GLU F 268 -47.77 -16.96 8.88
N GLU F 269 -47.66 -16.71 7.58
CA GLU F 269 -46.65 -17.38 6.76
C GLU F 269 -45.24 -16.99 7.20
N VAL F 270 -45.04 -15.72 7.57
CA VAL F 270 -43.73 -15.29 8.04
C VAL F 270 -43.35 -16.05 9.30
N ALA F 271 -44.31 -16.22 10.22
CA ALA F 271 -44.03 -16.94 11.46
C ALA F 271 -43.57 -18.37 11.18
N VAL F 272 -44.24 -19.05 10.24
CA VAL F 272 -43.84 -20.40 9.88
C VAL F 272 -42.48 -20.41 9.19
N LEU F 273 -42.30 -19.51 8.22
CA LEU F 273 -41.08 -19.50 7.43
C LEU F 273 -39.88 -19.04 8.27
N LYS F 274 -40.10 -18.09 9.19
CA LYS F 274 -39.03 -17.70 10.10
C LYS F 274 -38.65 -18.85 11.00
N GLN F 275 -39.63 -19.66 11.40
CA GLN F 275 -39.35 -20.86 12.19
C GLN F 275 -38.56 -21.87 11.38
N LYS F 276 -38.95 -22.08 10.11
CA LYS F 276 -38.19 -22.99 9.25
C LYS F 276 -36.79 -22.47 8.99
N LEU F 277 -36.65 -21.16 8.75
CA LEU F 277 -35.34 -20.58 8.51
C LEU F 277 -34.42 -20.77 9.71
N GLU F 278 -34.96 -20.64 10.93
CA GLU F 278 -34.14 -20.76 12.12
C GLU F 278 -33.58 -22.16 12.30
N ARG F 279 -34.40 -23.18 12.04
CA ARG F 279 -33.89 -24.55 12.08
C ARG F 279 -32.84 -24.80 11.01
N CYS F 280 -32.99 -24.16 9.85
CA CYS F 280 -31.99 -24.32 8.79
C CYS F 280 -30.63 -23.78 9.22
N HIS F 281 -30.62 -22.67 9.96
CA HIS F 281 -29.35 -22.10 10.40
C HIS F 281 -28.73 -22.89 11.54
N SER F 282 -29.54 -23.28 12.52
CA SER F 282 -28.98 -24.02 13.66
C SER F 282 -28.35 -25.32 13.21
N ALA F 283 -28.89 -25.95 12.16
CA ALA F 283 -28.25 -27.07 11.50
C ALA F 283 -27.15 -26.48 10.60
N GLU F 284 -25.91 -26.47 11.09
CA GLU F 284 -24.79 -25.94 10.32
C GLU F 284 -24.55 -26.77 9.07
N LEU F 285 -25.43 -26.63 8.08
CA LEU F 285 -25.35 -27.42 6.86
C LEU F 285 -24.19 -27.03 5.96
N ALA F 286 -23.64 -25.82 6.12
CA ALA F 286 -22.56 -25.36 5.28
C ALA F 286 -21.32 -25.03 6.09
N LEU F 287 -20.82 -26.00 6.85
CA LEU F 287 -19.64 -25.80 7.66
C LEU F 287 -19.00 -27.13 8.04
N ALA G 17 0.33 20.15 -30.90
CA ALA G 17 1.36 21.02 -30.36
C ALA G 17 0.79 21.94 -29.29
N LEU G 18 -0.02 22.91 -29.72
CA LEU G 18 -0.63 23.85 -28.80
C LEU G 18 -1.98 23.33 -28.30
N TYR G 19 -2.43 23.90 -27.18
CA TYR G 19 -3.67 23.50 -26.54
C TYR G 19 -4.81 24.45 -26.92
N GLU G 20 -6.00 23.88 -27.05
CA GLU G 20 -7.23 24.65 -27.21
C GLU G 20 -8.33 23.95 -26.42
N TYR G 21 -9.18 24.74 -25.76
CA TYR G 21 -10.15 24.17 -24.84
C TYR G 21 -11.27 23.44 -25.59
N GLN G 22 -11.50 22.19 -25.22
CA GLN G 22 -12.61 21.39 -25.72
C GLN G 22 -13.53 21.03 -24.56
N PRO G 23 -14.82 21.34 -24.65
CA PRO G 23 -15.73 21.02 -23.54
C PRO G 23 -15.86 19.51 -23.36
N LEU G 24 -15.90 19.09 -22.10
CA LEU G 24 -16.09 17.67 -21.80
C LEU G 24 -17.53 17.28 -22.11
N GLN G 25 -17.72 16.30 -22.99
CA GLN G 25 -19.03 15.89 -23.49
C GLN G 25 -19.34 14.49 -22.99
N ILE G 26 -20.30 14.37 -22.08
CA ILE G 26 -20.71 13.09 -21.52
C ILE G 26 -22.22 12.92 -21.76
N GLU G 27 -22.59 11.76 -22.28
CA GLU G 27 -23.99 11.47 -22.55
C GLU G 27 -24.76 11.24 -21.26
N THR G 28 -25.85 11.99 -21.07
CA THR G 28 -26.67 11.85 -19.88
C THR G 28 -27.87 10.94 -20.07
N TYR G 29 -28.23 10.63 -21.31
CA TYR G 29 -29.39 9.78 -21.63
C TYR G 29 -30.67 10.37 -21.07
N GLY G 30 -30.78 11.70 -21.10
CA GLY G 30 -31.94 12.40 -20.60
C GLY G 30 -32.06 13.78 -21.20
N PRO G 31 -33.11 14.51 -20.83
CA PRO G 31 -33.34 15.84 -21.41
C PRO G 31 -32.21 16.81 -21.08
N HIS G 32 -32.19 17.91 -21.83
CA HIS G 32 -31.11 18.90 -21.73
C HIS G 32 -31.22 19.68 -20.42
N VAL G 33 -30.17 19.65 -19.63
CA VAL G 33 -30.11 20.47 -18.42
C VAL G 33 -29.80 21.91 -18.81
N PRO G 34 -30.57 22.89 -18.35
CA PRO G 34 -30.32 24.29 -18.73
C PRO G 34 -28.93 24.74 -18.28
N GLU G 35 -28.36 25.65 -19.07
CA GLU G 35 -27.07 26.22 -18.74
C GLU G 35 -27.15 26.98 -17.41
N LEU G 36 -25.99 27.20 -16.79
CA LEU G 36 -25.95 27.81 -15.47
C LEU G 36 -26.58 29.20 -15.48
N GLU G 37 -26.34 29.99 -16.53
CA GLU G 37 -26.92 31.33 -16.59
C GLU G 37 -28.41 31.29 -16.87
N MET G 38 -28.91 30.21 -17.48
CA MET G 38 -30.35 30.08 -17.69
C MET G 38 -31.08 29.93 -16.37
N LEU G 39 -30.41 29.35 -15.36
CA LEU G 39 -31.03 29.16 -14.04
C LEU G 39 -31.49 30.49 -13.45
N GLY G 40 -30.71 31.54 -13.65
CA GLY G 40 -31.05 32.84 -13.10
C GLY G 40 -32.15 33.55 -13.86
N ARG G 41 -31.96 33.74 -15.16
CA ARG G 41 -32.87 34.59 -15.92
C ARG G 41 -34.22 33.93 -16.20
N LEU G 42 -34.28 32.60 -16.21
CA LEU G 42 -35.54 31.90 -16.42
C LEU G 42 -36.32 31.66 -15.14
N GLY G 43 -35.73 32.00 -13.99
CA GLY G 43 -36.43 31.87 -12.72
C GLY G 43 -36.33 30.53 -12.06
N TYR G 44 -35.40 29.66 -12.50
CA TYR G 44 -35.19 28.39 -11.81
C TYR G 44 -34.87 28.61 -10.34
N LEU G 45 -34.08 29.64 -10.03
CA LEU G 45 -33.63 29.89 -8.68
C LEU G 45 -34.74 30.40 -7.76
N ASN G 46 -35.90 30.77 -8.30
CA ASN G 46 -37.02 31.19 -7.47
C ASN G 46 -37.57 30.05 -6.64
N HIS G 47 -37.24 28.80 -6.97
CA HIS G 47 -37.84 27.63 -6.33
C HIS G 47 -36.82 26.80 -5.56
N VAL G 48 -35.71 27.40 -5.15
CA VAL G 48 -34.75 26.78 -4.26
C VAL G 48 -34.53 27.72 -3.07
N ARG G 49 -34.24 27.14 -1.91
CA ARG G 49 -33.96 27.94 -0.73
C ARG G 49 -32.83 28.93 -1.00
N ALA G 50 -33.06 30.19 -0.62
CA ALA G 50 -32.04 31.21 -0.81
C ALA G 50 -30.87 30.96 0.14
N ALA G 51 -29.66 31.18 -0.35
CA ALA G 51 -28.46 30.91 0.43
C ALA G 51 -28.27 31.98 1.50
N SER G 52 -28.04 31.55 2.74
CA SER G 52 -27.79 32.47 3.81
C SER G 52 -26.45 33.17 3.61
N PRO G 53 -26.25 34.34 4.19
CA PRO G 53 -24.95 35.02 4.04
C PRO G 53 -23.77 34.18 4.51
N GLN G 54 -23.98 33.30 5.50
CA GLN G 54 -22.91 32.41 5.92
C GLN G 54 -22.59 31.37 4.85
N ASP G 55 -23.59 30.95 4.06
CA ASP G 55 -23.33 30.02 2.97
C ASP G 55 -22.59 30.73 1.84
N LEU G 56 -23.07 31.90 1.43
CA LEU G 56 -22.37 32.70 0.42
C LEU G 56 -20.96 33.03 0.84
N ALA G 57 -20.70 33.13 2.15
CA ALA G 57 -19.36 33.44 2.62
C ALA G 57 -18.39 32.34 2.25
N GLY G 58 -18.86 31.09 2.21
CA GLY G 58 -18.12 29.99 1.65
C GLY G 58 -18.42 29.90 0.17
N GLY G 59 -18.15 28.75 -0.41
CA GLY G 59 -18.44 28.65 -1.82
C GLY G 59 -19.87 28.31 -2.18
N TYR G 60 -20.73 28.06 -1.20
CA TYR G 60 -22.05 27.49 -1.47
C TYR G 60 -23.07 28.55 -1.89
N THR G 61 -23.74 28.28 -3.02
CA THR G 61 -24.78 29.15 -3.56
C THR G 61 -26.02 28.31 -3.85
N SER G 62 -27.15 29.00 -4.03
CA SER G 62 -28.39 28.29 -4.34
C SER G 62 -28.38 27.70 -5.74
N SER G 63 -27.58 28.27 -6.65
CA SER G 63 -27.48 27.71 -7.99
C SER G 63 -26.82 26.33 -7.97
N LEU G 64 -25.98 26.07 -6.97
CA LEU G 64 -25.42 24.73 -6.82
C LEU G 64 -26.52 23.72 -6.48
N ALA G 65 -27.37 24.06 -5.49
CA ALA G 65 -28.46 23.16 -5.13
C ALA G 65 -29.44 22.98 -6.27
N CYS G 66 -29.76 24.07 -6.97
CA CYS G 66 -30.71 23.99 -8.08
C CYS G 66 -30.16 23.14 -9.21
N HIS G 67 -28.89 23.33 -9.56
CA HIS G 67 -28.32 22.64 -10.72
C HIS G 67 -28.20 21.14 -10.48
N ARG G 68 -27.71 20.74 -9.31
CA ARG G 68 -27.53 19.31 -9.05
C ARG G 68 -28.86 18.59 -9.01
N ALA G 69 -29.88 19.19 -8.42
CA ALA G 69 -31.21 18.59 -8.42
C ALA G 69 -31.73 18.47 -9.85
N LEU G 70 -31.48 19.48 -10.70
CA LEU G 70 -31.88 19.41 -12.09
C LEU G 70 -31.13 18.31 -12.84
N GLN G 71 -29.83 18.17 -12.57
CA GLN G 71 -29.03 17.15 -13.27
C GLN G 71 -29.45 15.75 -12.86
N ASP G 72 -29.68 15.51 -11.56
CA ASP G 72 -30.12 14.20 -11.12
C ASP G 72 -31.51 13.86 -11.65
N ALA G 73 -32.36 14.88 -11.84
CA ALA G 73 -33.72 14.62 -12.32
C ALA G 73 -33.72 14.18 -13.79
N PHE G 74 -32.82 14.72 -14.59
CA PHE G 74 -32.77 14.40 -16.01
C PHE G 74 -31.81 13.25 -16.33
N SER G 75 -30.91 12.91 -15.41
CA SER G 75 -29.94 11.85 -15.66
C SER G 75 -30.64 10.51 -15.85
N GLY G 76 -30.42 9.89 -17.00
CA GLY G 76 -30.95 8.56 -17.24
C GLY G 76 -32.44 8.47 -17.47
N LEU G 77 -33.13 9.60 -17.66
CA LEU G 77 -34.57 9.58 -17.86
C LEU G 77 -34.96 8.71 -19.05
N PHE G 78 -34.16 8.72 -20.10
CA PHE G 78 -34.48 8.03 -21.35
C PHE G 78 -33.71 6.74 -21.54
N TRP G 79 -33.04 6.24 -20.49
CA TRP G 79 -32.21 5.06 -20.60
C TRP G 79 -33.05 3.81 -20.38
N GLN G 80 -32.82 2.80 -21.21
CA GLN G 80 -33.51 1.52 -21.13
C GLN G 80 -32.54 0.47 -20.63
N PRO G 81 -32.90 -0.27 -19.58
CA PRO G 81 -31.95 -1.16 -18.91
C PRO G 81 -31.20 -2.07 -19.88
N SER G 82 -29.92 -2.27 -19.57
CA SER G 82 -28.95 -2.96 -20.43
C SER G 82 -29.52 -4.15 -21.20
N GLN H 1 -3.22 59.42 -8.08
CA GLN H 1 -4.21 58.84 -7.19
C GLN H 1 -5.17 57.91 -7.95
N VAL H 2 -5.50 56.78 -7.33
CA VAL H 2 -6.46 55.86 -7.91
C VAL H 2 -7.84 56.50 -7.93
N GLN H 3 -8.62 56.21 -8.97
CA GLN H 3 -9.95 56.78 -9.10
C GLN H 3 -10.77 55.95 -10.08
N LEU H 4 -12.00 55.62 -9.68
CA LEU H 4 -12.95 54.90 -10.52
C LEU H 4 -14.21 55.76 -10.63
N VAL H 5 -14.59 56.09 -11.86
CA VAL H 5 -15.68 57.04 -12.11
C VAL H 5 -16.78 56.28 -12.85
N GLU H 6 -17.85 55.95 -12.13
CA GLU H 6 -18.99 55.27 -12.72
C GLU H 6 -19.91 56.27 -13.43
N SER H 7 -20.66 55.76 -14.40
CA SER H 7 -21.65 56.55 -15.12
C SER H 7 -22.61 55.60 -15.80
N GLY H 8 -23.72 56.16 -16.28
CA GLY H 8 -24.71 55.40 -17.02
C GLY H 8 -25.95 55.02 -16.25
N GLY H 9 -26.02 55.33 -14.95
CA GLY H 9 -27.18 54.98 -14.15
C GLY H 9 -28.36 55.90 -14.43
N GLY H 10 -29.53 55.48 -13.96
CA GLY H 10 -30.73 56.26 -14.14
C GLY H 10 -31.97 55.48 -13.78
N LEU H 11 -33.11 56.05 -14.12
CA LEU H 11 -34.41 55.43 -13.86
C LEU H 11 -34.82 54.59 -15.06
N VAL H 12 -35.15 53.33 -14.79
CA VAL H 12 -35.54 52.38 -15.82
C VAL H 12 -36.79 51.65 -15.38
N GLN H 13 -37.60 51.22 -16.36
CA GLN H 13 -38.81 50.45 -16.10
C GLN H 13 -38.51 48.97 -15.97
N PRO H 14 -39.37 48.24 -15.27
CA PRO H 14 -39.20 46.78 -15.17
C PRO H 14 -39.10 46.14 -16.54
N GLY H 15 -38.08 45.31 -16.72
CA GLY H 15 -37.80 44.68 -17.99
C GLY H 15 -36.90 45.49 -18.90
N GLY H 16 -36.59 46.73 -18.54
CA GLY H 16 -35.77 47.59 -19.36
C GLY H 16 -34.30 47.20 -19.31
N SER H 17 -33.49 48.05 -19.93
CA SER H 17 -32.06 47.80 -20.06
C SER H 17 -31.28 49.04 -19.65
N LEU H 18 -30.06 48.81 -19.17
CA LEU H 18 -29.17 49.88 -18.76
C LEU H 18 -27.74 49.39 -18.93
N ARG H 19 -26.86 50.28 -19.39
CA ARG H 19 -25.46 49.96 -19.55
C ARG H 19 -24.64 50.91 -18.68
N LEU H 20 -23.84 50.36 -17.79
CA LEU H 20 -22.99 51.13 -16.90
C LEU H 20 -21.57 51.20 -17.46
N SER H 21 -20.90 52.32 -17.18
CA SER H 21 -19.51 52.52 -17.55
C SER H 21 -18.70 52.92 -16.33
N CYS H 22 -17.40 52.64 -16.37
CA CYS H 22 -16.49 53.00 -15.29
C CYS H 22 -15.12 53.27 -15.88
N VAL H 23 -14.66 54.51 -15.82
CA VAL H 23 -13.34 54.89 -16.33
C VAL H 23 -12.35 54.84 -15.18
N ALA H 24 -11.32 54.01 -15.32
CA ALA H 24 -10.30 53.84 -14.30
C ALA H 24 -9.07 54.69 -14.61
N SER H 25 -8.44 55.21 -13.57
CA SER H 25 -7.24 56.04 -13.72
C SER H 25 -6.45 55.98 -12.42
N GLY H 26 -5.15 56.24 -12.52
CA GLY H 26 -4.26 56.20 -11.39
C GLY H 26 -3.59 54.86 -11.15
N PHE H 27 -4.00 53.81 -11.87
CA PHE H 27 -3.38 52.50 -11.74
C PHE H 27 -3.43 51.82 -13.09
N THR H 28 -2.74 50.68 -13.20
CA THR H 28 -2.65 49.92 -14.45
C THR H 28 -3.89 49.03 -14.55
N PHE H 29 -4.93 49.57 -15.19
CA PHE H 29 -6.23 48.91 -15.26
C PHE H 29 -6.14 47.51 -15.85
N LYS H 30 -5.26 47.33 -16.85
CA LYS H 30 -5.18 46.06 -17.57
C LYS H 30 -4.67 44.91 -16.71
N ASN H 31 -3.93 45.19 -15.63
CA ASN H 31 -3.26 44.15 -14.86
C ASN H 31 -4.07 43.64 -13.67
N PHE H 32 -5.33 44.06 -13.53
CA PHE H 32 -6.09 43.75 -12.32
C PHE H 32 -7.46 43.19 -12.67
N TYR H 33 -7.91 42.24 -11.86
CA TYR H 33 -9.31 41.80 -11.90
C TYR H 33 -10.21 42.95 -11.47
N MET H 34 -11.22 43.23 -12.29
CA MET H 34 -12.18 44.30 -12.00
C MET H 34 -13.56 43.70 -11.80
N GLY H 35 -14.42 44.46 -11.13
CA GLY H 35 -15.75 43.95 -10.85
C GLY H 35 -16.73 45.06 -10.52
N TRP H 36 -17.99 44.66 -10.41
CA TRP H 36 -19.08 45.54 -10.02
C TRP H 36 -19.68 45.06 -8.70
N VAL H 37 -19.99 46.00 -7.82
CA VAL H 37 -20.65 45.72 -6.54
C VAL H 37 -21.80 46.71 -6.40
N ARG H 38 -22.82 46.32 -5.65
CA ARG H 38 -23.98 47.17 -5.47
C ARG H 38 -24.44 47.13 -4.02
N GLN H 39 -25.06 48.23 -3.59
CA GLN H 39 -25.58 48.35 -2.23
C GLN H 39 -26.96 48.98 -2.29
N ALA H 40 -27.96 48.25 -1.86
CA ALA H 40 -29.29 48.80 -1.72
C ALA H 40 -29.47 49.38 -0.31
N PRO H 41 -30.37 50.35 -0.13
CA PRO H 41 -30.54 50.93 1.20
C PRO H 41 -31.07 49.90 2.18
N ASP H 42 -30.61 50.00 3.43
CA ASP H 42 -30.93 49.03 4.48
C ASP H 42 -30.51 47.62 4.09
N LYS H 43 -29.47 47.51 3.26
CA LYS H 43 -28.94 46.23 2.84
C LYS H 43 -27.44 46.36 2.65
N GLY H 44 -26.72 45.28 2.93
CA GLY H 44 -25.28 45.27 2.86
C GLY H 44 -24.77 45.20 1.42
N LEU H 45 -23.44 45.26 1.31
CA LEU H 45 -22.82 45.16 -0.01
C LEU H 45 -23.10 43.81 -0.64
N GLU H 46 -23.34 43.81 -1.94
CA GLU H 46 -23.68 42.61 -2.69
C GLU H 46 -22.81 42.53 -3.93
N TRP H 47 -21.99 41.48 -4.02
CA TRP H 47 -21.19 41.26 -5.22
C TRP H 47 -22.09 41.00 -6.42
N VAL H 48 -21.70 41.57 -7.57
CA VAL H 48 -22.48 41.47 -8.81
C VAL H 48 -21.73 40.66 -9.86
N ALA H 49 -20.54 41.09 -10.25
CA ALA H 49 -19.82 40.43 -11.34
C ALA H 49 -18.35 40.77 -11.25
N THR H 50 -17.52 39.87 -11.78
CA THR H 50 -16.08 40.03 -11.83
C THR H 50 -15.56 39.53 -13.17
N ILE H 51 -14.53 40.20 -13.70
CA ILE H 51 -13.88 39.82 -14.94
C ILE H 51 -12.37 39.84 -14.72
N ASN H 52 -11.68 38.92 -15.38
CA ASN H 52 -10.24 38.82 -15.18
C ASN H 52 -9.53 39.97 -15.90
N SER H 53 -8.20 40.00 -15.74
CA SER H 53 -7.39 41.04 -16.39
C SER H 53 -7.51 40.96 -17.91
N GLY H 54 -7.32 39.76 -18.47
CA GLY H 54 -7.41 39.58 -19.91
C GLY H 54 -8.81 39.69 -20.46
N GLY H 55 -9.83 39.45 -19.63
CA GLY H 55 -11.21 39.64 -20.03
C GLY H 55 -11.93 38.42 -20.57
N GLU H 56 -11.26 37.27 -20.67
CA GLU H 56 -11.85 36.11 -21.33
C GLU H 56 -12.74 35.27 -20.41
N ILE H 57 -12.78 35.55 -19.11
CA ILE H 57 -13.66 34.82 -18.19
C ILE H 57 -14.40 35.81 -17.32
N GLN H 58 -15.64 35.48 -16.98
CA GLN H 58 -16.48 36.32 -16.15
C GLN H 58 -17.28 35.45 -15.18
N SER H 59 -17.56 36.02 -14.01
CA SER H 59 -18.36 35.36 -12.98
C SER H 59 -19.45 36.30 -12.52
N TYR H 60 -20.64 35.75 -12.25
CA TYR H 60 -21.80 36.55 -11.90
C TYR H 60 -22.45 35.98 -10.65
N ALA H 61 -23.10 36.87 -9.90
CA ALA H 61 -23.91 36.45 -8.76
C ALA H 61 -25.18 35.76 -9.25
N ASP H 62 -25.75 34.93 -8.38
CA ASP H 62 -26.97 34.20 -8.73
C ASP H 62 -28.12 35.15 -9.05
N SER H 63 -28.16 36.32 -8.39
CA SER H 63 -29.28 37.25 -8.57
C SER H 63 -29.27 37.91 -9.94
N VAL H 64 -28.12 37.97 -10.62
CA VAL H 64 -27.99 38.62 -11.91
C VAL H 64 -27.61 37.65 -13.01
N LYS H 65 -27.56 36.36 -12.70
CA LYS H 65 -27.11 35.36 -13.67
C LYS H 65 -28.06 35.30 -14.86
N GLY H 66 -27.49 35.39 -16.06
CA GLY H 66 -28.26 35.36 -17.28
C GLY H 66 -28.84 36.70 -17.72
N ARG H 67 -28.79 37.72 -16.86
CA ARG H 67 -29.33 39.03 -17.21
C ARG H 67 -28.26 40.10 -17.39
N PHE H 68 -27.18 40.05 -16.61
CA PHE H 68 -26.13 41.06 -16.69
C PHE H 68 -24.93 40.51 -17.46
N THR H 69 -24.13 41.43 -18.00
CA THR H 69 -22.94 41.08 -18.77
C THR H 69 -21.85 42.10 -18.48
N ILE H 70 -20.75 41.65 -17.87
CA ILE H 70 -19.61 42.49 -17.56
C ILE H 70 -18.56 42.34 -18.65
N SER H 71 -17.94 43.46 -19.04
CA SER H 71 -16.91 43.46 -20.05
C SER H 71 -15.95 44.61 -19.76
N ARG H 72 -14.83 44.61 -20.47
CA ARG H 72 -13.82 45.63 -20.23
C ARG H 72 -13.10 45.96 -21.53
N ASP H 73 -12.61 47.19 -21.61
CA ASP H 73 -11.77 47.65 -22.72
C ASP H 73 -10.48 48.14 -22.08
N ASN H 74 -9.45 47.29 -22.08
CA ASN H 74 -8.19 47.65 -21.42
C ASN H 74 -7.50 48.80 -22.13
N ALA H 75 -7.74 48.99 -23.42
CA ALA H 75 -7.15 50.11 -24.13
C ALA H 75 -7.75 51.43 -23.68
N LYS H 76 -9.05 51.44 -23.40
CA LYS H 76 -9.73 52.64 -22.94
C LYS H 76 -9.83 52.72 -21.42
N ASN H 77 -9.32 51.71 -20.69
CA ASN H 77 -9.36 51.69 -19.23
C ASN H 77 -10.79 51.88 -18.71
N THR H 78 -11.74 51.21 -19.36
CA THR H 78 -13.14 51.30 -18.99
C THR H 78 -13.71 49.92 -18.67
N LEU H 79 -14.62 49.89 -17.71
CA LEU H 79 -15.35 48.69 -17.33
C LEU H 79 -16.83 48.89 -17.62
N TYR H 80 -17.49 47.86 -18.11
CA TYR H 80 -18.89 47.94 -18.51
C TYR H 80 -19.73 46.92 -17.75
N LEU H 81 -21.01 47.25 -17.60
CA LEU H 81 -21.99 46.32 -17.03
C LEU H 81 -23.29 46.48 -17.83
N GLN H 82 -23.52 45.58 -18.77
CA GLN H 82 -24.78 45.56 -19.51
C GLN H 82 -25.83 44.87 -18.66
N MET H 83 -26.95 45.55 -18.41
CA MET H 83 -28.00 45.06 -17.55
C MET H 83 -29.29 44.95 -18.35
N ASN H 84 -29.79 43.73 -18.52
CA ASN H 84 -31.01 43.46 -19.26
C ASN H 84 -32.04 42.83 -18.33
N ASN H 85 -33.31 42.99 -18.70
CA ASN H 85 -34.45 42.53 -17.91
C ASN H 85 -34.30 42.95 -16.45
N LEU H 86 -34.21 44.26 -16.26
CA LEU H 86 -34.02 44.82 -14.92
C LEU H 86 -35.29 44.66 -14.10
N ARG H 87 -35.13 44.20 -12.87
CA ARG H 87 -36.22 44.00 -11.92
C ARG H 87 -36.16 45.06 -10.83
N PRO H 88 -37.29 45.30 -10.15
CA PRO H 88 -37.27 46.28 -9.05
C PRO H 88 -36.26 45.97 -7.96
N GLU H 89 -35.96 44.69 -7.73
CA GLU H 89 -34.98 44.32 -6.71
C GLU H 89 -33.55 44.63 -7.14
N ASP H 90 -33.33 45.03 -8.39
CA ASP H 90 -32.01 45.46 -8.83
C ASP H 90 -31.71 46.90 -8.47
N THR H 91 -32.67 47.63 -7.90
CA THR H 91 -32.45 49.01 -7.49
C THR H 91 -31.40 49.07 -6.39
N ALA H 92 -30.34 49.82 -6.63
CA ALA H 92 -29.23 49.98 -5.70
C ALA H 92 -28.25 50.98 -6.30
N VAL H 93 -27.28 51.40 -5.48
CA VAL H 93 -26.13 52.13 -5.98
C VAL H 93 -25.10 51.11 -6.46
N TYR H 94 -24.57 51.34 -7.66
CA TYR H 94 -23.64 50.40 -8.28
C TYR H 94 -22.24 50.98 -8.27
N TYR H 95 -21.29 50.21 -7.74
CA TYR H 95 -19.92 50.65 -7.55
C TYR H 95 -18.97 49.85 -8.42
N CYS H 96 -18.07 50.56 -9.09
CA CYS H 96 -16.95 49.95 -9.80
C CYS H 96 -15.87 49.60 -8.78
N SER H 97 -15.33 48.38 -8.87
CA SER H 97 -14.47 47.88 -7.82
C SER H 97 -13.22 47.22 -8.39
N LYS H 98 -12.08 47.48 -7.76
CA LYS H 98 -10.82 46.80 -8.05
C LYS H 98 -10.76 45.55 -7.19
N GLN H 99 -10.96 44.38 -7.80
CA GLN H 99 -11.20 43.14 -7.09
C GLN H 99 -9.92 42.37 -6.75
N SER H 100 -8.74 42.93 -7.02
CA SER H 100 -7.50 42.25 -6.69
C SER H 100 -6.47 43.25 -6.16
N SER H 101 -5.63 42.77 -5.25
CA SER H 101 -4.52 43.53 -4.65
C SER H 101 -5.12 44.69 -3.84
N THR H 102 -4.48 45.84 -3.81
CA THR H 102 -4.97 46.98 -3.04
C THR H 102 -6.37 47.38 -3.49
N PRO H 103 -7.35 47.43 -2.60
CA PRO H 103 -8.73 47.65 -3.03
C PRO H 103 -9.01 49.09 -3.42
N ALA H 104 -9.95 49.25 -4.33
CA ALA H 104 -10.41 50.56 -4.78
C ALA H 104 -11.87 50.44 -5.19
N LYS H 105 -12.64 51.48 -4.87
CA LYS H 105 -14.05 51.51 -5.21
C LYS H 105 -14.43 52.96 -5.51
N GLY H 106 -15.30 53.14 -6.50
CA GLY H 106 -15.73 54.46 -6.91
C GLY H 106 -16.78 55.04 -5.98
N GLN H 107 -17.43 56.10 -6.48
CA GLN H 107 -18.45 56.80 -5.70
C GLN H 107 -19.84 56.21 -5.91
N GLY H 108 -20.09 55.60 -7.06
CA GLY H 108 -21.33 54.90 -7.28
C GLY H 108 -22.25 55.66 -8.20
N THR H 109 -23.04 54.91 -8.97
CA THR H 109 -24.10 55.46 -9.80
C THR H 109 -25.41 54.79 -9.41
N GLN H 110 -26.48 55.58 -9.32
CA GLN H 110 -27.76 55.10 -8.81
C GLN H 110 -28.58 54.50 -9.95
N VAL H 111 -28.98 53.24 -9.79
CA VAL H 111 -29.89 52.57 -10.73
C VAL H 111 -31.19 52.33 -9.99
N THR H 112 -32.30 52.83 -10.57
CA THR H 112 -33.62 52.71 -9.96
C THR H 112 -34.55 52.05 -10.96
N VAL H 113 -35.15 50.93 -10.56
CA VAL H 113 -36.09 50.19 -11.40
C VAL H 113 -37.47 50.32 -10.76
N SER H 114 -38.40 50.92 -11.49
CA SER H 114 -39.74 51.16 -10.98
C SER H 114 -40.67 49.99 -11.29
#